data_7HMK
# 
_entry.id   7HMK 
# 
_audit_conform.dict_name       mmcif_pdbx.dic 
_audit_conform.dict_version    5.399 
_audit_conform.dict_location   http://mmcif.pdb.org/dictionaries/ascii/mmcif_pdbx.dic 
# 
loop_
_database_2.database_id 
_database_2.database_code 
_database_2.pdbx_database_accession 
_database_2.pdbx_DOI 
PDB   7HMK         pdb_00007hmk 10.2210/pdb7hmk/pdb 
WWPDB D_1001407662 ?            ?                   
# 
_pdbx_audit_revision_history.ordinal             1 
_pdbx_audit_revision_history.data_content_type   'Structure model' 
_pdbx_audit_revision_history.major_revision      1 
_pdbx_audit_revision_history.minor_revision      0 
_pdbx_audit_revision_history.revision_date       2024-11-27 
# 
_pdbx_audit_revision_details.ordinal             1 
_pdbx_audit_revision_details.revision_ordinal    1 
_pdbx_audit_revision_details.data_content_type   'Structure model' 
_pdbx_audit_revision_details.provider            repository 
_pdbx_audit_revision_details.type                'Initial release' 
_pdbx_audit_revision_details.description         ? 
_pdbx_audit_revision_details.details             ? 
# 
_pdbx_database_status.entry_id                        7HMK 
_pdbx_database_status.status_code                     REL 
_pdbx_database_status.status_code_sf                  REL 
_pdbx_database_status.status_code_mr                  ? 
_pdbx_database_status.status_code_cs                  ? 
_pdbx_database_status.recvd_initial_deposition_date   2024-11-04 
_pdbx_database_status.status_code_nmr_data            ? 
_pdbx_database_status.deposit_site                    RCSB 
_pdbx_database_status.process_site                    RCSB 
_pdbx_database_status.SG_entry                        ? 
_pdbx_database_status.pdb_format_compatible           Y 
_pdbx_database_status.methods_development_category    ? 
# 
_pdbx_contact_author.id                 1 
_pdbx_contact_author.email              knapp@pharmchem.uni-frankfurt.de 
_pdbx_contact_author.name_first         Stefan 
_pdbx_contact_author.name_last          Knapp 
_pdbx_contact_author.role               'principal investigator/group leader' 
_pdbx_contact_author.identifier_ORCID   0000-0001-5995-6494 
_pdbx_contact_author.name_mi            ? 
# 
loop_
_audit_author.name 
_audit_author.pdbx_ordinal 
'Kim, Y.'                              1 
'Marples, P.'                          2 
'Fearon, D.'                           3 
'von Delft, F.'                        4 
'Knapp, S.'                            5 
'Kraemer, A.'                          6 
'Structural Genomics Consortium (SGC)' 7 
# 
_citation.id                        primary 
_citation.title                     'PanDDA analysis group deposition' 
_citation.journal_abbrev            'To Be Published' 
_citation.journal_volume            ? 
_citation.page_first                ? 
_citation.page_last                 ? 
_citation.year                      ? 
_citation.journal_id_ASTM           ? 
_citation.country                   ? 
_citation.journal_id_ISSN           ? 
_citation.journal_id_CSD            0353 
_citation.book_publisher            ? 
_citation.pdbx_database_id_PubMed   ? 
_citation.pdbx_database_id_DOI      ? 
# 
loop_
_citation_author.citation_id 
_citation_author.name 
_citation_author.identifier_ORCID 
_citation_author.ordinal 
primary 'Kim, Y.'                              ? 1 
primary 'Marples, P.'                          ? 2 
primary 'Fearon, D.'                           ? 3 
primary 'von Delft, F.'                        ? 4 
primary 'Knapp, S.'                            ? 5 
primary 'Kraemer, A.'                          ? 6 
primary 'Structural Genomics Consortium (SGC)' ? 7 
# 
loop_
_entity.id 
_entity.type 
_entity.src_method 
_entity.pdbx_description 
_entity.formula_weight 
_entity.pdbx_number_of_molecules 
_entity.pdbx_ec 
_entity.pdbx_mutation 
_entity.pdbx_fragment 
_entity.details 
1 polymer     man 'E3 ubiquitin-protein ligase TRIM21'         21596.361 1   2.3.2.27 ? ? ? 
2 non-polymer syn 1,2-ETHANEDIOL                               62.068    2   ?        ? ? ? 
3 non-polymer syn '4-amino-N-(pyridin-2-yl)benzenesulfonamide' 249.289   1   ?        ? ? ? 
4 non-polymer syn 'SULFATE ION'                                96.063    1   ?        ? ? ? 
5 water       nat water                                        18.015    143 ?        ? ? ? 
# 
_entity_name_com.entity_id   1 
_entity_name_com.name        
;52 kDa Ro protein,52 kDa ribonucleoprotein autoantigen Ro/SS-A,Ro(SS-A),Sjoegren syndrome type A antigen,SS-A,Tripartite motif-containing protein 21
;
# 
_entity_poly.entity_id                      1 
_entity_poly.type                           'polypeptide(L)' 
_entity_poly.nstd_linkage                   no 
_entity_poly.nstd_monomer                   no 
_entity_poly.pdbx_seq_one_letter_code       
;MHHHHHHMVHITLDRNTANSWLIISKDRRQVRMGDTHQNVSDNKERFSNYPMVLGAQRFSSGKMYWEVDVTQKEAWDLGV
CRDSVQRKGQFSLSPENGFWTIWLWQDSYEAGTSPQTTLHIQVPPCQIGIFVDYEAGVVSFYNITDHGSLIYTFSECVFA
GPLRPFFNVGFNYSGGNAAPLKLCPLKM
;
_entity_poly.pdbx_seq_one_letter_code_can   
;MHHHHHHMVHITLDRNTANSWLIISKDRRQVRMGDTHQNVSDNKERFSNYPMVLGAQRFSSGKMYWEVDVTQKEAWDLGV
CRDSVQRKGQFSLSPENGFWTIWLWQDSYEAGTSPQTTLHIQVPPCQIGIFVDYEAGVVSFYNITDHGSLIYTFSECVFA
GPLRPFFNVGFNYSGGNAAPLKLCPLKM
;
_entity_poly.pdbx_strand_id                 B 
_entity_poly.pdbx_target_identifier         ? 
# 
loop_
_pdbx_entity_nonpoly.entity_id 
_pdbx_entity_nonpoly.name 
_pdbx_entity_nonpoly.comp_id 
2 1,2-ETHANEDIOL                               EDO 
3 '4-amino-N-(pyridin-2-yl)benzenesulfonamide' SFY 
4 'SULFATE ION'                                SO4 
5 water                                        HOH 
# 
loop_
_entity_poly_seq.entity_id 
_entity_poly_seq.num 
_entity_poly_seq.mon_id 
_entity_poly_seq.hetero 
1 1   MET n 
1 2   HIS n 
1 3   HIS n 
1 4   HIS n 
1 5   HIS n 
1 6   HIS n 
1 7   HIS n 
1 8   MET n 
1 9   VAL n 
1 10  HIS n 
1 11  ILE n 
1 12  THR n 
1 13  LEU n 
1 14  ASP n 
1 15  ARG n 
1 16  ASN n 
1 17  THR n 
1 18  ALA n 
1 19  ASN n 
1 20  SER n 
1 21  TRP n 
1 22  LEU n 
1 23  ILE n 
1 24  ILE n 
1 25  SER n 
1 26  LYS n 
1 27  ASP n 
1 28  ARG n 
1 29  ARG n 
1 30  GLN n 
1 31  VAL n 
1 32  ARG n 
1 33  MET n 
1 34  GLY n 
1 35  ASP n 
1 36  THR n 
1 37  HIS n 
1 38  GLN n 
1 39  ASN n 
1 40  VAL n 
1 41  SER n 
1 42  ASP n 
1 43  ASN n 
1 44  LYS n 
1 45  GLU n 
1 46  ARG n 
1 47  PHE n 
1 48  SER n 
1 49  ASN n 
1 50  TYR n 
1 51  PRO n 
1 52  MET n 
1 53  VAL n 
1 54  LEU n 
1 55  GLY n 
1 56  ALA n 
1 57  GLN n 
1 58  ARG n 
1 59  PHE n 
1 60  SER n 
1 61  SER n 
1 62  GLY n 
1 63  LYS n 
1 64  MET n 
1 65  TYR n 
1 66  TRP n 
1 67  GLU n 
1 68  VAL n 
1 69  ASP n 
1 70  VAL n 
1 71  THR n 
1 72  GLN n 
1 73  LYS n 
1 74  GLU n 
1 75  ALA n 
1 76  TRP n 
1 77  ASP n 
1 78  LEU n 
1 79  GLY n 
1 80  VAL n 
1 81  CYS n 
1 82  ARG n 
1 83  ASP n 
1 84  SER n 
1 85  VAL n 
1 86  GLN n 
1 87  ARG n 
1 88  LYS n 
1 89  GLY n 
1 90  GLN n 
1 91  PHE n 
1 92  SER n 
1 93  LEU n 
1 94  SER n 
1 95  PRO n 
1 96  GLU n 
1 97  ASN n 
1 98  GLY n 
1 99  PHE n 
1 100 TRP n 
1 101 THR n 
1 102 ILE n 
1 103 TRP n 
1 104 LEU n 
1 105 TRP n 
1 106 GLN n 
1 107 ASP n 
1 108 SER n 
1 109 TYR n 
1 110 GLU n 
1 111 ALA n 
1 112 GLY n 
1 113 THR n 
1 114 SER n 
1 115 PRO n 
1 116 GLN n 
1 117 THR n 
1 118 THR n 
1 119 LEU n 
1 120 HIS n 
1 121 ILE n 
1 122 GLN n 
1 123 VAL n 
1 124 PRO n 
1 125 PRO n 
1 126 CYS n 
1 127 GLN n 
1 128 ILE n 
1 129 GLY n 
1 130 ILE n 
1 131 PHE n 
1 132 VAL n 
1 133 ASP n 
1 134 TYR n 
1 135 GLU n 
1 136 ALA n 
1 137 GLY n 
1 138 VAL n 
1 139 VAL n 
1 140 SER n 
1 141 PHE n 
1 142 TYR n 
1 143 ASN n 
1 144 ILE n 
1 145 THR n 
1 146 ASP n 
1 147 HIS n 
1 148 GLY n 
1 149 SER n 
1 150 LEU n 
1 151 ILE n 
1 152 TYR n 
1 153 THR n 
1 154 PHE n 
1 155 SER n 
1 156 GLU n 
1 157 CYS n 
1 158 VAL n 
1 159 PHE n 
1 160 ALA n 
1 161 GLY n 
1 162 PRO n 
1 163 LEU n 
1 164 ARG n 
1 165 PRO n 
1 166 PHE n 
1 167 PHE n 
1 168 ASN n 
1 169 VAL n 
1 170 GLY n 
1 171 PHE n 
1 172 ASN n 
1 173 TYR n 
1 174 SER n 
1 175 GLY n 
1 176 GLY n 
1 177 ASN n 
1 178 ALA n 
1 179 ALA n 
1 180 PRO n 
1 181 LEU n 
1 182 LYS n 
1 183 LEU n 
1 184 CYS n 
1 185 PRO n 
1 186 LEU n 
1 187 LYS n 
1 188 MET n 
# 
_entity_src_gen.entity_id                          1 
_entity_src_gen.pdbx_src_id                        1 
_entity_src_gen.pdbx_alt_source_flag               sample 
_entity_src_gen.pdbx_seq_type                      'Biological sequence' 
_entity_src_gen.pdbx_beg_seq_num                   1 
_entity_src_gen.pdbx_end_seq_num                   188 
_entity_src_gen.gene_src_common_name               'house mouse' 
_entity_src_gen.gene_src_genus                     ? 
_entity_src_gen.pdbx_gene_src_gene                 'Trim21, Ro52, Ssa1' 
_entity_src_gen.gene_src_species                   ? 
_entity_src_gen.gene_src_strain                    ? 
_entity_src_gen.gene_src_tissue                    ? 
_entity_src_gen.gene_src_tissue_fraction           ? 
_entity_src_gen.gene_src_details                   ? 
_entity_src_gen.pdbx_gene_src_fragment             ? 
_entity_src_gen.pdbx_gene_src_scientific_name      'Mus musculus' 
_entity_src_gen.pdbx_gene_src_ncbi_taxonomy_id     10090 
_entity_src_gen.pdbx_gene_src_variant              ? 
_entity_src_gen.pdbx_gene_src_cell_line            ? 
_entity_src_gen.pdbx_gene_src_atcc                 ? 
_entity_src_gen.pdbx_gene_src_organ                ? 
_entity_src_gen.pdbx_gene_src_organelle            ? 
_entity_src_gen.pdbx_gene_src_cell                 ? 
_entity_src_gen.pdbx_gene_src_cellular_location    ? 
_entity_src_gen.host_org_common_name               ? 
_entity_src_gen.pdbx_host_org_scientific_name      'Escherichia coli' 
_entity_src_gen.pdbx_host_org_ncbi_taxonomy_id     562 
_entity_src_gen.host_org_genus                     ? 
_entity_src_gen.pdbx_host_org_gene                 ? 
_entity_src_gen.pdbx_host_org_organ                ? 
_entity_src_gen.host_org_species                   ? 
_entity_src_gen.pdbx_host_org_tissue               ? 
_entity_src_gen.pdbx_host_org_tissue_fraction      ? 
_entity_src_gen.pdbx_host_org_strain               ? 
_entity_src_gen.pdbx_host_org_variant              ? 
_entity_src_gen.pdbx_host_org_cell_line            ? 
_entity_src_gen.pdbx_host_org_atcc                 ? 
_entity_src_gen.pdbx_host_org_culture_collection   ? 
_entity_src_gen.pdbx_host_org_cell                 ? 
_entity_src_gen.pdbx_host_org_organelle            ? 
_entity_src_gen.pdbx_host_org_cellular_location    ? 
_entity_src_gen.pdbx_host_org_vector_type          ? 
_entity_src_gen.pdbx_host_org_vector               ? 
_entity_src_gen.host_org_details                   ? 
_entity_src_gen.expression_system_id               ? 
_entity_src_gen.plasmid_name                       ? 
_entity_src_gen.plasmid_details                    ? 
_entity_src_gen.pdbx_description                   ? 
# 
loop_
_chem_comp.id 
_chem_comp.type 
_chem_comp.mon_nstd_flag 
_chem_comp.name 
_chem_comp.pdbx_synonyms 
_chem_comp.formula 
_chem_comp.formula_weight 
ALA 'L-peptide linking' y ALANINE                                      ?                 'C3 H7 N O2'      89.093  
ARG 'L-peptide linking' y ARGININE                                     ?                 'C6 H15 N4 O2 1'  175.209 
ASN 'L-peptide linking' y ASPARAGINE                                   ?                 'C4 H8 N2 O3'     132.118 
ASP 'L-peptide linking' y 'ASPARTIC ACID'                              ?                 'C4 H7 N O4'      133.103 
CYS 'L-peptide linking' y CYSTEINE                                     ?                 'C3 H7 N O2 S'    121.158 
EDO non-polymer         . 1,2-ETHANEDIOL                               'ETHYLENE GLYCOL' 'C2 H6 O2'        62.068  
GLN 'L-peptide linking' y GLUTAMINE                                    ?                 'C5 H10 N2 O3'    146.144 
GLU 'L-peptide linking' y 'GLUTAMIC ACID'                              ?                 'C5 H9 N O4'      147.129 
GLY 'peptide linking'   y GLYCINE                                      ?                 'C2 H5 N O2'      75.067  
HIS 'L-peptide linking' y HISTIDINE                                    ?                 'C6 H10 N3 O2 1'  156.162 
HOH non-polymer         . WATER                                        ?                 'H2 O'            18.015  
ILE 'L-peptide linking' y ISOLEUCINE                                   ?                 'C6 H13 N O2'     131.173 
LEU 'L-peptide linking' y LEUCINE                                      ?                 'C6 H13 N O2'     131.173 
LYS 'L-peptide linking' y LYSINE                                       ?                 'C6 H15 N2 O2 1'  147.195 
MET 'L-peptide linking' y METHIONINE                                   ?                 'C5 H11 N O2 S'   149.211 
PHE 'L-peptide linking' y PHENYLALANINE                                ?                 'C9 H11 N O2'     165.189 
PRO 'L-peptide linking' y PROLINE                                      ?                 'C5 H9 N O2'      115.130 
SER 'L-peptide linking' y SERINE                                       ?                 'C3 H7 N O3'      105.093 
SFY non-polymer         . '4-amino-N-(pyridin-2-yl)benzenesulfonamide' Sulfapyridine     'C11 H11 N3 O2 S' 249.289 
SO4 non-polymer         . 'SULFATE ION'                                ?                 'O4 S -2'         96.063  
THR 'L-peptide linking' y THREONINE                                    ?                 'C4 H9 N O3'      119.119 
TRP 'L-peptide linking' y TRYPTOPHAN                                   ?                 'C11 H12 N2 O2'   204.225 
TYR 'L-peptide linking' y TYROSINE                                     ?                 'C9 H11 N O3'     181.189 
VAL 'L-peptide linking' y VALINE                                       ?                 'C5 H11 N O2'     117.146 
# 
loop_
_pdbx_poly_seq_scheme.asym_id 
_pdbx_poly_seq_scheme.entity_id 
_pdbx_poly_seq_scheme.seq_id 
_pdbx_poly_seq_scheme.mon_id 
_pdbx_poly_seq_scheme.ndb_seq_num 
_pdbx_poly_seq_scheme.pdb_seq_num 
_pdbx_poly_seq_scheme.auth_seq_num 
_pdbx_poly_seq_scheme.pdb_mon_id 
_pdbx_poly_seq_scheme.auth_mon_id 
_pdbx_poly_seq_scheme.pdb_strand_id 
_pdbx_poly_seq_scheme.pdb_ins_code 
_pdbx_poly_seq_scheme.hetero 
A 1 1   MET 1   7   ?   ?   ?   B . n 
A 1 2   HIS 2   8   8   HIS HIS B . n 
A 1 3   HIS 3   9   9   HIS HIS B . n 
A 1 4   HIS 4   10  10  HIS HIS B . n 
A 1 5   HIS 5   11  11  HIS HIS B . n 
A 1 6   HIS 6   12  12  HIS HIS B . n 
A 1 7   HIS 7   13  13  HIS HIS B . n 
A 1 8   MET 8   14  14  MET MET B . n 
A 1 9   VAL 9   15  15  VAL VAL B . n 
A 1 10  HIS 10  16  16  HIS HIS B . n 
A 1 11  ILE 11  17  17  ILE ILE B . n 
A 1 12  THR 12  18  18  THR THR B . n 
A 1 13  LEU 13  19  19  LEU LEU B . n 
A 1 14  ASP 14  20  20  ASP ASP B . n 
A 1 15  ARG 15  21  21  ARG ARG B . n 
A 1 16  ASN 16  22  22  ASN ASN B . n 
A 1 17  THR 17  23  23  THR THR B . n 
A 1 18  ALA 18  24  24  ALA ALA B . n 
A 1 19  ASN 19  25  25  ASN ASN B . n 
A 1 20  SER 20  26  26  SER SER B . n 
A 1 21  TRP 21  27  27  TRP TRP B . n 
A 1 22  LEU 22  28  28  LEU LEU B . n 
A 1 23  ILE 23  29  29  ILE ILE B . n 
A 1 24  ILE 24  30  30  ILE ILE B . n 
A 1 25  SER 25  31  31  SER SER B . n 
A 1 26  LYS 26  32  32  LYS LYS B . n 
A 1 27  ASP 27  33  33  ASP ASP B . n 
A 1 28  ARG 28  34  34  ARG ARG B . n 
A 1 29  ARG 29  35  35  ARG ARG B . n 
A 1 30  GLN 30  36  36  GLN GLN B . n 
A 1 31  VAL 31  37  37  VAL VAL B . n 
A 1 32  ARG 32  38  38  ARG ARG B . n 
A 1 33  MET 33  39  39  MET MET B . n 
A 1 34  GLY 34  40  40  GLY GLY B . n 
A 1 35  ASP 35  41  41  ASP ASP B . n 
A 1 36  THR 36  42  42  THR THR B . n 
A 1 37  HIS 37  43  43  HIS HIS B . n 
A 1 38  GLN 38  44  44  GLN GLN B . n 
A 1 39  ASN 39  45  45  ASN ASN B . n 
A 1 40  VAL 40  46  46  VAL VAL B . n 
A 1 41  SER 41  47  47  SER SER B . n 
A 1 42  ASP 42  48  48  ASP ASP B . n 
A 1 43  ASN 43  49  49  ASN ASN B . n 
A 1 44  LYS 44  50  50  LYS LYS B . n 
A 1 45  GLU 45  51  51  GLU GLU B . n 
A 1 46  ARG 46  52  52  ARG ARG B . n 
A 1 47  PHE 47  53  53  PHE PHE B . n 
A 1 48  SER 48  54  54  SER SER B . n 
A 1 49  ASN 49  55  55  ASN ASN B . n 
A 1 50  TYR 50  56  56  TYR TYR B . n 
A 1 51  PRO 51  57  57  PRO PRO B . n 
A 1 52  MET 52  58  58  MET MET B . n 
A 1 53  VAL 53  59  59  VAL VAL B . n 
A 1 54  LEU 54  60  60  LEU LEU B . n 
A 1 55  GLY 55  61  61  GLY GLY B . n 
A 1 56  ALA 56  62  62  ALA ALA B . n 
A 1 57  GLN 57  63  63  GLN GLN B . n 
A 1 58  ARG 58  64  64  ARG ARG B . n 
A 1 59  PHE 59  65  65  PHE PHE B . n 
A 1 60  SER 60  66  66  SER SER B . n 
A 1 61  SER 61  67  67  SER SER B . n 
A 1 62  GLY 62  68  68  GLY GLY B . n 
A 1 63  LYS 63  69  69  LYS LYS B . n 
A 1 64  MET 64  70  70  MET MET B . n 
A 1 65  TYR 65  71  71  TYR TYR B . n 
A 1 66  TRP 66  72  72  TRP TRP B . n 
A 1 67  GLU 67  73  73  GLU GLU B . n 
A 1 68  VAL 68  74  74  VAL VAL B . n 
A 1 69  ASP 69  75  75  ASP ASP B . n 
A 1 70  VAL 70  76  76  VAL VAL B . n 
A 1 71  THR 71  77  77  THR THR B . n 
A 1 72  GLN 72  78  78  GLN GLN B . n 
A 1 73  LYS 73  79  79  LYS LYS B . n 
A 1 74  GLU 74  80  80  GLU GLU B . n 
A 1 75  ALA 75  81  81  ALA ALA B . n 
A 1 76  TRP 76  82  82  TRP TRP B . n 
A 1 77  ASP 77  83  83  ASP ASP B . n 
A 1 78  LEU 78  84  84  LEU LEU B . n 
A 1 79  GLY 79  85  85  GLY GLY B . n 
A 1 80  VAL 80  86  86  VAL VAL B . n 
A 1 81  CYS 81  87  87  CYS CYS B . n 
A 1 82  ARG 82  88  88  ARG ARG B . n 
A 1 83  ASP 83  89  89  ASP ASP B . n 
A 1 84  SER 84  90  90  SER SER B . n 
A 1 85  VAL 85  91  91  VAL VAL B . n 
A 1 86  GLN 86  92  92  GLN GLN B . n 
A 1 87  ARG 87  93  93  ARG ARG B . n 
A 1 88  LYS 88  94  94  LYS LYS B . n 
A 1 89  GLY 89  95  95  GLY GLY B . n 
A 1 90  GLN 90  96  96  GLN GLN B . n 
A 1 91  PHE 91  97  97  PHE PHE B . n 
A 1 92  SER 92  98  98  SER SER B . n 
A 1 93  LEU 93  99  99  LEU LEU B . n 
A 1 94  SER 94  100 100 SER SER B . n 
A 1 95  PRO 95  101 101 PRO PRO B . n 
A 1 96  GLU 96  102 102 GLU GLU B . n 
A 1 97  ASN 97  103 103 ASN ASN B . n 
A 1 98  GLY 98  104 104 GLY GLY B . n 
A 1 99  PHE 99  105 105 PHE PHE B . n 
A 1 100 TRP 100 106 106 TRP TRP B . n 
A 1 101 THR 101 107 107 THR THR B . n 
A 1 102 ILE 102 108 108 ILE ILE B . n 
A 1 103 TRP 103 109 109 TRP TRP B . n 
A 1 104 LEU 104 110 110 LEU LEU B . n 
A 1 105 TRP 105 111 111 TRP TRP B . n 
A 1 106 GLN 106 112 112 GLN GLN B . n 
A 1 107 ASP 107 113 113 ASP ASP B . n 
A 1 108 SER 108 114 114 SER SER B . n 
A 1 109 TYR 109 115 115 TYR TYR B . n 
A 1 110 GLU 110 116 116 GLU GLU B . n 
A 1 111 ALA 111 117 117 ALA ALA B . n 
A 1 112 GLY 112 118 118 GLY GLY B . n 
A 1 113 THR 113 119 119 THR THR B . n 
A 1 114 SER 114 120 120 SER SER B . n 
A 1 115 PRO 115 121 121 PRO PRO B . n 
A 1 116 GLN 116 122 122 GLN GLN B . n 
A 1 117 THR 117 123 123 THR THR B . n 
A 1 118 THR 118 124 124 THR THR B . n 
A 1 119 LEU 119 125 125 LEU LEU B . n 
A 1 120 HIS 120 126 126 HIS HIS B . n 
A 1 121 ILE 121 127 127 ILE ILE B . n 
A 1 122 GLN 122 128 128 GLN GLN B . n 
A 1 123 VAL 123 129 129 VAL VAL B . n 
A 1 124 PRO 124 130 130 PRO PRO B . n 
A 1 125 PRO 125 131 131 PRO PRO B . n 
A 1 126 CYS 126 132 132 CYS CYS B . n 
A 1 127 GLN 127 133 133 GLN GLN B . n 
A 1 128 ILE 128 134 134 ILE ILE B . n 
A 1 129 GLY 129 135 135 GLY GLY B . n 
A 1 130 ILE 130 136 136 ILE ILE B . n 
A 1 131 PHE 131 137 137 PHE PHE B . n 
A 1 132 VAL 132 138 138 VAL VAL B . n 
A 1 133 ASP 133 139 139 ASP ASP B . n 
A 1 134 TYR 134 140 140 TYR TYR B . n 
A 1 135 GLU 135 141 141 GLU GLU B . n 
A 1 136 ALA 136 142 142 ALA ALA B . n 
A 1 137 GLY 137 143 143 GLY GLY B . n 
A 1 138 VAL 138 144 144 VAL VAL B . n 
A 1 139 VAL 139 145 145 VAL VAL B . n 
A 1 140 SER 140 146 146 SER SER B . n 
A 1 141 PHE 141 147 147 PHE PHE B . n 
A 1 142 TYR 142 148 148 TYR TYR B . n 
A 1 143 ASN 143 149 149 ASN ASN B . n 
A 1 144 ILE 144 150 150 ILE ILE B . n 
A 1 145 THR 145 151 151 THR THR B . n 
A 1 146 ASP 146 152 152 ASP ASP B . n 
A 1 147 HIS 147 153 153 HIS HIS B . n 
A 1 148 GLY 148 154 154 GLY GLY B . n 
A 1 149 SER 149 155 155 SER SER B . n 
A 1 150 LEU 150 156 156 LEU LEU B . n 
A 1 151 ILE 151 157 157 ILE ILE B . n 
A 1 152 TYR 152 158 158 TYR TYR B . n 
A 1 153 THR 153 159 159 THR THR B . n 
A 1 154 PHE 154 160 160 PHE PHE B . n 
A 1 155 SER 155 161 161 SER SER B . n 
A 1 156 GLU 156 162 162 GLU GLU B . n 
A 1 157 CYS 157 163 163 CYS CYS B . n 
A 1 158 VAL 158 164 164 VAL VAL B . n 
A 1 159 PHE 159 165 165 PHE PHE B . n 
A 1 160 ALA 160 166 166 ALA ALA B . n 
A 1 161 GLY 161 167 167 GLY GLY B . n 
A 1 162 PRO 162 168 168 PRO PRO B . n 
A 1 163 LEU 163 169 169 LEU LEU B . n 
A 1 164 ARG 164 170 170 ARG ARG B . n 
A 1 165 PRO 165 171 171 PRO PRO B . n 
A 1 166 PHE 166 172 172 PHE PHE B . n 
A 1 167 PHE 167 173 173 PHE PHE B . n 
A 1 168 ASN 168 174 174 ASN ASN B . n 
A 1 169 VAL 169 175 175 VAL VAL B . n 
A 1 170 GLY 170 176 176 GLY GLY B . n 
A 1 171 PHE 171 177 177 PHE PHE B . n 
A 1 172 ASN 172 178 178 ASN ASN B . n 
A 1 173 TYR 173 179 179 TYR TYR B . n 
A 1 174 SER 174 180 180 SER SER B . n 
A 1 175 GLY 175 181 181 GLY GLY B . n 
A 1 176 GLY 176 182 182 GLY GLY B . n 
A 1 177 ASN 177 183 183 ASN ASN B . n 
A 1 178 ALA 178 184 184 ALA ALA B . n 
A 1 179 ALA 179 185 185 ALA ALA B . n 
A 1 180 PRO 180 186 186 PRO PRO B . n 
A 1 181 LEU 181 187 187 LEU LEU B . n 
A 1 182 LYS 182 188 188 LYS LYS B . n 
A 1 183 LEU 183 189 189 LEU LEU B . n 
A 1 184 CYS 184 190 190 CYS CYS B . n 
A 1 185 PRO 185 191 191 PRO PRO B . n 
A 1 186 LEU 186 192 192 LEU LEU B . n 
A 1 187 LYS 187 193 ?   ?   ?   B . n 
A 1 188 MET 188 194 ?   ?   ?   B . n 
# 
_pdbx_entity_instance_feature.ordinal        1 
_pdbx_entity_instance_feature.comp_id        SFY 
_pdbx_entity_instance_feature.asym_id        ? 
_pdbx_entity_instance_feature.seq_num        ? 
_pdbx_entity_instance_feature.auth_comp_id   SFY 
_pdbx_entity_instance_feature.auth_asym_id   ? 
_pdbx_entity_instance_feature.auth_seq_num   ? 
_pdbx_entity_instance_feature.feature_type   'SUBJECT OF INVESTIGATION' 
_pdbx_entity_instance_feature.details        ? 
# 
loop_
_pdbx_nonpoly_scheme.asym_id 
_pdbx_nonpoly_scheme.entity_id 
_pdbx_nonpoly_scheme.mon_id 
_pdbx_nonpoly_scheme.ndb_seq_num 
_pdbx_nonpoly_scheme.pdb_seq_num 
_pdbx_nonpoly_scheme.auth_seq_num 
_pdbx_nonpoly_scheme.pdb_mon_id 
_pdbx_nonpoly_scheme.auth_mon_id 
_pdbx_nonpoly_scheme.pdb_strand_id 
_pdbx_nonpoly_scheme.pdb_ins_code 
B 2 EDO 1   201 202 EDO EDO B . 
C 3 SFY 1   202 302 SFY LIG B . 
D 2 EDO 1   203 305 EDO EDO B . 
E 4 SO4 1   204 1   SO4 SO4 B . 
F 5 HOH 1   301 29  HOH HOH B . 
F 5 HOH 2   302 107 HOH HOH B . 
F 5 HOH 3   303 2   HOH HOH B . 
F 5 HOH 4   304 11  HOH HOH B . 
F 5 HOH 5   305 12  HOH HOH B . 
F 5 HOH 6   306 33  HOH HOH B . 
F 5 HOH 7   307 63  HOH HOH B . 
F 5 HOH 8   308 9   HOH HOH B . 
F 5 HOH 9   309 184 HOH HOH B . 
F 5 HOH 10  310 1   HOH HOH B . 
F 5 HOH 11  311 99  HOH HOH B . 
F 5 HOH 12  312 16  HOH HOH B . 
F 5 HOH 13  313 26  HOH HOH B . 
F 5 HOH 14  314 25  HOH HOH B . 
F 5 HOH 15  315 27  HOH HOH B . 
F 5 HOH 16  316 4   HOH HOH B . 
F 5 HOH 17  317 21  HOH HOH B . 
F 5 HOH 18  318 80  HOH HOH B . 
F 5 HOH 19  319 40  HOH HOH B . 
F 5 HOH 20  320 31  HOH HOH B . 
F 5 HOH 21  321 102 HOH HOH B . 
F 5 HOH 22  322 129 HOH HOH B . 
F 5 HOH 23  323 90  HOH HOH B . 
F 5 HOH 24  324 5   HOH HOH B . 
F 5 HOH 25  325 51  HOH HOH B . 
F 5 HOH 26  326 95  HOH HOH B . 
F 5 HOH 27  327 66  HOH HOH B . 
F 5 HOH 28  328 100 HOH HOH B . 
F 5 HOH 29  329 11  HOH HOH B . 
F 5 HOH 30  330 18  HOH HOH B . 
F 5 HOH 31  331 70  HOH HOH B . 
F 5 HOH 32  332 34  HOH HOH B . 
F 5 HOH 33  333 16  HOH HOH B . 
F 5 HOH 34  334 39  HOH HOH B . 
F 5 HOH 35  335 27  HOH HOH B . 
F 5 HOH 36  336 36  HOH HOH B . 
F 5 HOH 37  337 58  HOH HOH B . 
F 5 HOH 38  338 62  HOH HOH B . 
F 5 HOH 39  339 73  HOH HOH B . 
F 5 HOH 40  340 211 HOH HOH B . 
F 5 HOH 41  341 89  HOH HOH B . 
F 5 HOH 42  342 2   HOH HOH B . 
F 5 HOH 43  343 22  HOH HOH B . 
F 5 HOH 44  344 19  HOH HOH B . 
F 5 HOH 45  345 43  HOH HOH B . 
F 5 HOH 46  346 68  HOH HOH B . 
F 5 HOH 47  347 76  HOH HOH B . 
F 5 HOH 48  348 29  HOH HOH B . 
F 5 HOH 49  349 20  HOH HOH B . 
F 5 HOH 50  350 7   HOH HOH B . 
F 5 HOH 51  351 267 HOH HOH B . 
F 5 HOH 52  352 32  HOH HOH B . 
F 5 HOH 53  353 71  HOH HOH B . 
F 5 HOH 54  354 10  HOH HOH B . 
F 5 HOH 55  355 55  HOH HOH B . 
F 5 HOH 56  356 72  HOH HOH B . 
F 5 HOH 57  357 64  HOH HOH B . 
F 5 HOH 58  358 50  HOH HOH B . 
F 5 HOH 59  359 126 HOH HOH B . 
F 5 HOH 60  360 157 HOH HOH B . 
F 5 HOH 61  361 59  HOH HOH B . 
F 5 HOH 62  362 86  HOH HOH B . 
F 5 HOH 63  363 6   HOH HOH B . 
F 5 HOH 64  364 172 HOH HOH B . 
F 5 HOH 65  365 214 HOH HOH B . 
F 5 HOH 66  366 26  HOH HOH B . 
F 5 HOH 67  367 61  HOH HOH B . 
F 5 HOH 68  368 15  HOH HOH B . 
F 5 HOH 69  369 1   HOH HOH B . 
F 5 HOH 70  370 156 HOH HOH B . 
F 5 HOH 71  371 264 HOH HOH B . 
F 5 HOH 72  372 93  HOH HOH B . 
F 5 HOH 73  373 10  HOH HOH B . 
F 5 HOH 74  374 81  HOH HOH B . 
F 5 HOH 75  375 33  HOH HOH B . 
F 5 HOH 76  376 4   HOH HOH B . 
F 5 HOH 77  377 85  HOH HOH B . 
F 5 HOH 78  378 304 HOH HOH B . 
F 5 HOH 79  379 32  HOH HOH B . 
F 5 HOH 80  380 47  HOH HOH B . 
F 5 HOH 81  381 24  HOH HOH B . 
F 5 HOH 82  382 23  HOH HOH B . 
F 5 HOH 83  383 263 HOH HOH B . 
F 5 HOH 84  384 8   HOH HOH B . 
F 5 HOH 85  385 137 HOH HOH B . 
F 5 HOH 86  386 3   HOH HOH B . 
F 5 HOH 87  387 60  HOH HOH B . 
F 5 HOH 88  388 14  HOH HOH B . 
F 5 HOH 89  389 13  HOH HOH B . 
F 5 HOH 90  390 8   HOH HOH B . 
F 5 HOH 91  391 281 HOH HOH B . 
F 5 HOH 92  392 46  HOH HOH B . 
F 5 HOH 93  393 303 HOH HOH B . 
F 5 HOH 94  394 3   HOH HOH B . 
F 5 HOH 95  395 42  HOH HOH B . 
F 5 HOH 96  396 25  HOH HOH B . 
F 5 HOH 97  397 97  HOH HOH B . 
F 5 HOH 98  398 12  HOH HOH B . 
F 5 HOH 99  399 48  HOH HOH B . 
F 5 HOH 100 400 125 HOH HOH B . 
F 5 HOH 101 401 49  HOH HOH B . 
F 5 HOH 102 402 30  HOH HOH B . 
F 5 HOH 103 403 56  HOH HOH B . 
F 5 HOH 104 404 154 HOH HOH B . 
F 5 HOH 105 405 7   HOH HOH B . 
F 5 HOH 106 406 197 HOH HOH B . 
F 5 HOH 107 407 257 HOH HOH B . 
F 5 HOH 108 408 17  HOH HOH B . 
F 5 HOH 109 409 45  HOH HOH B . 
F 5 HOH 110 410 140 HOH HOH B . 
F 5 HOH 111 411 53  HOH HOH B . 
F 5 HOH 112 412 54  HOH HOH B . 
F 5 HOH 113 413 20  HOH HOH B . 
F 5 HOH 114 414 57  HOH HOH B . 
F 5 HOH 115 415 34  HOH HOH B . 
F 5 HOH 116 416 133 HOH HOH B . 
F 5 HOH 117 417 38  HOH HOH B . 
F 5 HOH 118 418 15  HOH HOH B . 
F 5 HOH 119 419 22  HOH HOH B . 
F 5 HOH 120 420 41  HOH HOH B . 
F 5 HOH 121 421 5   HOH HOH B . 
F 5 HOH 122 422 112 HOH HOH B . 
F 5 HOH 123 423 18  HOH HOH B . 
F 5 HOH 124 424 44  HOH HOH B . 
F 5 HOH 125 425 103 HOH HOH B . 
F 5 HOH 126 426 69  HOH HOH B . 
F 5 HOH 127 427 82  HOH HOH B . 
F 5 HOH 128 428 19  HOH HOH B . 
F 5 HOH 129 429 114 HOH HOH B . 
F 5 HOH 130 430 266 HOH HOH B . 
F 5 HOH 131 431 30  HOH HOH B . 
F 5 HOH 132 432 115 HOH HOH B . 
F 5 HOH 133 433 21  HOH HOH B . 
F 5 HOH 134 434 23  HOH HOH B . 
F 5 HOH 135 435 13  HOH HOH B . 
F 5 HOH 136 436 98  HOH HOH B . 
F 5 HOH 137 437 104 HOH HOH B . 
F 5 HOH 138 438 166 HOH HOH B . 
F 5 HOH 139 439 205 HOH HOH B . 
F 5 HOH 140 440 127 HOH HOH B . 
F 5 HOH 141 441 14  HOH HOH B . 
F 5 HOH 142 442 131 HOH HOH B . 
F 5 HOH 143 443 270 HOH HOH B . 
# 
loop_
_pdbx_unobs_or_zero_occ_atoms.id 
_pdbx_unobs_or_zero_occ_atoms.PDB_model_num 
_pdbx_unobs_or_zero_occ_atoms.polymer_flag 
_pdbx_unobs_or_zero_occ_atoms.occupancy_flag 
_pdbx_unobs_or_zero_occ_atoms.auth_asym_id 
_pdbx_unobs_or_zero_occ_atoms.auth_comp_id 
_pdbx_unobs_or_zero_occ_atoms.auth_seq_id 
_pdbx_unobs_or_zero_occ_atoms.PDB_ins_code 
_pdbx_unobs_or_zero_occ_atoms.auth_atom_id 
_pdbx_unobs_or_zero_occ_atoms.label_alt_id 
_pdbx_unobs_or_zero_occ_atoms.label_asym_id 
_pdbx_unobs_or_zero_occ_atoms.label_comp_id 
_pdbx_unobs_or_zero_occ_atoms.label_seq_id 
_pdbx_unobs_or_zero_occ_atoms.label_atom_id 
1 1 Y 1 B LEU 192 ? CG  ? A LEU 186 CG  
2 1 Y 1 B LEU 192 ? CD1 ? A LEU 186 CD1 
3 1 Y 1 B LEU 192 ? CD2 ? A LEU 186 CD2 
# 
loop_
_software.pdbx_ordinal 
_software.name 
_software.version 
_software.date 
_software.type 
_software.contact_author 
_software.contact_author_email 
_software.classification 
_software.location 
_software.language 
_software.citation_id 
1 REFMAC      5.8.0267 ?               program 'Garib N. Murshudov' garib@ysbl.york.ac.uk    refinement        
http://www.ccp4.ac.uk/dist/html/refmac5.html        Fortran_77 ? 
2 Aimless     0.7.7    23/04/21        program 'Phil Evans'         ?                        'data scaling'    
http://www.mrc-lmb.cam.ac.uk/harry/pre/aimless.html ?          ? 
3 PDB_EXTRACT 3.23     'SEP. 23, 2016' package PDB                  deposit@deposit.rcsb.org 'data extraction' 
http://sw-tools.pdb.org/apps/PDB_EXTRACT/           C++        ? 
4 XDS         .        ?               program ?                    ?                        'data reduction'  ? ?          ? 
5 REFMAC      .        ?               program ?                    ?                        phasing           ? ?          ? 
# 
_cell.entry_id           7HMK 
_cell.length_a           95.601 
_cell.length_b           95.601 
_cell.length_c           45.742 
_cell.angle_alpha        90.000 
_cell.angle_beta         90.000 
_cell.angle_gamma        90.000 
_cell.Z_PDB              8 
_cell.pdbx_unique_axis   ? 
# 
_symmetry.entry_id                         7HMK 
_symmetry.space_group_name_H-M             'I 4' 
_symmetry.pdbx_full_space_group_name_H-M   ? 
_symmetry.cell_setting                     ? 
_symmetry.Int_Tables_number                79 
# 
_exptl.crystals_number   1 
_exptl.entry_id          7HMK 
_exptl.method            'X-RAY DIFFRACTION' 
# 
_exptl_crystal.id                    1 
_exptl_crystal.pdbx_mosaicity        0.000 
_exptl_crystal.pdbx_mosaicity_esd    ? 
_exptl_crystal.density_Matthews      2.42 
_exptl_crystal.density_diffrn        ? 
_exptl_crystal.density_meas          ? 
_exptl_crystal.density_meas_temp     ? 
_exptl_crystal.density_percent_sol   49.17 
_exptl_crystal.size_max              ? 
_exptl_crystal.size_mid              ? 
_exptl_crystal.size_min              ? 
_exptl_crystal.size_rad              ? 
_exptl_crystal.description           ? 
# 
_exptl_crystal_grow.crystal_id      1 
_exptl_crystal_grow.method          'VAPOR DIFFUSION, SITTING DROP' 
_exptl_crystal_grow.pH              8 
_exptl_crystal_grow.temp            293 
_exptl_crystal_grow.pdbx_details    '4 % PEG 400, 2 M AmmSO4, 0.1 M HEPES pH 8' 
_exptl_crystal_grow.temp_details    ? 
_exptl_crystal_grow.pdbx_pH_range   ? 
# 
_diffrn.id                     1 
_diffrn.ambient_temp           100 
_diffrn.crystal_id             1 
_diffrn.ambient_temp_details   ? 
# 
_diffrn_detector.detector               PIXEL 
_diffrn_detector.type                   'DECTRIS EIGER2 XE 9M' 
_diffrn_detector.pdbx_collection_date   2024-05-24 
_diffrn_detector.diffrn_id              1 
_diffrn_detector.details                ? 
# 
_diffrn_radiation.diffrn_id                        1 
_diffrn_radiation.wavelength_id                    1 
_diffrn_radiation.pdbx_diffrn_protocol             'SINGLE WAVELENGTH' 
_diffrn_radiation.pdbx_monochromatic_or_laue_m_l   ? 
_diffrn_radiation.monochromator                    ? 
_diffrn_radiation.pdbx_scattering_type             x-ray 
# 
_diffrn_radiation_wavelength.id           1 
_diffrn_radiation_wavelength.wavelength   0.92124 
_diffrn_radiation_wavelength.wt           1.0 
# 
_diffrn_source.diffrn_id                   1 
_diffrn_source.source                      SYNCHROTRON 
_diffrn_source.type                        'DIAMOND BEAMLINE I04-1' 
_diffrn_source.pdbx_wavelength_list        0.92124 
_diffrn_source.pdbx_synchrotron_site       Diamond 
_diffrn_source.pdbx_synchrotron_beamline   I04-1 
_diffrn_source.pdbx_wavelength             ? 
# 
_reflns.entry_id                     7HMK 
_reflns.pdbx_diffrn_id               1 
_reflns.pdbx_ordinal                 1 
_reflns.observed_criterion_sigma_I   ? 
_reflns.observed_criterion_sigma_F   ? 
_reflns.d_resolution_low             41.260 
_reflns.d_resolution_high            1.350 
_reflns.number_obs                   44379 
_reflns.number_all                   ? 
_reflns.percent_possible_obs         97.700 
_reflns.pdbx_Rmerge_I_obs            0.100 
_reflns.pdbx_Rsym_value              ? 
_reflns.pdbx_netI_over_sigmaI        13.000 
_reflns.B_iso_Wilson_estimate        ? 
_reflns.pdbx_redundancy              12.200 
_reflns.pdbx_Rrim_I_all              0.105 
_reflns.pdbx_Rpim_I_all              0.029 
_reflns.pdbx_CC_half                 0.998 
_reflns.pdbx_netI_over_av_sigmaI     ? 
_reflns.pdbx_number_measured_all     542695 
_reflns.pdbx_scaling_rejects         0 
_reflns.pdbx_chi_squared             ? 
_reflns.Rmerge_F_all                 ? 
_reflns.Rmerge_F_obs                 ? 
_reflns.observed_criterion_F_max     ? 
_reflns.observed_criterion_F_min     ? 
_reflns.observed_criterion_I_max     ? 
_reflns.observed_criterion_I_min     ? 
_reflns.pdbx_d_res_high_opt          ? 
_reflns.pdbx_d_res_low_opt           ? 
_reflns.details                      ? 
# 
loop_
_reflns_shell.pdbx_diffrn_id 
_reflns_shell.pdbx_ordinal 
_reflns_shell.d_res_high 
_reflns_shell.d_res_low 
_reflns_shell.number_measured_obs 
_reflns_shell.number_measured_all 
_reflns_shell.number_unique_obs 
_reflns_shell.pdbx_rejects 
_reflns_shell.Rmerge_I_obs 
_reflns_shell.meanI_over_sigI_obs 
_reflns_shell.pdbx_Rsym_value 
_reflns_shell.pdbx_chi_squared 
_reflns_shell.pdbx_redundancy 
_reflns_shell.percent_possible_obs 
_reflns_shell.pdbx_netI_over_sigmaI_obs 
_reflns_shell.number_possible 
_reflns_shell.number_unique_all 
_reflns_shell.Rmerge_F_all 
_reflns_shell.Rmerge_F_obs 
_reflns_shell.Rmerge_I_all 
_reflns_shell.meanI_over_sigI_all 
_reflns_shell.percent_possible_all 
_reflns_shell.pdbx_Rrim_I_all 
_reflns_shell.pdbx_Rpim_I_all 
_reflns_shell.pdbx_CC_half 
1 1 1.350 1.370  ? 14219 1990 ? 1.956 ? ? ? 7.100  ? 0.500  ? ? ? ? ? ? 84.500 2.108 0.755 0.279 
1 2 7.140 41.260 ? 4191  338  ? 0.062 ? ? ? 12.400 ? 70.000 ? ? ? ? ? ? 99.600 0.065 0.019 0.999 
# 
_refine.entry_id                                 7HMK 
_refine.pdbx_refine_id                           'X-RAY DIFFRACTION' 
_refine.ls_d_res_high                            1.3500 
_refine.ls_d_res_low                             41.3000 
_refine.pdbx_ls_sigma_F                          0.000 
_refine.pdbx_data_cutoff_high_absF               ? 
_refine.pdbx_data_cutoff_low_absF                ? 
_refine.ls_percent_reflns_obs                    97.2100 
_refine.ls_number_reflns_obs                     42055 
_refine.ls_number_reflns_all                     ? 
_refine.pdbx_ls_cross_valid_method               THROUGHOUT 
_refine.ls_matrix_type                           ? 
_refine.pdbx_R_Free_selection_details            RANDOM 
_refine.details                                  
'HYDROGENS HAVE BEEN ADDED IN THE RIDING POSITIONS U VALUES      : REFINED INDIVIDUALLY' 
_refine.ls_R_factor_all                          ? 
_refine.ls_R_factor_obs                          0.1843 
_refine.ls_R_factor_R_work                       0.1830 
_refine.ls_wR_factor_R_work                      ? 
_refine.ls_R_factor_R_free                       0.2087 
_refine.ls_wR_factor_R_free                      ? 
_refine.ls_percent_reflns_R_free                 4.9000 
_refine.ls_number_reflns_R_free                  2153 
_refine.ls_number_reflns_R_work                  ? 
_refine.ls_R_factor_R_free_error                 ? 
_refine.B_iso_mean                               18.7900 
_refine.solvent_model_param_bsol                 ? 
_refine.solvent_model_param_ksol                 ? 
_refine.pdbx_isotropic_thermal_model             ? 
_refine.aniso_B[1][1]                            0.0700 
_refine.aniso_B[2][2]                            0.0700 
_refine.aniso_B[3][3]                            -0.1400 
_refine.aniso_B[1][2]                            0.0000 
_refine.aniso_B[1][3]                            -0.0000 
_refine.aniso_B[2][3]                            -0.0000 
_refine.correlation_coeff_Fo_to_Fc               0.9650 
_refine.correlation_coeff_Fo_to_Fc_free          0.9550 
_refine.overall_SU_R_Cruickshank_DPI             ? 
_refine.pdbx_overall_SU_R_free_Cruickshank_DPI   ? 
_refine.pdbx_overall_SU_R_Blow_DPI               ? 
_refine.pdbx_overall_SU_R_free_Blow_DPI          ? 
_refine.overall_SU_R_free                        ? 
_refine.pdbx_overall_ESU_R                       0.0600 
_refine.pdbx_overall_ESU_R_Free                  0.0620 
_refine.overall_SU_ML                            0.0520 
_refine.overall_SU_B                             1.4200 
_refine.solvent_model_details                    MASK 
_refine.pdbx_solvent_vdw_probe_radii             1.2000 
_refine.pdbx_solvent_ion_probe_radii             0.8000 
_refine.pdbx_solvent_shrinkage_radii             0.8000 
_refine.ls_number_parameters                     ? 
_refine.ls_number_restraints                     ? 
_refine.pdbx_starting_model                      ? 
_refine.pdbx_method_to_determine_struct          'FOURIER SYNTHESIS' 
_refine.pdbx_stereochemistry_target_values       'MAXIMUM LIKELIHOOD' 
_refine.pdbx_stereochem_target_val_spec_case     ? 
_refine.overall_FOM_work_R_set                   ? 
_refine.B_iso_max                                98.570 
_refine.B_iso_min                                9.310 
_refine.pdbx_overall_phase_error                 ? 
_refine.occupancy_max                            ? 
_refine.occupancy_min                            ? 
_refine.pdbx_diffrn_id                           1 
_refine.pdbx_TLS_residual_ADP_flag               ? 
_refine.pdbx_ls_sigma_I                          ? 
_refine.pdbx_data_cutoff_high_rms_absF           ? 
_refine.ls_R_factor_R_free_error_details         ? 
# 
_refine_hist.cycle_id                         final 
_refine_hist.pdbx_refine_id                   'X-RAY DIFFRACTION' 
_refine_hist.d_res_high                       1.3500 
_refine_hist.d_res_low                        41.3000 
_refine_hist.pdbx_number_atoms_ligand         30 
_refine_hist.number_atoms_solvent             143 
_refine_hist.number_atoms_total               1666 
_refine_hist.pdbx_number_residues_total       185 
_refine_hist.pdbx_B_iso_mean_ligand           33.91 
_refine_hist.pdbx_B_iso_mean_solvent          30.07 
_refine_hist.pdbx_number_atoms_protein        1493 
_refine_hist.pdbx_number_atoms_nucleic_acid   0 
# 
loop_
_refine_ls_restr.pdbx_refine_id 
_refine_ls_restr.type 
_refine_ls_restr.number 
_refine_ls_restr.dev_ideal 
_refine_ls_restr.dev_ideal_target 
_refine_ls_restr.weight 
_refine_ls_restr.pdbx_restraint_function 
'X-RAY DIFFRACTION' r_bond_refined_d       2001 0.011  0.013  ? ? 
'X-RAY DIFFRACTION' r_bond_other_d         1602 0.001  0.015  ? ? 
'X-RAY DIFFRACTION' r_angle_refined_deg    2516 1.721  1.639  ? ? 
'X-RAY DIFFRACTION' r_angle_other_deg      3691 1.439  1.581  ? ? 
'X-RAY DIFFRACTION' r_dihedral_angle_1_deg 235  7.125  5.000  ? ? 
'X-RAY DIFFRACTION' r_dihedral_angle_2_deg 107  27.583 21.215 ? ? 
'X-RAY DIFFRACTION' r_dihedral_angle_3_deg 285  12.003 15.000 ? ? 
'X-RAY DIFFRACTION' r_dihedral_angle_4_deg 15   20.350 15.000 ? ? 
'X-RAY DIFFRACTION' r_chiral_restr         219  0.084  0.200  ? ? 
'X-RAY DIFFRACTION' r_gen_planes_refined   2240 0.010  0.020  ? ? 
'X-RAY DIFFRACTION' r_gen_planes_other     508  0.002  0.020  ? ? 
'X-RAY DIFFRACTION' r_mcbond_it            951  1.652  1.693  ? ? 
'X-RAY DIFFRACTION' r_mcbond_other         942  1.652  1.673  ? ? 
'X-RAY DIFFRACTION' r_mcangle_it           1129 2.673  2.515  ? ? 
# 
_refine_ls_shell.d_res_high                       1.3500 
_refine_ls_shell.d_res_low                        1.3850 
_refine_ls_shell.pdbx_total_number_of_bins_used   20 
_refine_ls_shell.percent_reflns_obs               80.0400 
_refine_ls_shell.number_reflns_R_work             2538 
_refine_ls_shell.R_factor_all                     ? 
_refine_ls_shell.R_factor_R_work                  0.3560 
_refine_ls_shell.R_factor_R_free                  0.3440 
_refine_ls_shell.percent_reflns_R_free            ? 
_refine_ls_shell.number_reflns_R_free             117 
_refine_ls_shell.R_factor_R_free_error            ? 
_refine_ls_shell.number_reflns_all                2655 
_refine_ls_shell.number_reflns_obs                ? 
_refine_ls_shell.pdbx_refine_id                   'X-RAY DIFFRACTION' 
# 
_struct.entry_id                  7HMK 
_struct.title                     'PanDDA analysis group deposition -- Crystal Structure of TRIM21 in complex with Z271004858' 
_struct.pdbx_model_details        ? 
_struct.pdbx_CASP_flag            ? 
_struct.pdbx_model_type_details   ? 
# 
_struct_keywords.entry_id        7HMK 
_struct_keywords.text            'SGC - Diamond I04-1 fragment screening, PanDDA, XChemExplorer, TRIM21, LIGASE' 
_struct_keywords.pdbx_keywords   LIGASE 
# 
loop_
_struct_asym.id 
_struct_asym.pdbx_blank_PDB_chainid_flag 
_struct_asym.pdbx_modified 
_struct_asym.entity_id 
_struct_asym.details 
A N N 1 ? 
B N N 2 ? 
C N N 3 ? 
D N N 2 ? 
E N N 4 ? 
F N N 5 ? 
# 
_struct_ref.id                         1 
_struct_ref.db_name                    UNP 
_struct_ref.db_code                    RO52_MOUSE 
_struct_ref.pdbx_db_accession          Q62191 
_struct_ref.pdbx_db_isoform            ? 
_struct_ref.entity_id                  1 
_struct_ref.pdbx_seq_one_letter_code   
;VHITLDRNTANSWLIISKDRRQVRMGDTHQNVSDNKERFSNYPMVLGAQRFSSGKMYWEVDVTQKEAWDLGVCRDSVQRK
GQFSLSPENGFWTIWLWQDSYEAGTSPQTTLHIQVPPCQIGIFVDYEAGVVSFYNITDHGSLIYTFSECVFAGPLRPFFN
VGFNYSGGNAAPLKLCPLKM
;
_struct_ref.pdbx_align_begin           291 
# 
_struct_ref_seq.align_id                      1 
_struct_ref_seq.ref_id                        1 
_struct_ref_seq.pdbx_PDB_id_code              7HMK 
_struct_ref_seq.pdbx_strand_id                B 
_struct_ref_seq.seq_align_beg                 9 
_struct_ref_seq.pdbx_seq_align_beg_ins_code   ? 
_struct_ref_seq.seq_align_end                 188 
_struct_ref_seq.pdbx_seq_align_end_ins_code   ? 
_struct_ref_seq.pdbx_db_accession             Q62191 
_struct_ref_seq.db_align_beg                  291 
_struct_ref_seq.pdbx_db_align_beg_ins_code    ? 
_struct_ref_seq.db_align_end                  470 
_struct_ref_seq.pdbx_db_align_end_ins_code    ? 
_struct_ref_seq.pdbx_auth_seq_align_beg       15 
_struct_ref_seq.pdbx_auth_seq_align_end       194 
# 
loop_
_struct_ref_seq_dif.align_id 
_struct_ref_seq_dif.pdbx_pdb_id_code 
_struct_ref_seq_dif.mon_id 
_struct_ref_seq_dif.pdbx_pdb_strand_id 
_struct_ref_seq_dif.seq_num 
_struct_ref_seq_dif.pdbx_pdb_ins_code 
_struct_ref_seq_dif.pdbx_seq_db_name 
_struct_ref_seq_dif.pdbx_seq_db_accession_code 
_struct_ref_seq_dif.db_mon_id 
_struct_ref_seq_dif.pdbx_seq_db_seq_num 
_struct_ref_seq_dif.details 
_struct_ref_seq_dif.pdbx_auth_seq_num 
_struct_ref_seq_dif.pdbx_ordinal 
1 7HMK MET B 1 ? UNP Q62191 ? ? 'initiating methionine' 7  1 
1 7HMK HIS B 2 ? UNP Q62191 ? ? 'expression tag'        8  2 
1 7HMK HIS B 3 ? UNP Q62191 ? ? 'expression tag'        9  3 
1 7HMK HIS B 4 ? UNP Q62191 ? ? 'expression tag'        10 4 
1 7HMK HIS B 5 ? UNP Q62191 ? ? 'expression tag'        11 5 
1 7HMK HIS B 6 ? UNP Q62191 ? ? 'expression tag'        12 6 
1 7HMK HIS B 7 ? UNP Q62191 ? ? 'expression tag'        13 7 
1 7HMK MET B 8 ? UNP Q62191 ? ? 'expression tag'        14 8 
# 
_pdbx_struct_assembly.id                   1 
_pdbx_struct_assembly.details              author_defined_assembly 
_pdbx_struct_assembly.method_details       ? 
_pdbx_struct_assembly.oligomeric_details   monomeric 
_pdbx_struct_assembly.oligomeric_count     1 
# 
_pdbx_struct_assembly_gen.assembly_id       1 
_pdbx_struct_assembly_gen.oper_expression   1 
_pdbx_struct_assembly_gen.asym_id_list      A,B,C,D,E,F 
# 
_pdbx_struct_oper_list.id                   1 
_pdbx_struct_oper_list.type                 'identity operation' 
_pdbx_struct_oper_list.name                 1_555 
_pdbx_struct_oper_list.symmetry_operation   x,y,z 
_pdbx_struct_oper_list.matrix[1][1]         1.0000000000 
_pdbx_struct_oper_list.matrix[1][2]         0.0000000000 
_pdbx_struct_oper_list.matrix[1][3]         0.0000000000 
_pdbx_struct_oper_list.vector[1]            0.0000000000 
_pdbx_struct_oper_list.matrix[2][1]         0.0000000000 
_pdbx_struct_oper_list.matrix[2][2]         1.0000000000 
_pdbx_struct_oper_list.matrix[2][3]         0.0000000000 
_pdbx_struct_oper_list.vector[2]            0.0000000000 
_pdbx_struct_oper_list.matrix[3][1]         0.0000000000 
_pdbx_struct_oper_list.matrix[3][2]         0.0000000000 
_pdbx_struct_oper_list.matrix[3][3]         1.0000000000 
_pdbx_struct_oper_list.vector[3]            0.0000000000 
# 
loop_
_struct_conf.conf_type_id 
_struct_conf.id 
_struct_conf.pdbx_PDB_helix_id 
_struct_conf.beg_label_comp_id 
_struct_conf.beg_label_asym_id 
_struct_conf.beg_label_seq_id 
_struct_conf.pdbx_beg_PDB_ins_code 
_struct_conf.end_label_comp_id 
_struct_conf.end_label_asym_id 
_struct_conf.end_label_seq_id 
_struct_conf.pdbx_end_PDB_ins_code 
_struct_conf.beg_auth_comp_id 
_struct_conf.beg_auth_asym_id 
_struct_conf.beg_auth_seq_id 
_struct_conf.end_auth_comp_id 
_struct_conf.end_auth_asym_id 
_struct_conf.end_auth_seq_id 
_struct_conf.pdbx_PDB_helix_class 
_struct_conf.details 
_struct_conf.pdbx_PDB_helix_length 
HELX_P HELX_P1 AA1 HIS A 4  ? MET A 8  ? HIS B 10  MET B 14  5 ? 5 
HELX_P HELX_P2 AA2 ASP A 14 ? ALA A 18 ? ASP B 20  ALA B 24  5 ? 5 
HELX_P HELX_P3 AA3 SER A 94 ? ASN A 97 ? SER B 100 ASN B 103 5 ? 4 
# 
_struct_conf_type.id          HELX_P 
_struct_conf_type.criteria    ? 
_struct_conf_type.reference   ? 
# 
_struct_mon_prot_cis.pdbx_id                1 
_struct_mon_prot_cis.label_comp_id          SER 
_struct_mon_prot_cis.label_seq_id           114 
_struct_mon_prot_cis.label_asym_id          A 
_struct_mon_prot_cis.label_alt_id           . 
_struct_mon_prot_cis.pdbx_PDB_ins_code      ? 
_struct_mon_prot_cis.auth_comp_id           SER 
_struct_mon_prot_cis.auth_seq_id            120 
_struct_mon_prot_cis.auth_asym_id           B 
_struct_mon_prot_cis.pdbx_label_comp_id_2   PRO 
_struct_mon_prot_cis.pdbx_label_seq_id_2    115 
_struct_mon_prot_cis.pdbx_label_asym_id_2   A 
_struct_mon_prot_cis.pdbx_PDB_ins_code_2    ? 
_struct_mon_prot_cis.pdbx_auth_comp_id_2    PRO 
_struct_mon_prot_cis.pdbx_auth_seq_id_2     121 
_struct_mon_prot_cis.pdbx_auth_asym_id_2    B 
_struct_mon_prot_cis.pdbx_PDB_model_num     1 
_struct_mon_prot_cis.pdbx_omega_angle       -3.03 
# 
loop_
_struct_sheet.id 
_struct_sheet.type 
_struct_sheet.number_strands 
_struct_sheet.details 
AA1 ? 7 ? 
AA2 ? 6 ? 
# 
loop_
_struct_sheet_order.sheet_id 
_struct_sheet_order.range_id_1 
_struct_sheet_order.range_id_2 
_struct_sheet_order.offset 
_struct_sheet_order.sense 
AA1 1 2 ? anti-parallel 
AA1 2 3 ? anti-parallel 
AA1 3 4 ? anti-parallel 
AA1 4 5 ? anti-parallel 
AA1 5 6 ? anti-parallel 
AA1 6 7 ? anti-parallel 
AA2 1 2 ? anti-parallel 
AA2 2 3 ? anti-parallel 
AA2 3 4 ? anti-parallel 
AA2 4 5 ? anti-parallel 
AA2 5 6 ? anti-parallel 
# 
loop_
_struct_sheet_range.sheet_id 
_struct_sheet_range.id 
_struct_sheet_range.beg_label_comp_id 
_struct_sheet_range.beg_label_asym_id 
_struct_sheet_range.beg_label_seq_id 
_struct_sheet_range.pdbx_beg_PDB_ins_code 
_struct_sheet_range.end_label_comp_id 
_struct_sheet_range.end_label_asym_id 
_struct_sheet_range.end_label_seq_id 
_struct_sheet_range.pdbx_end_PDB_ins_code 
_struct_sheet_range.beg_auth_comp_id 
_struct_sheet_range.beg_auth_asym_id 
_struct_sheet_range.beg_auth_seq_id 
_struct_sheet_range.end_auth_comp_id 
_struct_sheet_range.end_auth_asym_id 
_struct_sheet_range.end_auth_seq_id 
AA1 1 LEU A 22  ? ILE A 24  ? LEU B 28  ILE B 30  
AA1 2 GLN A 30  ? MET A 33  ? GLN B 36  MET B 39  
AA1 3 LEU A 181 ? LEU A 183 ? LEU B 187 LEU B 189 
AA1 4 LYS A 63  ? ASP A 69  ? LYS B 69  ASP B 75  
AA1 5 GLN A 127 ? ASP A 133 ? GLN B 133 ASP B 139 
AA1 6 VAL A 138 ? ASN A 143 ? VAL B 144 ASN B 149 
AA1 7 SER A 149 ? PHE A 154 ? SER B 155 PHE B 160 
AA2 1 MET A 52  ? LEU A 54  ? MET B 58  LEU B 60  
AA2 2 LEU A 163 ? ASN A 168 ? LEU B 169 ASN B 174 
AA2 3 TRP A 76  ? ARG A 82  ? TRP B 82  ARG B 88  
AA2 4 PHE A 99  ? TRP A 105 ? PHE B 105 TRP B 111 
AA2 5 SER A 108 ? ALA A 111 ? SER B 114 ALA B 117 
AA2 6 THR A 117 ? THR A 118 ? THR B 123 THR B 124 
# 
loop_
_pdbx_struct_sheet_hbond.sheet_id 
_pdbx_struct_sheet_hbond.range_id_1 
_pdbx_struct_sheet_hbond.range_id_2 
_pdbx_struct_sheet_hbond.range_1_label_atom_id 
_pdbx_struct_sheet_hbond.range_1_label_comp_id 
_pdbx_struct_sheet_hbond.range_1_label_asym_id 
_pdbx_struct_sheet_hbond.range_1_label_seq_id 
_pdbx_struct_sheet_hbond.range_1_PDB_ins_code 
_pdbx_struct_sheet_hbond.range_1_auth_atom_id 
_pdbx_struct_sheet_hbond.range_1_auth_comp_id 
_pdbx_struct_sheet_hbond.range_1_auth_asym_id 
_pdbx_struct_sheet_hbond.range_1_auth_seq_id 
_pdbx_struct_sheet_hbond.range_2_label_atom_id 
_pdbx_struct_sheet_hbond.range_2_label_comp_id 
_pdbx_struct_sheet_hbond.range_2_label_asym_id 
_pdbx_struct_sheet_hbond.range_2_label_seq_id 
_pdbx_struct_sheet_hbond.range_2_PDB_ins_code 
_pdbx_struct_sheet_hbond.range_2_auth_atom_id 
_pdbx_struct_sheet_hbond.range_2_auth_comp_id 
_pdbx_struct_sheet_hbond.range_2_auth_asym_id 
_pdbx_struct_sheet_hbond.range_2_auth_seq_id 
AA1 1 2 N ILE A 23  ? N ILE B 29  O ARG A 32  ? O ARG B 38  
AA1 2 3 N VAL A 31  ? N VAL B 37  O LEU A 181 ? O LEU B 187 
AA1 3 4 O LYS A 182 ? O LYS B 188 N ASP A 69  ? N ASP B 75  
AA1 4 5 N TRP A 66  ? N TRP B 72  O ILE A 130 ? O ILE B 136 
AA1 5 6 N PHE A 131 ? N PHE B 137 O SER A 140 ? O SER B 146 
AA1 6 7 N PHE A 141 ? N PHE B 147 O ILE A 151 ? O ILE B 157 
AA2 1 2 N VAL A 53  ? N VAL B 59  O PHE A 167 ? O PHE B 173 
AA2 2 3 O ARG A 164 ? O ARG B 170 N CYS A 81  ? N CYS B 87  
AA2 3 4 N VAL A 80  ? N VAL B 86  O TRP A 100 ? O TRP B 106 
AA2 4 5 N TRP A 105 ? N TRP B 111 O SER A 108 ? O SER B 114 
AA2 5 6 N ALA A 111 ? N ALA B 117 O THR A 117 ? O THR B 123 
# 
_pdbx_entry_details.entry_id                   7HMK 
_pdbx_entry_details.compound_details           ? 
_pdbx_entry_details.source_details             ? 
_pdbx_entry_details.nonpolymer_details         ? 
_pdbx_entry_details.sequence_details           ? 
_pdbx_entry_details.has_ligand_of_interest     Y 
_pdbx_entry_details.has_protein_modification   N 
# 
loop_
_pdbx_validate_torsion.id 
_pdbx_validate_torsion.PDB_model_num 
_pdbx_validate_torsion.auth_comp_id 
_pdbx_validate_torsion.auth_asym_id 
_pdbx_validate_torsion.auth_seq_id 
_pdbx_validate_torsion.PDB_ins_code 
_pdbx_validate_torsion.label_alt_id 
_pdbx_validate_torsion.phi 
_pdbx_validate_torsion.psi 
1 1 ASN B 45  ? ? 70.87   36.20 
2 1 ASP B 152 ? ? -106.19 55.18 
# 
_pdbx_struct_special_symmetry.id              1 
_pdbx_struct_special_symmetry.PDB_model_num   1 
_pdbx_struct_special_symmetry.auth_asym_id    B 
_pdbx_struct_special_symmetry.auth_comp_id    HOH 
_pdbx_struct_special_symmetry.auth_seq_id     429 
_pdbx_struct_special_symmetry.PDB_ins_code    ? 
_pdbx_struct_special_symmetry.label_asym_id   F 
_pdbx_struct_special_symmetry.label_comp_id   HOH 
_pdbx_struct_special_symmetry.label_seq_id    . 
# 
_phasing.method   MR 
# 
loop_
_pdbx_unobs_or_zero_occ_residues.id 
_pdbx_unobs_or_zero_occ_residues.PDB_model_num 
_pdbx_unobs_or_zero_occ_residues.polymer_flag 
_pdbx_unobs_or_zero_occ_residues.occupancy_flag 
_pdbx_unobs_or_zero_occ_residues.auth_asym_id 
_pdbx_unobs_or_zero_occ_residues.auth_comp_id 
_pdbx_unobs_or_zero_occ_residues.auth_seq_id 
_pdbx_unobs_or_zero_occ_residues.PDB_ins_code 
_pdbx_unobs_or_zero_occ_residues.label_asym_id 
_pdbx_unobs_or_zero_occ_residues.label_comp_id 
_pdbx_unobs_or_zero_occ_residues.label_seq_id 
1 1 Y 1 B MET 7   ? A MET 1   
2 1 Y 1 B LYS 193 ? A LYS 187 
3 1 Y 1 B MET 194 ? A MET 188 
# 
loop_
_chem_comp_atom.comp_id 
_chem_comp_atom.atom_id 
_chem_comp_atom.type_symbol 
_chem_comp_atom.pdbx_aromatic_flag 
_chem_comp_atom.pdbx_stereo_config 
_chem_comp_atom.pdbx_ordinal 
ALA N    N N N 1   
ALA CA   C N S 2   
ALA C    C N N 3   
ALA O    O N N 4   
ALA CB   C N N 5   
ALA OXT  O N N 6   
ALA H    H N N 7   
ALA H2   H N N 8   
ALA HA   H N N 9   
ALA HB1  H N N 10  
ALA HB2  H N N 11  
ALA HB3  H N N 12  
ALA HXT  H N N 13  
ARG N    N N N 14  
ARG CA   C N S 15  
ARG C    C N N 16  
ARG O    O N N 17  
ARG CB   C N N 18  
ARG CG   C N N 19  
ARG CD   C N N 20  
ARG NE   N N N 21  
ARG CZ   C N N 22  
ARG NH1  N N N 23  
ARG NH2  N N N 24  
ARG OXT  O N N 25  
ARG H    H N N 26  
ARG H2   H N N 27  
ARG HA   H N N 28  
ARG HB2  H N N 29  
ARG HB3  H N N 30  
ARG HG2  H N N 31  
ARG HG3  H N N 32  
ARG HD2  H N N 33  
ARG HD3  H N N 34  
ARG HE   H N N 35  
ARG HH11 H N N 36  
ARG HH12 H N N 37  
ARG HH21 H N N 38  
ARG HH22 H N N 39  
ARG HXT  H N N 40  
ASN N    N N N 41  
ASN CA   C N S 42  
ASN C    C N N 43  
ASN O    O N N 44  
ASN CB   C N N 45  
ASN CG   C N N 46  
ASN OD1  O N N 47  
ASN ND2  N N N 48  
ASN OXT  O N N 49  
ASN H    H N N 50  
ASN H2   H N N 51  
ASN HA   H N N 52  
ASN HB2  H N N 53  
ASN HB3  H N N 54  
ASN HD21 H N N 55  
ASN HD22 H N N 56  
ASN HXT  H N N 57  
ASP N    N N N 58  
ASP CA   C N S 59  
ASP C    C N N 60  
ASP O    O N N 61  
ASP CB   C N N 62  
ASP CG   C N N 63  
ASP OD1  O N N 64  
ASP OD2  O N N 65  
ASP OXT  O N N 66  
ASP H    H N N 67  
ASP H2   H N N 68  
ASP HA   H N N 69  
ASP HB2  H N N 70  
ASP HB3  H N N 71  
ASP HD2  H N N 72  
ASP HXT  H N N 73  
CYS N    N N N 74  
CYS CA   C N R 75  
CYS C    C N N 76  
CYS O    O N N 77  
CYS CB   C N N 78  
CYS SG   S N N 79  
CYS OXT  O N N 80  
CYS H    H N N 81  
CYS H2   H N N 82  
CYS HA   H N N 83  
CYS HB2  H N N 84  
CYS HB3  H N N 85  
CYS HG   H N N 86  
CYS HXT  H N N 87  
EDO C1   C N N 88  
EDO O1   O N N 89  
EDO C2   C N N 90  
EDO O2   O N N 91  
EDO H11  H N N 92  
EDO H12  H N N 93  
EDO HO1  H N N 94  
EDO H21  H N N 95  
EDO H22  H N N 96  
EDO HO2  H N N 97  
GLN N    N N N 98  
GLN CA   C N S 99  
GLN C    C N N 100 
GLN O    O N N 101 
GLN CB   C N N 102 
GLN CG   C N N 103 
GLN CD   C N N 104 
GLN OE1  O N N 105 
GLN NE2  N N N 106 
GLN OXT  O N N 107 
GLN H    H N N 108 
GLN H2   H N N 109 
GLN HA   H N N 110 
GLN HB2  H N N 111 
GLN HB3  H N N 112 
GLN HG2  H N N 113 
GLN HG3  H N N 114 
GLN HE21 H N N 115 
GLN HE22 H N N 116 
GLN HXT  H N N 117 
GLU N    N N N 118 
GLU CA   C N S 119 
GLU C    C N N 120 
GLU O    O N N 121 
GLU CB   C N N 122 
GLU CG   C N N 123 
GLU CD   C N N 124 
GLU OE1  O N N 125 
GLU OE2  O N N 126 
GLU OXT  O N N 127 
GLU H    H N N 128 
GLU H2   H N N 129 
GLU HA   H N N 130 
GLU HB2  H N N 131 
GLU HB3  H N N 132 
GLU HG2  H N N 133 
GLU HG3  H N N 134 
GLU HE2  H N N 135 
GLU HXT  H N N 136 
GLY N    N N N 137 
GLY CA   C N N 138 
GLY C    C N N 139 
GLY O    O N N 140 
GLY OXT  O N N 141 
GLY H    H N N 142 
GLY H2   H N N 143 
GLY HA2  H N N 144 
GLY HA3  H N N 145 
GLY HXT  H N N 146 
HIS N    N N N 147 
HIS CA   C N S 148 
HIS C    C N N 149 
HIS O    O N N 150 
HIS CB   C N N 151 
HIS CG   C Y N 152 
HIS ND1  N Y N 153 
HIS CD2  C Y N 154 
HIS CE1  C Y N 155 
HIS NE2  N Y N 156 
HIS OXT  O N N 157 
HIS H    H N N 158 
HIS H2   H N N 159 
HIS HA   H N N 160 
HIS HB2  H N N 161 
HIS HB3  H N N 162 
HIS HD1  H N N 163 
HIS HD2  H N N 164 
HIS HE1  H N N 165 
HIS HE2  H N N 166 
HIS HXT  H N N 167 
HOH O    O N N 168 
HOH H1   H N N 169 
HOH H2   H N N 170 
ILE N    N N N 171 
ILE CA   C N S 172 
ILE C    C N N 173 
ILE O    O N N 174 
ILE CB   C N S 175 
ILE CG1  C N N 176 
ILE CG2  C N N 177 
ILE CD1  C N N 178 
ILE OXT  O N N 179 
ILE H    H N N 180 
ILE H2   H N N 181 
ILE HA   H N N 182 
ILE HB   H N N 183 
ILE HG12 H N N 184 
ILE HG13 H N N 185 
ILE HG21 H N N 186 
ILE HG22 H N N 187 
ILE HG23 H N N 188 
ILE HD11 H N N 189 
ILE HD12 H N N 190 
ILE HD13 H N N 191 
ILE HXT  H N N 192 
LEU N    N N N 193 
LEU CA   C N S 194 
LEU C    C N N 195 
LEU O    O N N 196 
LEU CB   C N N 197 
LEU CG   C N N 198 
LEU CD1  C N N 199 
LEU CD2  C N N 200 
LEU OXT  O N N 201 
LEU H    H N N 202 
LEU H2   H N N 203 
LEU HA   H N N 204 
LEU HB2  H N N 205 
LEU HB3  H N N 206 
LEU HG   H N N 207 
LEU HD11 H N N 208 
LEU HD12 H N N 209 
LEU HD13 H N N 210 
LEU HD21 H N N 211 
LEU HD22 H N N 212 
LEU HD23 H N N 213 
LEU HXT  H N N 214 
LYS N    N N N 215 
LYS CA   C N S 216 
LYS C    C N N 217 
LYS O    O N N 218 
LYS CB   C N N 219 
LYS CG   C N N 220 
LYS CD   C N N 221 
LYS CE   C N N 222 
LYS NZ   N N N 223 
LYS OXT  O N N 224 
LYS H    H N N 225 
LYS H2   H N N 226 
LYS HA   H N N 227 
LYS HB2  H N N 228 
LYS HB3  H N N 229 
LYS HG2  H N N 230 
LYS HG3  H N N 231 
LYS HD2  H N N 232 
LYS HD3  H N N 233 
LYS HE2  H N N 234 
LYS HE3  H N N 235 
LYS HZ1  H N N 236 
LYS HZ2  H N N 237 
LYS HZ3  H N N 238 
LYS HXT  H N N 239 
MET N    N N N 240 
MET CA   C N S 241 
MET C    C N N 242 
MET O    O N N 243 
MET CB   C N N 244 
MET CG   C N N 245 
MET SD   S N N 246 
MET CE   C N N 247 
MET OXT  O N N 248 
MET H    H N N 249 
MET H2   H N N 250 
MET HA   H N N 251 
MET HB2  H N N 252 
MET HB3  H N N 253 
MET HG2  H N N 254 
MET HG3  H N N 255 
MET HE1  H N N 256 
MET HE2  H N N 257 
MET HE3  H N N 258 
MET HXT  H N N 259 
PHE N    N N N 260 
PHE CA   C N S 261 
PHE C    C N N 262 
PHE O    O N N 263 
PHE CB   C N N 264 
PHE CG   C Y N 265 
PHE CD1  C Y N 266 
PHE CD2  C Y N 267 
PHE CE1  C Y N 268 
PHE CE2  C Y N 269 
PHE CZ   C Y N 270 
PHE OXT  O N N 271 
PHE H    H N N 272 
PHE H2   H N N 273 
PHE HA   H N N 274 
PHE HB2  H N N 275 
PHE HB3  H N N 276 
PHE HD1  H N N 277 
PHE HD2  H N N 278 
PHE HE1  H N N 279 
PHE HE2  H N N 280 
PHE HZ   H N N 281 
PHE HXT  H N N 282 
PRO N    N N N 283 
PRO CA   C N S 284 
PRO C    C N N 285 
PRO O    O N N 286 
PRO CB   C N N 287 
PRO CG   C N N 288 
PRO CD   C N N 289 
PRO OXT  O N N 290 
PRO H    H N N 291 
PRO HA   H N N 292 
PRO HB2  H N N 293 
PRO HB3  H N N 294 
PRO HG2  H N N 295 
PRO HG3  H N N 296 
PRO HD2  H N N 297 
PRO HD3  H N N 298 
PRO HXT  H N N 299 
SER N    N N N 300 
SER CA   C N S 301 
SER C    C N N 302 
SER O    O N N 303 
SER CB   C N N 304 
SER OG   O N N 305 
SER OXT  O N N 306 
SER H    H N N 307 
SER H2   H N N 308 
SER HA   H N N 309 
SER HB2  H N N 310 
SER HB3  H N N 311 
SER HG   H N N 312 
SER HXT  H N N 313 
SFY OAB  O N N 314 
SFY SAQ  S N N 315 
SFY OAC  O N N 316 
SFY CAP  C Y N 317 
SFY CAJ  C Y N 318 
SFY CAH  C Y N 319 
SFY CAN  C Y N 320 
SFY NAA  N N N 321 
SFY CAI  C Y N 322 
SFY CAK  C Y N 323 
SFY NAM  N N N 324 
SFY CAO  C Y N 325 
SFY CAG  C Y N 326 
SFY CAE  C Y N 327 
SFY CAD  C Y N 328 
SFY CAF  C Y N 329 
SFY NAL  N Y N 330 
SFY H1   H N N 331 
SFY H2   H N N 332 
SFY H3   H N N 333 
SFY H4   H N N 334 
SFY H5   H N N 335 
SFY H6   H N N 336 
SFY H7   H N N 337 
SFY H8   H N N 338 
SFY H9   H N N 339 
SFY H10  H N N 340 
SFY H11  H N N 341 
SO4 S    S N N 342 
SO4 O1   O N N 343 
SO4 O2   O N N 344 
SO4 O3   O N N 345 
SO4 O4   O N N 346 
THR N    N N N 347 
THR CA   C N S 348 
THR C    C N N 349 
THR O    O N N 350 
THR CB   C N R 351 
THR OG1  O N N 352 
THR CG2  C N N 353 
THR OXT  O N N 354 
THR H    H N N 355 
THR H2   H N N 356 
THR HA   H N N 357 
THR HB   H N N 358 
THR HG1  H N N 359 
THR HG21 H N N 360 
THR HG22 H N N 361 
THR HG23 H N N 362 
THR HXT  H N N 363 
TRP N    N N N 364 
TRP CA   C N S 365 
TRP C    C N N 366 
TRP O    O N N 367 
TRP CB   C N N 368 
TRP CG   C Y N 369 
TRP CD1  C Y N 370 
TRP CD2  C Y N 371 
TRP NE1  N Y N 372 
TRP CE2  C Y N 373 
TRP CE3  C Y N 374 
TRP CZ2  C Y N 375 
TRP CZ3  C Y N 376 
TRP CH2  C Y N 377 
TRP OXT  O N N 378 
TRP H    H N N 379 
TRP H2   H N N 380 
TRP HA   H N N 381 
TRP HB2  H N N 382 
TRP HB3  H N N 383 
TRP HD1  H N N 384 
TRP HE1  H N N 385 
TRP HE3  H N N 386 
TRP HZ2  H N N 387 
TRP HZ3  H N N 388 
TRP HH2  H N N 389 
TRP HXT  H N N 390 
TYR N    N N N 391 
TYR CA   C N S 392 
TYR C    C N N 393 
TYR O    O N N 394 
TYR CB   C N N 395 
TYR CG   C Y N 396 
TYR CD1  C Y N 397 
TYR CD2  C Y N 398 
TYR CE1  C Y N 399 
TYR CE2  C Y N 400 
TYR CZ   C Y N 401 
TYR OH   O N N 402 
TYR OXT  O N N 403 
TYR H    H N N 404 
TYR H2   H N N 405 
TYR HA   H N N 406 
TYR HB2  H N N 407 
TYR HB3  H N N 408 
TYR HD1  H N N 409 
TYR HD2  H N N 410 
TYR HE1  H N N 411 
TYR HE2  H N N 412 
TYR HH   H N N 413 
TYR HXT  H N N 414 
VAL N    N N N 415 
VAL CA   C N S 416 
VAL C    C N N 417 
VAL O    O N N 418 
VAL CB   C N N 419 
VAL CG1  C N N 420 
VAL CG2  C N N 421 
VAL OXT  O N N 422 
VAL H    H N N 423 
VAL H2   H N N 424 
VAL HA   H N N 425 
VAL HB   H N N 426 
VAL HG11 H N N 427 
VAL HG12 H N N 428 
VAL HG13 H N N 429 
VAL HG21 H N N 430 
VAL HG22 H N N 431 
VAL HG23 H N N 432 
VAL HXT  H N N 433 
# 
loop_
_chem_comp_bond.comp_id 
_chem_comp_bond.atom_id_1 
_chem_comp_bond.atom_id_2 
_chem_comp_bond.value_order 
_chem_comp_bond.pdbx_aromatic_flag 
_chem_comp_bond.pdbx_stereo_config 
_chem_comp_bond.pdbx_ordinal 
ALA N   CA   sing N N 1   
ALA N   H    sing N N 2   
ALA N   H2   sing N N 3   
ALA CA  C    sing N N 4   
ALA CA  CB   sing N N 5   
ALA CA  HA   sing N N 6   
ALA C   O    doub N N 7   
ALA C   OXT  sing N N 8   
ALA CB  HB1  sing N N 9   
ALA CB  HB2  sing N N 10  
ALA CB  HB3  sing N N 11  
ALA OXT HXT  sing N N 12  
ARG N   CA   sing N N 13  
ARG N   H    sing N N 14  
ARG N   H2   sing N N 15  
ARG CA  C    sing N N 16  
ARG CA  CB   sing N N 17  
ARG CA  HA   sing N N 18  
ARG C   O    doub N N 19  
ARG C   OXT  sing N N 20  
ARG CB  CG   sing N N 21  
ARG CB  HB2  sing N N 22  
ARG CB  HB3  sing N N 23  
ARG CG  CD   sing N N 24  
ARG CG  HG2  sing N N 25  
ARG CG  HG3  sing N N 26  
ARG CD  NE   sing N N 27  
ARG CD  HD2  sing N N 28  
ARG CD  HD3  sing N N 29  
ARG NE  CZ   sing N N 30  
ARG NE  HE   sing N N 31  
ARG CZ  NH1  sing N N 32  
ARG CZ  NH2  doub N N 33  
ARG NH1 HH11 sing N N 34  
ARG NH1 HH12 sing N N 35  
ARG NH2 HH21 sing N N 36  
ARG NH2 HH22 sing N N 37  
ARG OXT HXT  sing N N 38  
ASN N   CA   sing N N 39  
ASN N   H    sing N N 40  
ASN N   H2   sing N N 41  
ASN CA  C    sing N N 42  
ASN CA  CB   sing N N 43  
ASN CA  HA   sing N N 44  
ASN C   O    doub N N 45  
ASN C   OXT  sing N N 46  
ASN CB  CG   sing N N 47  
ASN CB  HB2  sing N N 48  
ASN CB  HB3  sing N N 49  
ASN CG  OD1  doub N N 50  
ASN CG  ND2  sing N N 51  
ASN ND2 HD21 sing N N 52  
ASN ND2 HD22 sing N N 53  
ASN OXT HXT  sing N N 54  
ASP N   CA   sing N N 55  
ASP N   H    sing N N 56  
ASP N   H2   sing N N 57  
ASP CA  C    sing N N 58  
ASP CA  CB   sing N N 59  
ASP CA  HA   sing N N 60  
ASP C   O    doub N N 61  
ASP C   OXT  sing N N 62  
ASP CB  CG   sing N N 63  
ASP CB  HB2  sing N N 64  
ASP CB  HB3  sing N N 65  
ASP CG  OD1  doub N N 66  
ASP CG  OD2  sing N N 67  
ASP OD2 HD2  sing N N 68  
ASP OXT HXT  sing N N 69  
CYS N   CA   sing N N 70  
CYS N   H    sing N N 71  
CYS N   H2   sing N N 72  
CYS CA  C    sing N N 73  
CYS CA  CB   sing N N 74  
CYS CA  HA   sing N N 75  
CYS C   O    doub N N 76  
CYS C   OXT  sing N N 77  
CYS CB  SG   sing N N 78  
CYS CB  HB2  sing N N 79  
CYS CB  HB3  sing N N 80  
CYS SG  HG   sing N N 81  
CYS OXT HXT  sing N N 82  
EDO C1  O1   sing N N 83  
EDO C1  C2   sing N N 84  
EDO C1  H11  sing N N 85  
EDO C1  H12  sing N N 86  
EDO O1  HO1  sing N N 87  
EDO C2  O2   sing N N 88  
EDO C2  H21  sing N N 89  
EDO C2  H22  sing N N 90  
EDO O2  HO2  sing N N 91  
GLN N   CA   sing N N 92  
GLN N   H    sing N N 93  
GLN N   H2   sing N N 94  
GLN CA  C    sing N N 95  
GLN CA  CB   sing N N 96  
GLN CA  HA   sing N N 97  
GLN C   O    doub N N 98  
GLN C   OXT  sing N N 99  
GLN CB  CG   sing N N 100 
GLN CB  HB2  sing N N 101 
GLN CB  HB3  sing N N 102 
GLN CG  CD   sing N N 103 
GLN CG  HG2  sing N N 104 
GLN CG  HG3  sing N N 105 
GLN CD  OE1  doub N N 106 
GLN CD  NE2  sing N N 107 
GLN NE2 HE21 sing N N 108 
GLN NE2 HE22 sing N N 109 
GLN OXT HXT  sing N N 110 
GLU N   CA   sing N N 111 
GLU N   H    sing N N 112 
GLU N   H2   sing N N 113 
GLU CA  C    sing N N 114 
GLU CA  CB   sing N N 115 
GLU CA  HA   sing N N 116 
GLU C   O    doub N N 117 
GLU C   OXT  sing N N 118 
GLU CB  CG   sing N N 119 
GLU CB  HB2  sing N N 120 
GLU CB  HB3  sing N N 121 
GLU CG  CD   sing N N 122 
GLU CG  HG2  sing N N 123 
GLU CG  HG3  sing N N 124 
GLU CD  OE1  doub N N 125 
GLU CD  OE2  sing N N 126 
GLU OE2 HE2  sing N N 127 
GLU OXT HXT  sing N N 128 
GLY N   CA   sing N N 129 
GLY N   H    sing N N 130 
GLY N   H2   sing N N 131 
GLY CA  C    sing N N 132 
GLY CA  HA2  sing N N 133 
GLY CA  HA3  sing N N 134 
GLY C   O    doub N N 135 
GLY C   OXT  sing N N 136 
GLY OXT HXT  sing N N 137 
HIS N   CA   sing N N 138 
HIS N   H    sing N N 139 
HIS N   H2   sing N N 140 
HIS CA  C    sing N N 141 
HIS CA  CB   sing N N 142 
HIS CA  HA   sing N N 143 
HIS C   O    doub N N 144 
HIS C   OXT  sing N N 145 
HIS CB  CG   sing N N 146 
HIS CB  HB2  sing N N 147 
HIS CB  HB3  sing N N 148 
HIS CG  ND1  sing Y N 149 
HIS CG  CD2  doub Y N 150 
HIS ND1 CE1  doub Y N 151 
HIS ND1 HD1  sing N N 152 
HIS CD2 NE2  sing Y N 153 
HIS CD2 HD2  sing N N 154 
HIS CE1 NE2  sing Y N 155 
HIS CE1 HE1  sing N N 156 
HIS NE2 HE2  sing N N 157 
HIS OXT HXT  sing N N 158 
HOH O   H1   sing N N 159 
HOH O   H2   sing N N 160 
ILE N   CA   sing N N 161 
ILE N   H    sing N N 162 
ILE N   H2   sing N N 163 
ILE CA  C    sing N N 164 
ILE CA  CB   sing N N 165 
ILE CA  HA   sing N N 166 
ILE C   O    doub N N 167 
ILE C   OXT  sing N N 168 
ILE CB  CG1  sing N N 169 
ILE CB  CG2  sing N N 170 
ILE CB  HB   sing N N 171 
ILE CG1 CD1  sing N N 172 
ILE CG1 HG12 sing N N 173 
ILE CG1 HG13 sing N N 174 
ILE CG2 HG21 sing N N 175 
ILE CG2 HG22 sing N N 176 
ILE CG2 HG23 sing N N 177 
ILE CD1 HD11 sing N N 178 
ILE CD1 HD12 sing N N 179 
ILE CD1 HD13 sing N N 180 
ILE OXT HXT  sing N N 181 
LEU N   CA   sing N N 182 
LEU N   H    sing N N 183 
LEU N   H2   sing N N 184 
LEU CA  C    sing N N 185 
LEU CA  CB   sing N N 186 
LEU CA  HA   sing N N 187 
LEU C   O    doub N N 188 
LEU C   OXT  sing N N 189 
LEU CB  CG   sing N N 190 
LEU CB  HB2  sing N N 191 
LEU CB  HB3  sing N N 192 
LEU CG  CD1  sing N N 193 
LEU CG  CD2  sing N N 194 
LEU CG  HG   sing N N 195 
LEU CD1 HD11 sing N N 196 
LEU CD1 HD12 sing N N 197 
LEU CD1 HD13 sing N N 198 
LEU CD2 HD21 sing N N 199 
LEU CD2 HD22 sing N N 200 
LEU CD2 HD23 sing N N 201 
LEU OXT HXT  sing N N 202 
LYS N   CA   sing N N 203 
LYS N   H    sing N N 204 
LYS N   H2   sing N N 205 
LYS CA  C    sing N N 206 
LYS CA  CB   sing N N 207 
LYS CA  HA   sing N N 208 
LYS C   O    doub N N 209 
LYS C   OXT  sing N N 210 
LYS CB  CG   sing N N 211 
LYS CB  HB2  sing N N 212 
LYS CB  HB3  sing N N 213 
LYS CG  CD   sing N N 214 
LYS CG  HG2  sing N N 215 
LYS CG  HG3  sing N N 216 
LYS CD  CE   sing N N 217 
LYS CD  HD2  sing N N 218 
LYS CD  HD3  sing N N 219 
LYS CE  NZ   sing N N 220 
LYS CE  HE2  sing N N 221 
LYS CE  HE3  sing N N 222 
LYS NZ  HZ1  sing N N 223 
LYS NZ  HZ2  sing N N 224 
LYS NZ  HZ3  sing N N 225 
LYS OXT HXT  sing N N 226 
MET N   CA   sing N N 227 
MET N   H    sing N N 228 
MET N   H2   sing N N 229 
MET CA  C    sing N N 230 
MET CA  CB   sing N N 231 
MET CA  HA   sing N N 232 
MET C   O    doub N N 233 
MET C   OXT  sing N N 234 
MET CB  CG   sing N N 235 
MET CB  HB2  sing N N 236 
MET CB  HB3  sing N N 237 
MET CG  SD   sing N N 238 
MET CG  HG2  sing N N 239 
MET CG  HG3  sing N N 240 
MET SD  CE   sing N N 241 
MET CE  HE1  sing N N 242 
MET CE  HE2  sing N N 243 
MET CE  HE3  sing N N 244 
MET OXT HXT  sing N N 245 
PHE N   CA   sing N N 246 
PHE N   H    sing N N 247 
PHE N   H2   sing N N 248 
PHE CA  C    sing N N 249 
PHE CA  CB   sing N N 250 
PHE CA  HA   sing N N 251 
PHE C   O    doub N N 252 
PHE C   OXT  sing N N 253 
PHE CB  CG   sing N N 254 
PHE CB  HB2  sing N N 255 
PHE CB  HB3  sing N N 256 
PHE CG  CD1  doub Y N 257 
PHE CG  CD2  sing Y N 258 
PHE CD1 CE1  sing Y N 259 
PHE CD1 HD1  sing N N 260 
PHE CD2 CE2  doub Y N 261 
PHE CD2 HD2  sing N N 262 
PHE CE1 CZ   doub Y N 263 
PHE CE1 HE1  sing N N 264 
PHE CE2 CZ   sing Y N 265 
PHE CE2 HE2  sing N N 266 
PHE CZ  HZ   sing N N 267 
PHE OXT HXT  sing N N 268 
PRO N   CA   sing N N 269 
PRO N   CD   sing N N 270 
PRO N   H    sing N N 271 
PRO CA  C    sing N N 272 
PRO CA  CB   sing N N 273 
PRO CA  HA   sing N N 274 
PRO C   O    doub N N 275 
PRO C   OXT  sing N N 276 
PRO CB  CG   sing N N 277 
PRO CB  HB2  sing N N 278 
PRO CB  HB3  sing N N 279 
PRO CG  CD   sing N N 280 
PRO CG  HG2  sing N N 281 
PRO CG  HG3  sing N N 282 
PRO CD  HD2  sing N N 283 
PRO CD  HD3  sing N N 284 
PRO OXT HXT  sing N N 285 
SER N   CA   sing N N 286 
SER N   H    sing N N 287 
SER N   H2   sing N N 288 
SER CA  C    sing N N 289 
SER CA  CB   sing N N 290 
SER CA  HA   sing N N 291 
SER C   O    doub N N 292 
SER C   OXT  sing N N 293 
SER CB  OG   sing N N 294 
SER CB  HB2  sing N N 295 
SER CB  HB3  sing N N 296 
SER OG  HG   sing N N 297 
SER OXT HXT  sing N N 298 
SFY CAD CAE  doub Y N 299 
SFY CAD CAF  sing Y N 300 
SFY CAE CAG  sing Y N 301 
SFY CAF NAL  doub Y N 302 
SFY CAG CAO  doub Y N 303 
SFY NAL CAO  sing Y N 304 
SFY CAO NAM  sing N N 305 
SFY OAB SAQ  doub N N 306 
SFY NAM SAQ  sing N N 307 
SFY NAA CAN  sing N N 308 
SFY CAI CAK  doub Y N 309 
SFY CAI CAN  sing Y N 310 
SFY CAK CAP  sing Y N 311 
SFY CAN CAH  doub Y N 312 
SFY CAH CAJ  sing Y N 313 
SFY CAP CAJ  doub Y N 314 
SFY CAP SAQ  sing N N 315 
SFY SAQ OAC  doub N N 316 
SFY CAJ H1   sing N N 317 
SFY CAH H2   sing N N 318 
SFY NAA H3   sing N N 319 
SFY NAA H4   sing N N 320 
SFY CAI H5   sing N N 321 
SFY CAK H6   sing N N 322 
SFY NAM H7   sing N N 323 
SFY CAG H8   sing N N 324 
SFY CAE H9   sing N N 325 
SFY CAD H10  sing N N 326 
SFY CAF H11  sing N N 327 
SO4 S   O1   doub N N 328 
SO4 S   O2   doub N N 329 
SO4 S   O3   sing N N 330 
SO4 S   O4   sing N N 331 
THR N   CA   sing N N 332 
THR N   H    sing N N 333 
THR N   H2   sing N N 334 
THR CA  C    sing N N 335 
THR CA  CB   sing N N 336 
THR CA  HA   sing N N 337 
THR C   O    doub N N 338 
THR C   OXT  sing N N 339 
THR CB  OG1  sing N N 340 
THR CB  CG2  sing N N 341 
THR CB  HB   sing N N 342 
THR OG1 HG1  sing N N 343 
THR CG2 HG21 sing N N 344 
THR CG2 HG22 sing N N 345 
THR CG2 HG23 sing N N 346 
THR OXT HXT  sing N N 347 
TRP N   CA   sing N N 348 
TRP N   H    sing N N 349 
TRP N   H2   sing N N 350 
TRP CA  C    sing N N 351 
TRP CA  CB   sing N N 352 
TRP CA  HA   sing N N 353 
TRP C   O    doub N N 354 
TRP C   OXT  sing N N 355 
TRP CB  CG   sing N N 356 
TRP CB  HB2  sing N N 357 
TRP CB  HB3  sing N N 358 
TRP CG  CD1  doub Y N 359 
TRP CG  CD2  sing Y N 360 
TRP CD1 NE1  sing Y N 361 
TRP CD1 HD1  sing N N 362 
TRP CD2 CE2  doub Y N 363 
TRP CD2 CE3  sing Y N 364 
TRP NE1 CE2  sing Y N 365 
TRP NE1 HE1  sing N N 366 
TRP CE2 CZ2  sing Y N 367 
TRP CE3 CZ3  doub Y N 368 
TRP CE3 HE3  sing N N 369 
TRP CZ2 CH2  doub Y N 370 
TRP CZ2 HZ2  sing N N 371 
TRP CZ3 CH2  sing Y N 372 
TRP CZ3 HZ3  sing N N 373 
TRP CH2 HH2  sing N N 374 
TRP OXT HXT  sing N N 375 
TYR N   CA   sing N N 376 
TYR N   H    sing N N 377 
TYR N   H2   sing N N 378 
TYR CA  C    sing N N 379 
TYR CA  CB   sing N N 380 
TYR CA  HA   sing N N 381 
TYR C   O    doub N N 382 
TYR C   OXT  sing N N 383 
TYR CB  CG   sing N N 384 
TYR CB  HB2  sing N N 385 
TYR CB  HB3  sing N N 386 
TYR CG  CD1  doub Y N 387 
TYR CG  CD2  sing Y N 388 
TYR CD1 CE1  sing Y N 389 
TYR CD1 HD1  sing N N 390 
TYR CD2 CE2  doub Y N 391 
TYR CD2 HD2  sing N N 392 
TYR CE1 CZ   doub Y N 393 
TYR CE1 HE1  sing N N 394 
TYR CE2 CZ   sing Y N 395 
TYR CE2 HE2  sing N N 396 
TYR CZ  OH   sing N N 397 
TYR OH  HH   sing N N 398 
TYR OXT HXT  sing N N 399 
VAL N   CA   sing N N 400 
VAL N   H    sing N N 401 
VAL N   H2   sing N N 402 
VAL CA  C    sing N N 403 
VAL CA  CB   sing N N 404 
VAL CA  HA   sing N N 405 
VAL C   O    doub N N 406 
VAL C   OXT  sing N N 407 
VAL CB  CG1  sing N N 408 
VAL CB  CG2  sing N N 409 
VAL CB  HB   sing N N 410 
VAL CG1 HG11 sing N N 411 
VAL CG1 HG12 sing N N 412 
VAL CG1 HG13 sing N N 413 
VAL CG2 HG21 sing N N 414 
VAL CG2 HG22 sing N N 415 
VAL CG2 HG23 sing N N 416 
VAL OXT HXT  sing N N 417 
# 
_pdbx_audit_support.ordinal                1 
_pdbx_audit_support.funding_organization   'European Union (EU)' 
_pdbx_audit_support.grant_number           875510 
_pdbx_audit_support.country                'European Union' 
# 
_pdbx_deposit_group.group_id            G_1002320 
_pdbx_deposit_group.group_description   
;PRYSPRY domain of murine TRIM21 screened against the DSI-poised Fragment Library by X-ray Crystallography at the XChem facility of Diamon Light Source
;
_pdbx_deposit_group.group_title         'PanDDA analysis group deposition' 
_pdbx_deposit_group.group_type          'changed state' 
# 
_pdbx_initial_refinement_model.id               1 
_pdbx_initial_refinement_model.entity_id_list   ? 
_pdbx_initial_refinement_model.type             'experimental model' 
_pdbx_initial_refinement_model.source_name      PDB 
_pdbx_initial_refinement_model.accession_code   2VOK 
_pdbx_initial_refinement_model.details          ? 
# 
_atom_sites.entry_id                    7HMK 
_atom_sites.fract_transf_matrix[1][1]   -0.01000238 
_atom_sites.fract_transf_matrix[1][2]   0.00041988 
_atom_sites.fract_transf_matrix[1][3]   -0.00303111 
_atom_sites.fract_transf_matrix[2][1]   -0.00026998 
_atom_sites.fract_transf_matrix[2][2]   -0.01044175 
_atom_sites.fract_transf_matrix[2][3]   -0.00055550 
_atom_sites.fract_transf_matrix[3][1]   -0.00637075 
_atom_sites.fract_transf_matrix[3][2]   -0.00094671 
_atom_sites.fract_transf_matrix[3][3]   0.02089173 
_atom_sites.fract_transf_vector[1]      -0.298733 
_atom_sites.fract_transf_vector[2]      -0.117317 
_atom_sites.fract_transf_vector[3]      -0.503405 
# 
loop_
_atom_type.symbol 
C 
N 
O 
S 
# 
loop_
_atom_site.group_PDB 
_atom_site.id 
_atom_site.type_symbol 
_atom_site.label_atom_id 
_atom_site.label_alt_id 
_atom_site.label_comp_id 
_atom_site.label_asym_id 
_atom_site.label_entity_id 
_atom_site.label_seq_id 
_atom_site.pdbx_PDB_ins_code 
_atom_site.Cartn_x 
_atom_site.Cartn_y 
_atom_site.Cartn_z 
_atom_site.occupancy 
_atom_site.B_iso_or_equiv 
_atom_site.pdbx_formal_charge 
_atom_site.auth_seq_id 
_atom_site.auth_comp_id 
_atom_site.auth_asym_id 
_atom_site.auth_atom_id 
_atom_site.pdbx_PDB_model_num 
ATOM   1    N N   . HIS A 1 2   ? -18.641 2.239   8.126   1.00 89.65 ? 8   HIS B N   1 
ATOM   2    C CA  . HIS A 1 2   ? -18.513 2.681   6.700   1.00 83.64 ? 8   HIS B CA  1 
ATOM   3    C C   . HIS A 1 2   ? -19.347 1.766   5.792   1.00 83.25 ? 8   HIS B C   1 
ATOM   4    O O   . HIS A 1 2   ? -19.434 0.550   6.084   1.00 88.18 ? 8   HIS B O   1 
ATOM   5    C CB  . HIS A 1 2   ? -17.031 2.742   6.283   1.00 77.82 ? 8   HIS B CB  1 
ATOM   6    C CG  . HIS A 1 2   ? -16.394 1.413   6.021   1.00 75.91 ? 8   HIS B CG  1 
ATOM   7    N ND1 . HIS A 1 2   ? -16.394 0.824   4.766   1.00 73.66 ? 8   HIS B ND1 1 
ATOM   8    C CD2 . HIS A 1 2   ? -15.718 0.567   6.831   1.00 73.68 ? 8   HIS B CD2 1 
ATOM   9    C CE1 . HIS A 1 2   ? -15.765 -0.334  4.824   1.00 71.68 ? 8   HIS B CE1 1 
ATOM   10   N NE2 . HIS A 1 2   ? -15.336 -0.514  6.077   1.00 73.46 ? 8   HIS B NE2 1 
ATOM   11   N N   . HIS A 1 3   ? -19.924 2.336   4.730   1.00 81.57 ? 9   HIS B N   1 
ATOM   12   C CA  . HIS A 1 3   ? -20.700 1.628   3.674   1.00 80.48 ? 9   HIS B CA  1 
ATOM   13   C C   . HIS A 1 3   ? -20.012 1.825   2.312   1.00 70.60 ? 9   HIS B C   1 
ATOM   14   O O   . HIS A 1 3   ? -20.717 2.182   1.344   1.00 70.69 ? 9   HIS B O   1 
ATOM   15   C CB  . HIS A 1 3   ? -22.165 2.103   3.707   1.00 87.03 ? 9   HIS B CB  1 
ATOM   16   C CG  . HIS A 1 3   ? -22.840 1.896   5.028   1.00 94.94 ? 9   HIS B CG  1 
ATOM   17   N ND1 . HIS A 1 3   ? -23.124 0.634   5.530   1.00 94.60 ? 9   HIS B ND1 1 
ATOM   18   C CD2 . HIS A 1 3   ? -23.294 2.775   5.950   1.00 98.57 ? 9   HIS B CD2 1 
ATOM   19   C CE1 . HIS A 1 3   ? -23.718 0.748   6.702   1.00 96.26 ? 9   HIS B CE1 1 
ATOM   20   N NE2 . HIS A 1 3   ? -23.836 2.052   6.981   1.00 97.60 ? 9   HIS B NE2 1 
ATOM   21   N N   . HIS A 1 4   ? -18.688 1.584   2.249   1.00 58.51 ? 10  HIS B N   1 
ATOM   22   C CA  . HIS A 1 4   ? -17.790 1.814   1.077   1.00 47.42 ? 10  HIS B CA  1 
ATOM   23   C C   . HIS A 1 4   ? -17.625 0.529   0.253   1.00 44.18 ? 10  HIS B C   1 
ATOM   24   O O   . HIS A 1 4   ? -17.222 0.626   -0.925  1.00 38.37 ? 10  HIS B O   1 
ATOM   25   C CB  . HIS A 1 4   ? -16.422 2.338   1.549   1.00 41.86 ? 10  HIS B CB  1 
ATOM   26   C CG  . HIS A 1 4   ? -16.476 3.711   2.128   1.00 42.23 ? 10  HIS B CG  1 
ATOM   27   N ND1 . HIS A 1 4   ? -17.288 4.716   1.599   1.00 41.18 ? 10  HIS B ND1 1 
ATOM   28   C CD2 . HIS A 1 4   ? -15.833 4.260   3.177   1.00 39.08 ? 10  HIS B CD2 1 
ATOM   29   C CE1 . HIS A 1 4   ? -17.127 5.822   2.293   1.00 46.06 ? 10  HIS B CE1 1 
ATOM   30   N NE2 . HIS A 1 4   ? -16.236 5.567   3.269   1.00 44.15 ? 10  HIS B NE2 1 
ATOM   31   N N   . HIS A 1 5   ? -17.933 -0.629  0.852   1.00 47.62 ? 11  HIS B N   1 
ATOM   32   C CA  . HIS A 1 5   ? -17.754 -1.991  0.269   1.00 54.72 ? 11  HIS B CA  1 
ATOM   33   C C   . HIS A 1 5   ? -18.248 -2.067  -1.187  1.00 52.88 ? 11  HIS B C   1 
ATOM   34   O O   . HIS A 1 5   ? -17.585 -2.775  -1.983  1.00 50.29 ? 11  HIS B O   1 
ATOM   35   C CB  . HIS A 1 5   ? -18.456 -3.059  1.131   1.00 64.99 ? 11  HIS B CB  1 
ATOM   36   C CG  . HIS A 1 5   ? -18.050 -3.056  2.568   1.00 77.67 ? 11  HIS B CG  1 
ATOM   37   N ND1 . HIS A 1 5   ? -18.875 -2.559  3.568   1.00 90.57 ? 11  HIS B ND1 1 
ATOM   38   C CD2 . HIS A 1 5   ? -16.921 -3.477  3.181   1.00 84.97 ? 11  HIS B CD2 1 
ATOM   39   C CE1 . HIS A 1 5   ? -18.269 -2.678  4.735   1.00 92.80 ? 11  HIS B CE1 1 
ATOM   40   N NE2 . HIS A 1 5   ? -17.067 -3.238  4.524   1.00 90.47 ? 11  HIS B NE2 1 
ATOM   41   N N   . HIS A 1 6   ? -19.354 -1.381  -1.527  1.00 48.38 ? 12  HIS B N   1 
ATOM   42   C CA  . HIS A 1 6   ? -20.037 -1.419  -2.857  1.00 45.22 ? 12  HIS B CA  1 
ATOM   43   C C   . HIS A 1 6   ? -19.266 -0.656  -3.951  1.00 41.85 ? 12  HIS B C   1 
ATOM   44   O O   . HIS A 1 6   ? -19.692 -0.743  -5.121  1.00 43.79 ? 12  HIS B O   1 
ATOM   45   C CB  . HIS A 1 6   ? -21.484 -0.910  -2.735  1.00 52.48 ? 12  HIS B CB  1 
ATOM   46   C CG  . HIS A 1 6   ? -21.609 0.546   -2.428  1.00 54.08 ? 12  HIS B CG  1 
ATOM   47   N ND1 . HIS A 1 6   ? -21.996 1.474   -3.375  1.00 60.74 ? 12  HIS B ND1 1 
ATOM   48   C CD2 . HIS A 1 6   ? -21.416 1.236   -1.284  1.00 59.51 ? 12  HIS B CD2 1 
ATOM   49   C CE1 . HIS A 1 6   ? -22.025 2.676   -2.833  1.00 54.91 ? 12  HIS B CE1 1 
ATOM   50   N NE2 . HIS A 1 6   ? -21.674 2.559   -1.550  1.00 63.16 ? 12  HIS B NE2 1 
ATOM   51   N N   . HIS A 1 7   ? -18.190 0.077   -3.623  1.00 33.07 ? 13  HIS B N   1 
ATOM   52   C CA  . HIS A 1 7   ? -17.208 0.630   -4.607  1.00 26.62 ? 13  HIS B CA  1 
ATOM   53   C C   . HIS A 1 7   ? -16.006 -0.291  -4.727  1.00 24.45 ? 13  HIS B C   1 
ATOM   54   O O   . HIS A 1 7   ? -14.938 0.189   -5.175  1.00 20.53 ? 13  HIS B O   1 
ATOM   55   C CB  . HIS A 1 7   ? -16.714 2.011   -4.186  1.00 25.55 ? 13  HIS B CB  1 
ATOM   56   C CG  . HIS A 1 7   ? -17.834 2.979   -4.030  1.00 27.67 ? 13  HIS B CG  1 
ATOM   57   N ND1 . HIS A 1 7   ? -18.574 3.388   -5.123  1.00 26.05 ? 13  HIS B ND1 1 
ATOM   58   C CD2 . HIS A 1 7   ? -18.342 3.591   -2.937  1.00 28.49 ? 13  HIS B CD2 1 
ATOM   59   C CE1 . HIS A 1 7   ? -19.500 4.241   -4.708  1.00 25.95 ? 13  HIS B CE1 1 
ATOM   60   N NE2 . HIS A 1 7   ? -19.401 4.376   -3.371  1.00 31.55 ? 13  HIS B NE2 1 
ATOM   61   N N   . MET A 1 8   ? -16.159 -1.544  -4.318  1.00 23.62 ? 14  MET B N   1 
ATOM   62   C CA  . MET A 1 8   ? -15.092 -2.575  -4.380  1.00 27.47 ? 14  MET B CA  1 
ATOM   63   C C   . MET A 1 8   ? -14.535 -2.656  -5.813  1.00 26.42 ? 14  MET B C   1 
ATOM   64   O O   . MET A 1 8   ? -15.291 -2.662  -6.813  1.00 27.74 ? 14  MET B O   1 
ATOM   65   C CB  . MET A 1 8   ? -15.637 -3.935  -3.931  1.00 32.77 ? 14  MET B CB  1 
ATOM   66   C CG  . MET A 1 8   ? -14.613 -5.082  -3.916  1.00 40.31 ? 14  MET B CG  1 
ATOM   67   S SD  . MET A 1 8   ? -13.242 -4.950  -2.694  1.00 50.61 ? 14  MET B SD  1 
ATOM   68   C CE  . MET A 1 8   ? -13.985 -5.658  -1.225  1.00 40.89 ? 14  MET B CE  1 
ATOM   69   N N   . VAL A 1 9   ? -13.216 -2.731  -5.928  1.00 21.04 ? 15  VAL B N   1 
ATOM   70   C CA  . VAL A 1 9   ? -12.496 -2.902  -7.213  1.00 22.43 ? 15  VAL B CA  1 
ATOM   71   C C   . VAL A 1 9   ? -11.564 -4.117  -7.045  1.00 23.14 ? 15  VAL B C   1 
ATOM   72   O O   . VAL A 1 9   ? -11.071 -4.364  -5.928  1.00 23.02 ? 15  VAL B O   1 
ATOM   73   C CB  . VAL A 1 9   ? -11.768 -1.613  -7.641  1.00 24.02 ? 15  VAL B CB  1 
ATOM   74   C CG1 . VAL A 1 9   ? -12.787 -0.534  -7.983  1.00 26.47 ? 15  VAL B CG1 1 
ATOM   75   C CG2 . VAL A 1 9   ? -10.802 -1.086  -6.590  1.00 24.61 ? 15  VAL B CG2 1 
ATOM   76   N N   . HIS A 1 10  ? -11.327 -4.839  -8.138  1.00 23.55 ? 16  HIS B N   1 
ATOM   77   C CA  . HIS A 1 10  ? -10.438 -6.019  -8.203  1.00 22.20 ? 16  HIS B CA  1 
ATOM   78   C C   . HIS A 1 10  ? -9.029  -5.515  -8.532  1.00 22.35 ? 16  HIS B C   1 
ATOM   79   O O   . HIS A 1 10  ? -8.768  -5.067  -9.666  1.00 25.60 ? 16  HIS B O   1 
ATOM   80   C CB  . HIS A 1 10  ? -10.922 -7.013  -9.268  1.00 24.03 ? 16  HIS B CB  1 
ATOM   81   C CG  . HIS A 1 10  ? -10.160 -8.302  -9.312  1.00 29.97 ? 16  HIS B CG  1 
ATOM   82   N ND1 . HIS A 1 10  ? -10.360 -9.314  -8.385  1.00 32.97 ? 16  HIS B ND1 1 
ATOM   83   C CD2 . HIS A 1 10  ? -9.186  -8.742  -10.148 1.00 33.86 ? 16  HIS B CD2 1 
ATOM   84   C CE1 . HIS A 1 10  ? -9.566  -10.340 -8.663  1.00 31.37 ? 16  HIS B CE1 1 
ATOM   85   N NE2 . HIS A 1 10  ? -8.818  -10.009 -9.750  1.00 33.62 ? 16  HIS B NE2 1 
ATOM   86   N N   . ILE A 1 11  ? -8.169  -5.477  -7.516  1.00 17.27 ? 17  ILE B N   1 
ATOM   87   C CA  . ILE A 1 11  ? -6.788  -4.984  -7.696  1.00 17.62 ? 17  ILE B CA  1 
ATOM   88   C C   . ILE A 1 11  ? -5.882  -6.182  -8.005  1.00 17.92 ? 17  ILE B C   1 
ATOM   89   O O   . ILE A 1 11  ? -6.081  -7.231  -7.448  1.00 17.78 ? 17  ILE B O   1 
ATOM   90   C CB  . ILE A 1 11  ? -6.312  -4.233  -6.438  1.00 16.97 ? 17  ILE B CB  1 
ATOM   91   C CG1 . ILE A 1 11  ? -7.220  -3.023  -6.158  1.00 17.50 ? 17  ILE B CG1 1 
ATOM   92   C CG2 . ILE A 1 11  ? -4.835  -3.863  -6.598  1.00 16.44 ? 17  ILE B CG2 1 
ATOM   93   C CD1 . ILE A 1 11  ? -7.392  -2.029  -7.325  1.00 16.96 ? 17  ILE B CD1 1 
ATOM   94   N N   . THR A 1 12  ? -4.968  -5.986  -8.934  1.00 16.64 ? 18  THR B N   1 
ATOM   95   C CA  . THR A 1 12  ? -3.891  -6.974  -9.214  1.00 17.26 ? 18  THR B CA  1 
ATOM   96   C C   . THR A 1 12  ? -2.552  -6.255  -9.183  1.00 17.94 ? 18  THR B C   1 
ATOM   97   O O   . THR A 1 12  ? -2.487  -5.033  -9.415  1.00 18.95 ? 18  THR B O   1 
ATOM   98   C CB  . THR A 1 12  ? -4.127  -7.686  -10.546 1.00 19.77 ? 18  THR B CB  1 
ATOM   99   O OG1 . THR A 1 12  ? -4.123  -6.722  -11.577 1.00 20.08 ? 18  THR B OG1 1 
ATOM   100  C CG2 . THR A 1 12  ? -5.396  -8.517  -10.553 1.00 23.96 ? 18  THR B CG2 1 
ATOM   101  N N   . LEU A 1 13  ? -1.487  -6.988  -8.856  1.00 15.88 ? 19  LEU B N   1 
ATOM   102  C CA  . LEU A 1 13  ? -0.143  -6.380  -8.754  1.00 17.21 ? 19  LEU B CA  1 
ATOM   103  C C   . LEU A 1 13  ? 0.571   -6.352  -10.108 1.00 16.87 ? 19  LEU B C   1 
ATOM   104  O O   . LEU A 1 13  ? 0.419   -7.334  -10.894 1.00 17.73 ? 19  LEU B O   1 
ATOM   105  C CB  . LEU A 1 13  ? 0.628   -7.207  -7.734  1.00 16.94 ? 19  LEU B CB  1 
ATOM   106  C CG  . LEU A 1 13  ? 0.003   -7.191  -6.351  1.00 17.42 ? 19  LEU B CG  1 
ATOM   107  C CD1 . LEU A 1 13  ? 0.624   -8.209  -5.412  1.00 18.61 ? 19  LEU B CD1 1 
ATOM   108  C CD2 . LEU A 1 13  ? 0.054   -5.784  -5.740  1.00 18.51 ? 19  LEU B CD2 1 
ATOM   109  N N   . ASP A 1 14  ? 1.325   -5.321  -10.346 1.00 16.52 ? 20  ASP B N   1 
ATOM   110  C CA  . ASP A 1 14  ? 2.117   -5.100  -11.588 1.00 16.96 ? 20  ASP B CA  1 
ATOM   111  C C   . ASP A 1 14  ? 3.576   -5.549  -11.324 1.00 17.30 ? 20  ASP B C   1 
ATOM   112  O O   . ASP A 1 14  ? 4.344   -4.799  -10.744 1.00 15.65 ? 20  ASP B O   1 
ATOM   113  C CB  . ASP A 1 14  ? 2.015   -3.649  -12.071 1.00 16.69 ? 20  ASP B CB  1 
ATOM   114  C CG  . ASP A 1 14  ? 2.742   -3.337  -13.373 1.00 23.01 ? 20  ASP B CG  1 
ATOM   115  O OD1 . ASP A 1 14  ? 3.509   -4.210  -13.824 1.00 20.35 ? 20  ASP B OD1 1 
ATOM   116  O OD2 . ASP A 1 14  ? 2.578   -2.215  -13.918 1.00 21.82 ? 20  ASP B OD2 1 
ATOM   117  N N   A ARG A 1 15  ? 3.897   -6.779  -11.747 0.25 18.08 ? 21  ARG B N   1 
ATOM   118  N N   B ARG A 1 15  ? 3.916   -6.765  -11.759 0.25 19.00 ? 21  ARG B N   1 
ATOM   119  C CA  A ARG A 1 15  ? 5.245   -7.415  -11.691 0.25 19.02 ? 21  ARG B CA  1 
ATOM   120  C CA  B ARG A 1 15  ? 5.261   -7.383  -11.595 0.25 20.45 ? 21  ARG B CA  1 
ATOM   121  C C   A ARG A 1 15  ? 6.350   -6.450  -12.115 0.25 17.94 ? 21  ARG B C   1 
ATOM   122  C C   B ARG A 1 15  ? 6.368   -6.466  -12.126 0.25 18.79 ? 21  ARG B C   1 
ATOM   123  O O   A ARG A 1 15  ? 7.432   -6.504  -11.520 0.25 16.85 ? 21  ARG B O   1 
ATOM   124  O O   B ARG A 1 15  ? 7.475   -6.539  -11.582 0.25 17.60 ? 21  ARG B O   1 
ATOM   125  C CB  A ARG A 1 15  ? 5.319   -8.598  -12.664 0.25 19.65 ? 21  ARG B CB  1 
ATOM   126  C CB  B ARG A 1 15  ? 5.316   -8.731  -12.325 0.25 22.69 ? 21  ARG B CB  1 
ATOM   127  C CG  A ARG A 1 15  ? 4.273   -9.673  -12.428 0.25 21.08 ? 21  ARG B CG  1 
ATOM   128  C CG  B ARG A 1 15  ? 4.601   -9.864  -11.609 0.25 25.53 ? 21  ARG B CG  1 
ATOM   129  C CD  A ARG A 1 15  ? 4.532   -10.929 -13.246 0.25 20.95 ? 21  ARG B CD  1 
ATOM   130  C CD  B ARG A 1 15  ? 3.218   -10.145 -12.171 0.25 28.44 ? 21  ARG B CD  1 
ATOM   131  N NE  A ARG A 1 15  ? 3.747   -12.001 -12.671 0.25 20.81 ? 21  ARG B NE  1 
ATOM   132  N NE  B ARG A 1 15  ? 3.181   -11.199 -13.188 0.25 30.98 ? 21  ARG B NE  1 
ATOM   133  C CZ  A ARG A 1 15  ? 4.096   -12.631 -11.569 0.25 19.87 ? 21  ARG B CZ  1 
ATOM   134  C CZ  B ARG A 1 15  ? 3.227   -11.002 -14.503 0.25 33.54 ? 21  ARG B CZ  1 
ATOM   135  N NH1 A ARG A 1 15  ? 5.235   -12.319 -10.986 0.25 20.76 ? 21  ARG B NH1 1 
ATOM   136  N NH1 B ARG A 1 15  ? 3.334   -9.785  -15.005 0.25 34.71 ? 21  ARG B NH1 1 
ATOM   137  N NH2 A ARG A 1 15  ? 3.330   -13.574 -11.065 0.25 21.24 ? 21  ARG B NH2 1 
ATOM   138  N NH2 B ARG A 1 15  ? 3.169   -12.034 -15.323 0.25 35.67 ? 21  ARG B NH2 1 
ATOM   139  N N   . ASN A 1 16  ? 6.105   -5.657  -13.161 1.00 17.88 ? 22  ASN B N   1 
ATOM   140  C CA  . ASN A 1 16  ? 7.136   -4.797  -13.771 1.00 18.54 ? 22  ASN B CA  1 
ATOM   141  C C   . ASN A 1 16  ? 7.603   -3.691  -12.825 1.00 16.58 ? 22  ASN B C   1 
ATOM   142  O O   . ASN A 1 16  ? 8.725   -3.193  -13.001 1.00 17.24 ? 22  ASN B O   1 
ATOM   143  C CB  . ASN A 1 16  ? 6.658   -4.284  -15.133 1.00 22.40 ? 22  ASN B CB  1 
ATOM   144  C CG  . ASN A 1 16  ? 6.703   -5.374  -16.184 1.00 29.36 ? 22  ASN B CG  1 
ATOM   145  O OD1 . ASN A 1 16  ? 7.364   -6.404  -16.013 1.00 36.16 ? 22  ASN B OD1 1 
ATOM   146  N ND2 . ASN A 1 16  ? 6.018   -5.137  -17.288 1.00 38.91 ? 22  ASN B ND2 1 
ATOM   147  N N   . THR A 1 17  ? 6.750   -3.285  -11.860 1.00 15.02 ? 23  THR B N   1 
ATOM   148  C CA  . THR A 1 17  ? 7.072   -2.239  -10.887 1.00 14.81 ? 23  THR B CA  1 
ATOM   149  C C   . THR A 1 17  ? 7.776   -2.816  -9.664  1.00 13.86 ? 23  THR B C   1 
ATOM   150  O O   . THR A 1 17  ? 8.224   -2.019  -8.825  1.00 14.24 ? 23  THR B O   1 
ATOM   151  C CB  . THR A 1 17  ? 5.839   -1.448  -10.430 1.00 14.56 ? 23  THR B CB  1 
ATOM   152  O OG1 . THR A 1 17  ? 4.962   -2.290  -9.672  1.00 14.53 ? 23  THR B OG1 1 
ATOM   153  C CG2 . THR A 1 17  ? 5.154   -0.817  -11.632 1.00 16.26 ? 23  THR B CG2 1 
ATOM   154  N N   . ALA A 1 18  ? 7.763   -4.136  -9.484  1.00 13.86 ? 24  ALA B N   1 
ATOM   155  C CA  . ALA A 1 18  ? 8.188   -4.748  -8.194  1.00 13.40 ? 24  ALA B CA  1 
ATOM   156  C C   . ALA A 1 18  ? 9.697   -4.616  -8.019  1.00 15.12 ? 24  ALA B C   1 
ATOM   157  O O   . ALA A 1 18  ? 10.474  -4.864  -8.961  1.00 14.77 ? 24  ALA B O   1 
ATOM   158  C CB  . ALA A 1 18  ? 7.778   -6.187  -8.151  1.00 14.50 ? 24  ALA B CB  1 
ATOM   159  N N   . ASN A 1 19  ? 10.136  -4.337  -6.811  1.00 13.84 ? 25  ASN B N   1 
ATOM   160  C CA  . ASN A 1 19  ? 11.530  -4.615  -6.394  1.00 13.58 ? 25  ASN B CA  1 
ATOM   161  C C   . ASN A 1 19  ? 11.885  -6.045  -6.826  1.00 12.97 ? 25  ASN B C   1 
ATOM   162  O O   . ASN A 1 19  ? 11.086  -6.971  -6.735  1.00 12.90 ? 25  ASN B O   1 
ATOM   163  C CB  . ASN A 1 19  ? 11.618  -4.352  -4.897  1.00 13.76 ? 25  ASN B CB  1 
ATOM   164  C CG  . ASN A 1 19  ? 12.982  -4.643  -4.345  1.00 16.64 ? 25  ASN B CG  1 
ATOM   165  O OD1 . ASN A 1 19  ? 13.328  -5.775  -4.099  1.00 15.57 ? 25  ASN B OD1 1 
ATOM   166  N ND2 . ASN A 1 19  ? 13.746  -3.605  -4.156  1.00 20.63 ? 25  ASN B ND2 1 
ATOM   167  N N   . SER A 1 20  ? 13.114  -6.229  -7.245  1.00 13.52 ? 26  SER B N   1 
ATOM   168  C CA  . SER A 1 20  ? 13.612  -7.477  -7.847  1.00 13.91 ? 26  SER B CA  1 
ATOM   169  C C   . SER A 1 20  ? 13.682  -8.624  -6.844  1.00 14.37 ? 26  SER B C   1 
ATOM   170  O O   . SER A 1 20  ? 13.879  -9.747  -7.323  1.00 15.50 ? 26  SER B O   1 
ATOM   171  C CB  . SER A 1 20  ? 14.962  -7.240  -8.475  1.00 16.40 ? 26  SER B CB  1 
ATOM   172  O OG  . SER A 1 20  ? 15.864  -6.838  -7.461  1.00 19.15 ? 26  SER B OG  1 
ATOM   173  N N   . TRP A 1 21  ? 13.496  -8.414  -5.546  1.00 13.68 ? 27  TRP B N   1 
ATOM   174  C CA  . TRP A 1 21  ? 13.456  -9.507  -4.549  1.00 13.29 ? 27  TRP B CA  1 
ATOM   175  C C   . TRP A 1 21  ? 12.038  -9.946  -4.242  1.00 13.52 ? 27  TRP B C   1 
ATOM   176  O O   . TRP A 1 21  ? 11.891  -10.925 -3.537  1.00 14.09 ? 27  TRP B O   1 
ATOM   177  C CB  . TRP A 1 21  ? 14.128  -9.050  -3.284  1.00 14.92 ? 27  TRP B CB  1 
ATOM   178  C CG  . TRP A 1 21  ? 15.618  -8.990  -3.417  1.00 16.21 ? 27  TRP B CG  1 
ATOM   179  C CD1 . TRP A 1 21  ? 16.352  -8.382  -4.398  1.00 17.54 ? 27  TRP B CD1 1 
ATOM   180  C CD2 . TRP A 1 21  ? 16.550  -9.492  -2.456  1.00 18.18 ? 27  TRP B CD2 1 
ATOM   181  N NE1 . TRP A 1 21  ? 17.699  -8.532  -4.139  1.00 21.15 ? 27  TRP B NE1 1 
ATOM   182  C CE2 . TRP A 1 21  ? 17.839  -9.169  -2.941  1.00 17.65 ? 27  TRP B CE2 1 
ATOM   183  C CE3 . TRP A 1 21  ? 16.417  -10.200 -1.257  1.00 19.67 ? 27  TRP B CE3 1 
ATOM   184  C CZ2 . TRP A 1 21  ? 18.994  -9.539  -2.230  1.00 21.39 ? 27  TRP B CZ2 1 
ATOM   185  C CZ3 . TRP A 1 21  ? 17.559  -10.555 -0.555  1.00 21.75 ? 27  TRP B CZ3 1 
ATOM   186  C CH2 . TRP A 1 21  ? 18.819  -10.200 -1.031  1.00 22.67 ? 27  TRP B CH2 1 
ATOM   187  N N   . LEU A 1 22  ? 11.015  -9.311  -4.849  1.00 13.51 ? 28  LEU B N   1 
ATOM   188  C CA  . LEU A 1 22  ? 9.628   -9.706  -4.511  1.00 13.69 ? 28  LEU B CA  1 
ATOM   189  C C   . LEU A 1 22  ? 9.195   -10.896 -5.383  1.00 14.95 ? 28  LEU B C   1 
ATOM   190  O O   . LEU A 1 22  ? 9.560   -11.003 -6.567  1.00 14.67 ? 28  LEU B O   1 
ATOM   191  C CB  . LEU A 1 22  ? 8.671   -8.523  -4.734  1.00 12.70 ? 28  LEU B CB  1 
ATOM   192  C CG  . LEU A 1 22  ? 8.929   -7.311  -3.848  1.00 14.41 ? 28  LEU B CG  1 
ATOM   193  C CD1 . LEU A 1 22  ? 7.892   -6.228  -4.094  1.00 14.11 ? 28  LEU B CD1 1 
ATOM   194  C CD2 . LEU A 1 22  ? 8.936   -7.684  -2.396  1.00 15.58 ? 28  LEU B CD2 1 
ATOM   195  N N   . ILE A 1 23  ? 8.314   -11.679 -4.795  1.00 14.09 ? 29  ILE B N   1 
ATOM   196  C CA  . ILE A 1 23  ? 7.652   -12.822 -5.475  1.00 14.47 ? 29  ILE B CA  1 
ATOM   197  C C   . ILE A 1 23  ? 6.153   -12.558 -5.458  1.00 15.39 ? 29  ILE B C   1 
ATOM   198  O O   . ILE A 1 23  ? 5.536   -12.513 -4.367  1.00 15.56 ? 29  ILE B O   1 
ATOM   199  C CB  . ILE A 1 23  ? 7.974   -14.146 -4.796  1.00 16.40 ? 29  ILE B CB  1 
ATOM   200  C CG1 . ILE A 1 23  ? 9.495   -14.424 -4.752  1.00 17.17 ? 29  ILE B CG1 1 
ATOM   201  C CG2 . ILE A 1 23  ? 7.198   -15.300 -5.471  1.00 17.44 ? 29  ILE B CG2 1 
ATOM   202  C CD1 . ILE A 1 23  ? 9.875   -15.565 -3.899  1.00 19.03 ? 29  ILE B CD1 1 
ATOM   203  N N   . ILE A 1 24  ? 5.631   -12.349 -6.655  1.00 17.06 ? 30  ILE B N   1 
ATOM   204  C CA  . ILE A 1 24  ? 4.182   -12.112 -6.860  1.00 18.40 ? 30  ILE B CA  1 
ATOM   205  C C   . ILE A 1 24  ? 3.557   -13.416 -7.314  1.00 19.64 ? 30  ILE B C   1 
ATOM   206  O O   . ILE A 1 24  ? 4.095   -14.080 -8.265  1.00 20.71 ? 30  ILE B O   1 
ATOM   207  C CB  . ILE A 1 24  ? 3.964   -10.974 -7.843  1.00 18.98 ? 30  ILE B CB  1 
ATOM   208  C CG1 . ILE A 1 24  ? 4.382   -9.649  -7.216  1.00 21.51 ? 30  ILE B CG1 1 
ATOM   209  C CG2 . ILE A 1 24  ? 2.502   -10.914 -8.272  1.00 18.33 ? 30  ILE B CG2 1 
ATOM   210  C CD1 . ILE A 1 24  ? 4.512   -8.593  -8.176  1.00 24.73 ? 30  ILE B CD1 1 
ATOM   211  N N   . SER A 1 25  ? 2.441   -13.777 -6.715  1.00 18.01 ? 31  SER B N   1 
ATOM   212  C CA  . SER A 1 25  ? 1.765   -15.038 -7.043  1.00 17.77 ? 31  SER B CA  1 
ATOM   213  C C   . SER A 1 25  ? 1.223   -15.018 -8.482  1.00 17.31 ? 31  SER B C   1 
ATOM   214  O O   . SER A 1 25  ? 1.058   -13.967 -9.099  1.00 18.27 ? 31  SER B O   1 
ATOM   215  C CB  . SER A 1 25  ? 0.685   -15.246 -6.048  1.00 18.28 ? 31  SER B CB  1 
ATOM   216  O OG  . SER A 1 25  ? -0.298  -14.218 -6.164  1.00 18.77 ? 31  SER B OG  1 
ATOM   217  N N   . LYS A 1 26  ? 0.967   -16.222 -9.019  1.00 21.34 ? 32  LYS B N   1 
ATOM   218  C CA  . LYS A 1 26  ? 0.445   -16.415 -10.387 1.00 22.81 ? 32  LYS B CA  1 
ATOM   219  C C   . LYS A 1 26  ? -0.803  -15.560 -10.616 1.00 19.86 ? 32  LYS B C   1 
ATOM   220  O O   . LYS A 1 26  ? -0.914  -14.985 -11.693 1.00 23.02 ? 32  LYS B O   1 
ATOM   221  C CB  . LYS A 1 26  ? 0.118   -17.899 -10.562 1.00 26.28 ? 32  LYS B CB  1 
ATOM   222  C CG  . LYS A 1 26  ? -0.522  -18.218 -11.890 1.00 31.09 ? 32  LYS B CG  1 
ATOM   223  C CD  . LYS A 1 26  ? -0.362  -19.673 -12.234 1.00 29.81 ? 32  LYS B CD  1 
ATOM   224  C CE  . LYS A 1 26  ? -0.906  -20.602 -11.181 1.00 34.74 ? 32  LYS B CE  1 
ATOM   225  N NZ  . LYS A 1 26  ? -0.655  -21.992 -11.606 1.00 37.78 ? 32  LYS B NZ  1 
ATOM   226  N N   . ASP A 1 27  ? -1.680  -15.488 -9.617  1.00 21.54 ? 33  ASP B N   1 
ATOM   227  C CA  . ASP A 1 27  ? -2.967  -14.745 -9.730  1.00 21.01 ? 33  ASP B CA  1 
ATOM   228  C C   . ASP A 1 27  ? -2.750  -13.235 -9.546  1.00 19.87 ? 33  ASP B C   1 
ATOM   229  O O   . ASP A 1 27  ? -3.754  -12.488 -9.677  1.00 19.34 ? 33  ASP B O   1 
ATOM   230  C CB  . ASP A 1 27  ? -4.022  -15.309 -8.782  1.00 21.69 ? 33  ASP B CB  1 
ATOM   231  C CG  . ASP A 1 27  ? -3.795  -15.102 -7.301  1.00 22.48 ? 33  ASP B CG  1 
ATOM   232  O OD1 . ASP A 1 27  ? -2.760  -14.481 -6.903  1.00 22.70 ? 33  ASP B OD1 1 
ATOM   233  O OD2 . ASP A 1 27  ? -4.654  -15.566 -6.559  1.00 27.12 ? 33  ASP B OD2 1 
ATOM   234  N N   . ARG A 1 28  ? -1.525  -12.801 -9.264  1.00 18.15 ? 34  ARG B N   1 
ATOM   235  C CA  . ARG A 1 28  ? -1.174  -11.364 -9.093  1.00 17.20 ? 34  ARG B CA  1 
ATOM   236  C C   . ARG A 1 28  ? -1.975  -10.779 -7.898  1.00 14.63 ? 34  ARG B C   1 
ATOM   237  O O   . ARG A 1 28  ? -2.119  -9.548  -7.853  1.00 15.47 ? 34  ARG B O   1 
ATOM   238  C CB  . ARG A 1 28  ? -1.313  -10.613 -10.428 1.00 21.79 ? 34  ARG B CB  1 
ATOM   239  C CG  . ARG A 1 28  ? -0.408  -11.190 -11.519 1.00 25.98 ? 34  ARG B CG  1 
ATOM   240  C CD  . ARG A 1 28  ? -0.441  -10.508 -12.861 1.00 34.16 ? 34  ARG B CD  1 
ATOM   241  N NE  . ARG A 1 28  ? -1.765  -10.273 -13.406 1.00 45.03 ? 34  ARG B NE  1 
ATOM   242  C CZ  . ARG A 1 28  ? -2.403  -9.093  -13.427 1.00 58.82 ? 34  ARG B CZ  1 
ATOM   243  N NH1 . ARG A 1 28  ? -1.851  -7.995  -12.912 1.00 55.97 ? 34  ARG B NH1 1 
ATOM   244  N NH2 . ARG A 1 28  ? -3.604  -9.018  -13.985 1.00 63.13 ? 34  ARG B NH2 1 
ATOM   245  N N   . ARG A 1 29  ? -2.362  -11.583 -6.931  1.00 14.96 ? 35  ARG B N   1 
ATOM   246  C CA  . ARG A 1 29  ? -3.095  -11.095 -5.734  1.00 16.52 ? 35  ARG B CA  1 
ATOM   247  C C   . ARG A 1 29  ? -2.281  -11.189 -4.443  1.00 15.94 ? 35  ARG B C   1 
ATOM   248  O O   . ARG A 1 29  ? -2.783  -10.701 -3.393  1.00 16.51 ? 35  ARG B O   1 
ATOM   249  C CB  . ARG A 1 29  ? -4.418  -11.842 -5.561  1.00 17.76 ? 35  ARG B CB  1 
ATOM   250  C CG  . ARG A 1 29  ? -5.299  -11.626 -6.782  1.00 19.58 ? 35  ARG B CG  1 
ATOM   251  C CD  . ARG A 1 29  ? -6.160  -10.400 -6.703  1.00 21.42 ? 35  ARG B CD  1 
ATOM   252  N NE  . ARG A 1 29  ? -7.265  -10.632 -5.773  1.00 22.76 ? 35  ARG B NE  1 
ATOM   253  C CZ  . ARG A 1 29  ? -8.131  -9.688  -5.407  1.00 22.19 ? 35  ARG B CZ  1 
ATOM   254  N NH1 . ARG A 1 29  ? -8.026  -8.475  -5.899  1.00 23.42 ? 35  ARG B NH1 1 
ATOM   255  N NH2 . ARG A 1 29  ? -9.099  -9.983  -4.567  1.00 22.63 ? 35  ARG B NH2 1 
ATOM   256  N N   . GLN A 1 30  ? -1.095  -11.801 -4.427  1.00 13.80 ? 36  GLN B N   1 
ATOM   257  C CA  . GLN A 1 30  ? -0.233  -11.906 -3.235  1.00 14.30 ? 36  GLN B CA  1 
ATOM   258  C C   . GLN A 1 30  ? 1.195   -11.536 -3.605  1.00 13.42 ? 36  GLN B C   1 
ATOM   259  O O   . GLN A 1 30  ? 1.630   -11.712 -4.763  1.00 15.10 ? 36  GLN B O   1 
ATOM   260  C CB  . GLN A 1 30  ? -0.199  -13.303 -2.629  1.00 16.99 ? 36  GLN B CB  1 
ATOM   261  C CG  . GLN A 1 30  ? -1.553  -13.928 -2.507  1.00 21.08 ? 36  GLN B CG  1 
ATOM   262  C CD  . GLN A 1 30  ? -1.463  -15.203 -1.707  1.00 25.13 ? 36  GLN B CD  1 
ATOM   263  O OE1 . GLN A 1 30  ? -0.495  -15.468 -0.995  1.00 28.40 ? 36  GLN B OE1 1 
ATOM   264  N NE2 . GLN A 1 30  ? -2.506  -15.990 -1.821  1.00 31.54 ? 36  GLN B NE2 1 
ATOM   265  N N   . VAL A 1 31  ? 1.879   -10.955 -2.617  1.00 12.67 ? 37  VAL B N   1 
ATOM   266  C CA  . VAL A 1 31  ? 3.312   -10.598 -2.791  1.00 13.02 ? 37  VAL B CA  1 
ATOM   267  C C   . VAL A 1 31  ? 4.037   -10.876 -1.487  1.00 13.14 ? 37  VAL B C   1 
ATOM   268  O O   . VAL A 1 31  ? 3.542   -10.537 -0.426  1.00 12.84 ? 37  VAL B O   1 
ATOM   269  C CB  . VAL A 1 31  ? 3.492   -9.168  -3.314  1.00 12.10 ? 37  VAL B CB  1 
ATOM   270  C CG1 . VAL A 1 31  ? 2.823   -8.119  -2.410  1.00 12.20 ? 37  VAL B CG1 1 
ATOM   271  C CG2 . VAL A 1 31  ? 4.961   -8.829  -3.508  1.00 13.39 ? 37  VAL B CG2 1 
ATOM   272  N N   . ARG A 1 32  ? 5.251   -11.393 -1.570  1.00 13.02 ? 38  ARG B N   1 
ATOM   273  C CA  . ARG A 1 32  ? 6.111   -11.551 -0.386  1.00 14.25 ? 38  ARG B CA  1 
ATOM   274  C C   . ARG A 1 32  ? 7.550   -11.264 -0.772  1.00 14.54 ? 38  ARG B C   1 
ATOM   275  O O   . ARG A 1 32  ? 7.915   -11.294 -1.978  1.00 13.18 ? 38  ARG B O   1 
ATOM   276  C CB  . ARG A 1 32  ? 6.017   -12.954 0.216   1.00 15.42 ? 38  ARG B CB  1 
ATOM   277  C CG  . ARG A 1 32  ? 6.546   -14.052 -0.682  1.00 18.02 ? 38  ARG B CG  1 
ATOM   278  C CD  . ARG A 1 32  ? 6.190   -15.407 -0.073  1.00 21.59 ? 38  ARG B CD  1 
ATOM   279  N NE  . ARG A 1 32  ? 6.694   -16.485 -0.900  1.00 26.54 ? 38  ARG B NE  1 
ATOM   280  C CZ  . ARG A 1 32  ? 7.907   -17.007 -0.855  1.00 24.66 ? 38  ARG B CZ  1 
ATOM   281  N NH1 . ARG A 1 32  ? 8.831   -16.542 -0.042  1.00 29.90 ? 38  ARG B NH1 1 
ATOM   282  N NH2 . ARG A 1 32  ? 8.199   -18.014 -1.683  1.00 30.01 ? 38  ARG B NH2 1 
ATOM   283  N N   A MET A 1 33  ? 8.346   -11.025 0.264   0.25 14.20 ? 39  MET B N   1 
ATOM   284  N N   B MET A 1 33  ? 8.386   -10.971 0.222   0.25 15.72 ? 39  MET B N   1 
ATOM   285  C CA  A MET A 1 33  ? 9.812   -10.844 0.174   0.25 15.59 ? 39  MET B CA  1 
ATOM   286  C CA  B MET A 1 33  ? 9.826   -10.692 -0.030  0.25 18.08 ? 39  MET B CA  1 
ATOM   287  C C   A MET A 1 33  ? 10.451  -12.207 -0.109  0.25 15.90 ? 39  MET B C   1 
ATOM   288  C C   B MET A 1 33  ? 10.596  -12.013 -0.024  0.25 17.62 ? 39  MET B C   1 
ATOM   289  O O   A MET A 1 33  ? 10.144  -13.184 0.580   0.25 15.33 ? 39  MET B O   1 
ATOM   290  O O   B MET A 1 33  ? 10.592  -12.693 1.030   0.25 16.87 ? 39  MET B O   1 
ATOM   291  C CB  A MET A 1 33  ? 10.353  -10.254 1.480   0.25 15.85 ? 39  MET B CB  1 
ATOM   292  C CB  B MET A 1 33  ? 10.459  -9.756  1.001   0.25 20.50 ? 39  MET B CB  1 
ATOM   293  C CG  A MET A 1 33  ? 11.846  -9.951  1.438   0.25 17.45 ? 39  MET B CG  1 
ATOM   294  C CG  B MET A 1 33  ? 11.965  -9.559  0.733   0.25 24.05 ? 39  MET B CG  1 
ATOM   295  S SD  A MET A 1 33  ? 12.273  -8.790  0.084   0.25 18.03 ? 39  MET B SD  1 
ATOM   296  S SD  B MET A 1 33  ? 12.577  -7.932  1.234   0.25 27.42 ? 39  MET B SD  1 
ATOM   297  C CE  A MET A 1 33  ? 13.758  -8.022  0.733   0.25 18.50 ? 39  MET B CE  1 
ATOM   298  C CE  B MET A 1 33  ? 14.033  -7.799  0.198   0.25 26.64 ? 39  MET B CE  1 
ATOM   299  N N   . GLY A 1 34  ? 11.266  -12.288 -1.151  1.00 16.32 ? 40  GLY B N   1 
ATOM   300  C CA  . GLY A 1 34  ? 12.095  -13.486 -1.380  1.00 18.04 ? 40  GLY B CA  1 
ATOM   301  C C   . GLY A 1 34  ? 13.378  -13.410 -0.572  1.00 18.45 ? 40  GLY B C   1 
ATOM   302  O O   . GLY A 1 34  ? 13.682  -12.341 0.008   1.00 18.66 ? 40  GLY B O   1 
ATOM   303  N N   . ASP A 1 35  ? 14.095  -14.542 -0.472  1.00 23.02 ? 41  ASP B N   1 
ATOM   304  C CA  . ASP A 1 35  ? 15.355  -14.552 0.329   1.00 26.76 ? 41  ASP B CA  1 
ATOM   305  C C   . ASP A 1 35  ? 16.539  -14.159 -0.577  1.00 27.41 ? 41  ASP B C   1 
ATOM   306  O O   . ASP A 1 35  ? 17.664  -14.068 -0.055  1.00 28.58 ? 41  ASP B O   1 
ATOM   307  C CB  . ASP A 1 35  ? 15.549  -15.883 1.076   1.00 34.25 ? 41  ASP B CB  1 
ATOM   308  C CG  . ASP A 1 35  ? 14.698  -16.042 2.341   1.00 45.87 ? 41  ASP B CG  1 
ATOM   309  O OD1 . ASP A 1 35  ? 14.342  -15.008 2.969   1.00 49.86 ? 41  ASP B OD1 1 
ATOM   310  O OD2 . ASP A 1 35  ? 14.403  -17.202 2.717   1.00 48.80 ? 41  ASP B OD2 1 
ATOM   311  N N   . THR A 1 36  ? 16.291  -13.786 -1.833  1.00 21.52 ? 42  THR B N   1 
ATOM   312  C CA  . THR A 1 36  ? 17.349  -13.454 -2.832  1.00 20.53 ? 42  THR B CA  1 
ATOM   313  C C   . THR A 1 36  ? 16.747  -12.663 -4.001  1.00 18.07 ? 42  THR B C   1 
ATOM   314  O O   . THR A 1 36  ? 15.466  -12.599 -4.184  1.00 16.52 ? 42  THR B O   1 
ATOM   315  C CB  . THR A 1 36  ? 18.013  -14.752 -3.312  1.00 22.18 ? 42  THR B CB  1 
ATOM   316  O OG1 . THR A 1 36  ? 19.173  -14.409 -4.053  1.00 23.53 ? 42  THR B OG1 1 
ATOM   317  C CG2 . THR A 1 36  ? 17.100  -15.559 -4.208  1.00 24.98 ? 42  THR B CG2 1 
ATOM   318  N N   . HIS A 1 37  ? 17.572  -12.129 -4.893  1.00 18.81 ? 43  HIS B N   1 
ATOM   319  C CA  . HIS A 1 37  ? 17.132  -11.604 -6.222  1.00 17.84 ? 43  HIS B CA  1 
ATOM   320  C C   . HIS A 1 37  ? 16.330  -12.650 -6.992  1.00 19.55 ? 43  HIS B C   1 
ATOM   321  O O   . HIS A 1 37  ? 16.812  -13.813 -7.128  1.00 20.67 ? 43  HIS B O   1 
ATOM   322  C CB  . HIS A 1 37  ? 18.357  -11.094 -6.998  1.00 18.27 ? 43  HIS B CB  1 
ATOM   323  C CG  . HIS A 1 37  ? 18.091  -10.369 -8.278  1.00 16.71 ? 43  HIS B CG  1 
ATOM   324  N ND1 . HIS A 1 37  ? 17.632  -10.978 -9.439  1.00 17.59 ? 43  HIS B ND1 1 
ATOM   325  C CD2 . HIS A 1 37  ? 18.352  -9.090  -8.603  1.00 16.37 ? 43  HIS B CD2 1 
ATOM   326  C CE1 . HIS A 1 37  ? 17.579  -10.071 -10.408 1.00 17.57 ? 43  HIS B CE1 1 
ATOM   327  N NE2 . HIS A 1 37  ? 18.020  -8.883  -9.898  1.00 17.53 ? 43  HIS B NE2 1 
ATOM   328  N N   . GLN A 1 38  ? 15.191  -12.263 -7.595  1.00 17.52 ? 44  GLN B N   1 
ATOM   329  C CA  . GLN A 1 38  ? 14.245  -13.208 -8.230  1.00 18.31 ? 44  GLN B CA  1 
ATOM   330  C C   . GLN A 1 38  ? 14.489  -13.440 -9.732  1.00 19.95 ? 44  GLN B C   1 
ATOM   331  O O   . GLN A 1 38  ? 13.583  -13.951 -10.453 1.00 21.10 ? 44  GLN B O   1 
ATOM   332  C CB  . GLN A 1 38  ? 12.811  -12.774 -7.932  1.00 17.99 ? 44  GLN B CB  1 
ATOM   333  C CG  . GLN A 1 38  ? 12.482  -12.927 -6.480  1.00 17.22 ? 44  GLN B CG  1 
ATOM   334  C CD  . GLN A 1 38  ? 12.748  -14.300 -5.921  1.00 17.13 ? 44  GLN B CD  1 
ATOM   335  O OE1 . GLN A 1 38  ? 13.457  -14.480 -4.935  1.00 19.73 ? 44  GLN B OE1 1 
ATOM   336  N NE2 . GLN A 1 38  ? 12.274  -15.317 -6.614  1.00 16.50 ? 44  GLN B NE2 1 
ATOM   337  N N   . ASN A 1 39  ? 15.661  -13.084 -10.222 1.00 18.15 ? 45  ASN B N   1 
ATOM   338  C CA  . ASN A 1 39  ? 16.141  -13.496 -11.577 1.00 16.39 ? 45  ASN B CA  1 
ATOM   339  C C   . ASN A 1 39  ? 15.353  -12.773 -12.661 1.00 18.14 ? 45  ASN B C   1 
ATOM   340  O O   . ASN A 1 39  ? 15.142  -13.326 -13.734 1.00 21.85 ? 45  ASN B O   1 
ATOM   341  C CB  . ASN A 1 39  ? 16.217  -15.029 -11.725 1.00 18.00 ? 45  ASN B CB  1 
ATOM   342  C CG  . ASN A 1 39  ? 17.170  -15.424 -12.843 1.00 18.05 ? 45  ASN B CG  1 
ATOM   343  O OD1 . ASN A 1 39  ? 18.169  -14.751 -13.085 1.00 16.87 ? 45  ASN B OD1 1 
ATOM   344  N ND2 . ASN A 1 39  ? 16.860  -16.502 -13.556 1.00 16.31 ? 45  ASN B ND2 1 
ATOM   345  N N   . VAL A 1 40  ? 14.994  -11.514 -12.418 1.00 18.91 ? 46  VAL B N   1 
ATOM   346  C CA  . VAL A 1 40  ? 14.298  -10.631 -13.392 1.00 19.67 ? 46  VAL B CA  1 
ATOM   347  C C   . VAL A 1 40  ? 15.303  -9.588  -13.904 1.00 17.71 ? 46  VAL B C   1 
ATOM   348  O O   . VAL A 1 40  ? 16.224  -9.269  -13.156 1.00 19.46 ? 46  VAL B O   1 
ATOM   349  C CB  . VAL A 1 40  ? 13.079  -9.953  -12.744 1.00 20.49 ? 46  VAL B CB  1 
ATOM   350  C CG1 . VAL A 1 40  ? 12.016  -10.970 -12.397 1.00 23.40 ? 46  VAL B CG1 1 
ATOM   351  C CG2 . VAL A 1 40  ? 13.443  -9.134  -11.514 1.00 20.91 ? 46  VAL B CG2 1 
ATOM   352  N N   . SER A 1 41  ? 15.083  -9.044  -15.101 1.00 20.93 ? 47  SER B N   1 
ATOM   353  C CA  . SER A 1 41  ? 15.860  -7.895  -15.621 1.00 21.45 ? 47  SER B CA  1 
ATOM   354  C C   . SER A 1 41  ? 15.489  -6.618  -14.865 1.00 21.59 ? 47  SER B C   1 
ATOM   355  O O   . SER A 1 41  ? 14.369  -6.501  -14.355 1.00 19.74 ? 47  SER B O   1 
ATOM   356  C CB  . SER A 1 41  ? 15.693  -7.731  -17.128 1.00 24.33 ? 47  SER B CB  1 
ATOM   357  O OG  . SER A 1 41  ? 14.329  -7.542  -17.454 1.00 26.45 ? 47  SER B OG  1 
ATOM   358  N N   . ASP A 1 42  ? 16.395  -5.664  -14.829 1.00 20.85 ? 48  ASP B N   1 
ATOM   359  C CA  . ASP A 1 42  ? 16.111  -4.341  -14.243 1.00 20.26 ? 48  ASP B CA  1 
ATOM   360  C C   . ASP A 1 42  ? 15.352  -3.529  -15.287 1.00 22.53 ? 48  ASP B C   1 
ATOM   361  O O   . ASP A 1 42  ? 15.421  -3.832  -16.492 1.00 23.11 ? 48  ASP B O   1 
ATOM   362  C CB  . ASP A 1 42  ? 17.385  -3.665  -13.774 1.00 22.96 ? 48  ASP B CB  1 
ATOM   363  C CG  . ASP A 1 42  ? 17.086  -2.443  -12.938 1.00 27.47 ? 48  ASP B CG  1 
ATOM   364  O OD1 . ASP A 1 42  ? 16.085  -2.464  -12.097 1.00 20.66 ? 48  ASP B OD1 1 
ATOM   365  O OD2 . ASP A 1 42  ? 17.774  -1.439  -13.209 1.00 33.85 ? 48  ASP B OD2 1 
ATOM   366  N N   . ASN A 1 43  ? 14.576  -2.551  -14.813 1.00 19.86 ? 49  ASN B N   1 
ATOM   367  C CA  . ASN A 1 43  ? 13.832  -1.618  -15.689 1.00 21.44 ? 49  ASN B CA  1 
ATOM   368  C C   . ASN A 1 43  ? 13.585  -0.337  -14.892 1.00 22.87 ? 49  ASN B C   1 
ATOM   369  O O   . ASN A 1 43  ? 13.842  -0.307  -13.674 1.00 21.59 ? 49  ASN B O   1 
ATOM   370  C CB  . ASN A 1 43  ? 12.580  -2.236  -16.273 1.00 20.34 ? 49  ASN B CB  1 
ATOM   371  C CG  . ASN A 1 43  ? 11.493  -2.461  -15.239 1.00 21.13 ? 49  ASN B CG  1 
ATOM   372  O OD1 . ASN A 1 43  ? 11.099  -1.529  -14.548 1.00 22.87 ? 49  ASN B OD1 1 
ATOM   373  N ND2 . ASN A 1 43  ? 11.055  -3.671  -15.085 1.00 20.14 ? 49  ASN B ND2 1 
ATOM   374  N N   . LYS A 1 44  ? 13.162  0.715   -15.567 1.00 21.65 ? 50  LYS B N   1 
ATOM   375  C CA  . LYS A 1 44  ? 13.094  2.047   -14.930 1.00 23.41 ? 50  LYS B CA  1 
ATOM   376  C C   . LYS A 1 44  ? 11.869  2.118   -13.996 1.00 20.36 ? 50  LYS B C   1 
ATOM   377  O O   . LYS A 1 44  ? 11.851  3.054   -13.144 1.00 20.91 ? 50  LYS B O   1 
ATOM   378  C CB  . LYS A 1 44  ? 12.948  3.122   -16.019 1.00 25.91 ? 50  LYS B CB  1 
ATOM   379  C CG  . LYS A 1 44  ? 11.700  2.960   -16.868 1.00 31.02 ? 50  LYS B CG  1 
ATOM   380  C CD  . LYS A 1 44  ? 11.687  3.747   -18.184 1.00 40.78 ? 50  LYS B CD  1 
ATOM   381  C CE  . LYS A 1 44  ? 10.273  4.009   -18.660 1.00 45.76 ? 50  LYS B CE  1 
ATOM   382  N NZ  . LYS A 1 44  ? 10.165  5.354   -19.269 1.00 51.11 ? 50  LYS B NZ  1 
ATOM   383  N N   . GLU A 1 45  ? 10.907  1.204   -14.142 1.00 19.68 ? 51  GLU B N   1 
ATOM   384  C CA  . GLU A 1 45  ? 9.699   1.177   -13.246 1.00 19.52 ? 51  GLU B CA  1 
ATOM   385  C C   . GLU A 1 45  ? 10.015  0.579   -11.851 1.00 18.54 ? 51  GLU B C   1 
ATOM   386  O O   . GLU A 1 45  ? 9.278   0.872   -10.879 1.00 18.46 ? 51  GLU B O   1 
ATOM   387  C CB  . GLU A 1 45  ? 8.586   0.365   -13.885 1.00 23.02 ? 51  GLU B CB  1 
ATOM   388  C CG  . GLU A 1 45  ? 8.053   0.911   -15.198 1.00 29.66 ? 51  GLU B CG  1 
ATOM   389  C CD  . GLU A 1 45  ? 6.925   0.035   -15.715 1.00 37.24 ? 51  GLU B CD  1 
ATOM   390  O OE1 . GLU A 1 45  ? 7.158   -0.699  -16.700 1.00 48.96 ? 51  GLU B OE1 1 
ATOM   391  O OE2 . GLU A 1 45  ? 5.827   0.040   -15.119 1.00 47.74 ? 51  GLU B OE2 1 
ATOM   392  N N   . ARG A 1 46  ? 11.003  -0.295  -11.712 1.00 16.89 ? 52  ARG B N   1 
ATOM   393  C CA  . ARG A 1 46  ? 11.162  -1.061  -10.449 1.00 16.06 ? 52  ARG B CA  1 
ATOM   394  C C   . ARG A 1 46  ? 11.611  -0.184  -9.284  1.00 15.55 ? 52  ARG B C   1 
ATOM   395  O O   . ARG A 1 46  ? 12.582  0.612   -9.392  1.00 16.62 ? 52  ARG B O   1 
ATOM   396  C CB  . ARG A 1 46  ? 12.204  -2.178  -10.599 1.00 15.03 ? 52  ARG B CB  1 
ATOM   397  C CG  . ARG A 1 46  ? 11.857  -3.272  -11.575 1.00 16.65 ? 52  ARG B CG  1 
ATOM   398  C CD  . ARG A 1 46  ? 12.704  -4.522  -11.268 1.00 15.11 ? 52  ARG B CD  1 
ATOM   399  N NE  . ARG A 1 46  ? 12.447  -5.473  -12.330 1.00 16.52 ? 52  ARG B NE  1 
ATOM   400  C CZ  . ARG A 1 46  ? 11.321  -6.159  -12.473 1.00 16.27 ? 52  ARG B CZ  1 
ATOM   401  N NH1 . ARG A 1 46  ? 10.366  -6.150  -11.542 1.00 16.05 ? 52  ARG B NH1 1 
ATOM   402  N NH2 . ARG A 1 46  ? 11.154  -6.934  -13.537 1.00 19.69 ? 52  ARG B NH2 1 
ATOM   403  N N   . PHE A 1 47  ? 10.962  -0.299  -8.128  1.00 13.70 ? 53  PHE B N   1 
ATOM   404  C CA  . PHE A 1 47  ? 11.456  0.334   -6.894  1.00 13.25 ? 53  PHE B CA  1 
ATOM   405  C C   . PHE A 1 47  ? 12.799  -0.331  -6.533  1.00 15.65 ? 53  PHE B C   1 
ATOM   406  O O   . PHE A 1 47  ? 12.834  -1.552  -6.290  1.00 16.47 ? 53  PHE B O   1 
ATOM   407  C CB  . PHE A 1 47  ? 10.458  0.211   -5.750  1.00 12.98 ? 53  PHE B CB  1 
ATOM   408  C CG  . PHE A 1 47  ? 9.258   1.099   -5.949  1.00 12.84 ? 53  PHE B CG  1 
ATOM   409  C CD1 . PHE A 1 47  ? 9.335   2.445   -5.627  1.00 13.44 ? 53  PHE B CD1 1 
ATOM   410  C CD2 . PHE A 1 47  ? 8.055   0.572   -6.389  1.00 14.01 ? 53  PHE B CD2 1 
ATOM   411  C CE1 . PHE A 1 47  ? 8.218   3.266   -5.743  1.00 14.40 ? 53  PHE B CE1 1 
ATOM   412  C CE2 . PHE A 1 47  ? 6.952   1.408   -6.512  1.00 14.16 ? 53  PHE B CE2 1 
ATOM   413  C CZ  . PHE A 1 47  ? 7.054   2.749   -6.205  1.00 13.33 ? 53  PHE B CZ  1 
ATOM   414  N N   . SER A 1 48  ? 13.865  0.443   -6.473  1.00 16.12 ? 54  SER B N   1 
ATOM   415  C CA  . SER A 1 48  ? 15.216  -0.138  -6.265  1.00 17.32 ? 54  SER B CA  1 
ATOM   416  C C   . SER A 1 48  ? 15.553  -0.336  -4.785  1.00 17.08 ? 54  SER B C   1 
ATOM   417  O O   . SER A 1 48  ? 16.240  -1.336  -4.464  1.00 19.78 ? 54  SER B O   1 
ATOM   418  C CB  . SER A 1 48  ? 16.252  0.722   -6.965  1.00 17.69 ? 54  SER B CB  1 
ATOM   419  O OG  . SER A 1 48  ? 16.298  2.020   -6.442  1.00 17.93 ? 54  SER B OG  1 
ATOM   420  N N   . ASN A 1 49  ? 15.196  0.571   -3.901  1.00 15.59 ? 55  ASN B N   1 
ATOM   421  C CA  . ASN A 1 49  ? 15.752  0.641   -2.527  1.00 16.41 ? 55  ASN B CA  1 
ATOM   422  C C   . ASN A 1 49  ? 14.902  -0.131  -1.514  1.00 15.85 ? 55  ASN B C   1 
ATOM   423  O O   . ASN A 1 49  ? 15.386  -0.388  -0.367  1.00 18.12 ? 55  ASN B O   1 
ATOM   424  C CB  . ASN A 1 49  ? 15.962  2.059   -2.021  1.00 17.26 ? 55  ASN B CB  1 
ATOM   425  C CG  . ASN A 1 49  ? 17.141  2.772   -2.676  1.00 21.90 ? 55  ASN B CG  1 
ATOM   426  O OD1 . ASN A 1 49  ? 17.347  2.657   -3.881  1.00 24.14 ? 55  ASN B OD1 1 
ATOM   427  N ND2 . ASN A 1 49  ? 17.887  3.525   -1.867  1.00 24.21 ? 55  ASN B ND2 1 
ATOM   428  N N   . TYR A 1 50  ? 13.620  -0.341  -1.826  1.00 13.99 ? 56  TYR B N   1 
ATOM   429  C CA  . TYR A 1 50  ? 12.673  -0.843  -0.813  1.00 13.77 ? 56  TYR B CA  1 
ATOM   430  C C   . TYR A 1 50  ? 11.807  -1.929  -1.436  1.00 13.31 ? 56  TYR B C   1 
ATOM   431  O O   . TYR A 1 50  ? 11.578  -1.948  -2.647  1.00 13.98 ? 56  TYR B O   1 
ATOM   432  C CB  . TYR A 1 50  ? 11.757  0.291   -0.335  1.00 13.81 ? 56  TYR B CB  1 
ATOM   433  C CG  . TYR A 1 50  ? 12.446  1.593   0.001   1.00 15.20 ? 56  TYR B CG  1 
ATOM   434  C CD1 . TYR A 1 50  ? 13.213  1.681   1.150   1.00 17.97 ? 56  TYR B CD1 1 
ATOM   435  C CD2 . TYR A 1 50  ? 12.384  2.711   -0.828  1.00 15.44 ? 56  TYR B CD2 1 
ATOM   436  C CE1 . TYR A 1 50  ? 13.860  2.871   1.500   1.00 20.11 ? 56  TYR B CE1 1 
ATOM   437  C CE2 . TYR A 1 50  ? 13.082  3.875   -0.531  1.00 17.16 ? 56  TYR B CE2 1 
ATOM   438  C CZ  . TYR A 1 50  ? 13.779  3.966   0.662   1.00 18.64 ? 56  TYR B CZ  1 
ATOM   439  O OH  . TYR A 1 50  ? 14.414  5.141   0.999   1.00 19.71 ? 56  TYR B OH  1 
ATOM   440  N N   . PRO A 1 51  ? 11.191  -2.810  -0.599  1.00 12.70 ? 57  PRO B N   1 
ATOM   441  C CA  . PRO A 1 51  ? 10.402  -3.931  -1.119  1.00 12.93 ? 57  PRO B CA  1 
ATOM   442  C C   . PRO A 1 51  ? 8.960   -3.573  -1.539  1.00 11.65 ? 57  PRO B C   1 
ATOM   443  O O   . PRO A 1 51  ? 7.992   -4.093  -1.016  1.00 13.03 ? 57  PRO B O   1 
ATOM   444  C CB  . PRO A 1 51  ? 10.370  -4.927  0.065   1.00 14.31 ? 57  PRO B CB  1 
ATOM   445  C CG  . PRO A 1 51  ? 11.391  -4.393  1.067   1.00 14.75 ? 57  PRO B CG  1 
ATOM   446  C CD  . PRO A 1 51  ? 11.428  -2.925  0.832   1.00 13.80 ? 57  PRO B CD  1 
ATOM   447  N N   . MET A 1 52  ? 8.887   -2.622  -2.482  1.00 12.17 ? 58  MET B N   1 
ATOM   448  C CA  . MET A 1 52  ? 7.625   -1.983  -2.946  1.00 10.98 ? 58  MET B CA  1 
ATOM   449  C C   . MET A 1 52  ? 7.177   -2.491  -4.299  1.00 11.20 ? 58  MET B C   1 
ATOM   450  O O   . MET A 1 52  ? 7.968   -2.986  -5.138  1.00 11.76 ? 58  MET B O   1 
ATOM   451  C CB  . MET A 1 52  ? 7.811   -0.467  -3.004  1.00 11.36 ? 58  MET B CB  1 
ATOM   452  C CG  . MET A 1 52  ? 8.029   0.133   -1.646  1.00 11.20 ? 58  MET B CG  1 
ATOM   453  S SD  . MET A 1 52  ? 8.678   1.841   -1.807  1.00 13.37 ? 58  MET B SD  1 
ATOM   454  C CE  . MET A 1 52  ? 8.854   2.387   -0.117  1.00 13.68 ? 58  MET B CE  1 
ATOM   455  N N   . VAL A 1 53  ? 5.869   -2.394  -4.528  1.00 11.06 ? 59  VAL B N   1 
ATOM   456  C CA  . VAL A 1 53  ? 5.235   -2.803  -5.803  1.00 12.06 ? 59  VAL B CA  1 
ATOM   457  C C   . VAL A 1 53  ? 3.943   -1.988  -5.929  1.00 12.69 ? 59  VAL B C   1 
ATOM   458  O O   . VAL A 1 53  ? 3.342   -1.608  -4.885  1.00 12.06 ? 59  VAL B O   1 
ATOM   459  C CB  . VAL A 1 53  ? 5.002   -4.325  -5.884  1.00 12.00 ? 59  VAL B CB  1 
ATOM   460  C CG1 . VAL A 1 53  ? 4.072   -4.806  -4.800  1.00 12.59 ? 59  VAL B CG1 1 
ATOM   461  C CG2 . VAL A 1 53  ? 4.484   -4.765  -7.263  1.00 12.28 ? 59  VAL B CG2 1 
ATOM   462  N N   . LEU A 1 54  ? 3.538   -1.719  -7.164  1.00 12.11 ? 60  LEU B N   1 
ATOM   463  C CA  . LEU A 1 54  ? 2.255   -1.033  -7.452  1.00 12.27 ? 60  LEU B CA  1 
ATOM   464  C C   . LEU A 1 54  ? 1.191   -1.988  -7.954  1.00 13.11 ? 60  LEU B C   1 
ATOM   465  O O   . LEU A 1 54  ? 1.485   -3.025  -8.635  1.00 13.91 ? 60  LEU B O   1 
ATOM   466  C CB  . LEU A 1 54  ? 2.433   0.071   -8.495  1.00 13.08 ? 60  LEU B CB  1 
ATOM   467  C CG  . LEU A 1 54  ? 3.495   1.103   -8.188  1.00 14.17 ? 60  LEU B CG  1 
ATOM   468  C CD1 . LEU A 1 54  ? 3.542   2.233   -9.197  1.00 15.53 ? 60  LEU B CD1 1 
ATOM   469  C CD2 . LEU A 1 54  ? 3.314   1.709   -6.810  1.00 13.67 ? 60  LEU B CD2 1 
ATOM   470  N N   . GLY A 1 55  ? -0.070  -1.624  -7.715  1.00 12.35 ? 61  GLY B N   1 
ATOM   471  C CA  . GLY A 1 55  ? -1.192  -2.233  -8.453  1.00 13.80 ? 61  GLY B CA  1 
ATOM   472  C C   . GLY A 1 55  ? -1.147  -1.849  -9.926  1.00 13.31 ? 61  GLY B C   1 
ATOM   473  O O   . GLY A 1 55  ? -0.637  -0.777  -10.292 1.00 13.90 ? 61  GLY B O   1 
ATOM   474  N N   . ALA A 1 56  ? -1.735  -2.680  -10.768 1.00 15.36 ? 62  ALA B N   1 
ATOM   475  C CA  . ALA A 1 56  ? -1.800  -2.456  -12.223 1.00 18.20 ? 62  ALA B CA  1 
ATOM   476  C C   . ALA A 1 56  ? -2.833  -1.374  -12.538 1.00 18.84 ? 62  ALA B C   1 
ATOM   477  O O   . ALA A 1 56  ? -2.651  -0.647  -13.556 1.00 22.82 ? 62  ALA B O   1 
ATOM   478  C CB  . ALA A 1 56  ? -2.127  -3.769  -12.852 1.00 18.97 ? 62  ALA B CB  1 
ATOM   479  N N   . GLN A 1 57  ? -3.851  -1.253  -11.690 1.00 17.57 ? 63  GLN B N   1 
ATOM   480  C CA  . GLN A 1 57  ? -4.974  -0.329  -11.973 1.00 17.25 ? 63  GLN B CA  1 
ATOM   481  C C   . GLN A 1 57  ? -4.488  1.110   -11.808 1.00 18.61 ? 63  GLN B C   1 
ATOM   482  O O   . GLN A 1 57  ? -3.700  1.411   -10.890 1.00 18.25 ? 63  GLN B O   1 
ATOM   483  C CB  . GLN A 1 57  ? -6.177  -0.668  -11.073 1.00 19.72 ? 63  GLN B CB  1 
ATOM   484  C CG  . GLN A 1 57  ? -6.858  -2.002  -11.380 1.00 21.53 ? 63  GLN B CG  1 
ATOM   485  C CD  . GLN A 1 57  ? -5.997  -3.217  -11.079 1.00 21.31 ? 63  GLN B CD  1 
ATOM   486  O OE1 . GLN A 1 57  ? -5.284  -3.249  -10.085 1.00 18.67 ? 63  GLN B OE1 1 
ATOM   487  N NE2 . GLN A 1 57  ? -6.034  -4.228  -11.921 1.00 23.63 ? 63  GLN B NE2 1 
ATOM   488  N N   . ARG A 1 58  ? -4.976  2.012   -12.661 1.00 18.98 ? 64  ARG B N   1 
ATOM   489  C CA  . ARG A 1 58  ? -4.790  3.466   -12.558 1.00 18.66 ? 64  ARG B CA  1 
ATOM   490  C C   . ARG A 1 58  ? -6.156  4.135   -12.380 1.00 17.15 ? 64  ARG B C   1 
ATOM   491  O O   . ARG A 1 58  ? -7.108  3.728   -13.066 1.00 20.47 ? 64  ARG B O   1 
ATOM   492  C CB  . ARG A 1 58  ? -4.196  4.069   -13.841 1.00 24.27 ? 64  ARG B CB  1 
ATOM   493  C CG  . ARG A 1 58  ? -2.707  3.841   -14.105 1.00 32.18 ? 64  ARG B CG  1 
ATOM   494  C CD  . ARG A 1 58  ? -2.242  2.414   -13.925 1.00 34.48 ? 64  ARG B CD  1 
ATOM   495  N NE  . ARG A 1 58  ? -1.088  1.825   -14.628 1.00 39.66 ? 64  ARG B NE  1 
ATOM   496  C CZ  . ARG A 1 58  ? -0.161  2.419   -15.389 1.00 41.65 ? 64  ARG B CZ  1 
ATOM   497  N NH1 . ARG A 1 58  ? 0.800   1.670   -15.908 1.00 46.61 ? 64  ARG B NH1 1 
ATOM   498  N NH2 . ARG A 1 58  ? -0.164  3.712   -15.645 1.00 43.04 ? 64  ARG B NH2 1 
ATOM   499  N N   . PHE A 1 59  ? -6.275  5.038   -11.427 1.00 16.85 ? 65  PHE B N   1 
ATOM   500  C CA  . PHE A 1 59  ? -7.560  5.719   -11.093 1.00 17.38 ? 65  PHE B CA  1 
ATOM   501  C C   . PHE A 1 59  ? -7.388  7.229   -11.271 1.00 16.51 ? 65  PHE B C   1 
ATOM   502  O O   . PHE A 1 59  ? -6.467  7.814   -10.712 1.00 14.45 ? 65  PHE B O   1 
ATOM   503  C CB  . PHE A 1 59  ? -7.941  5.366   -9.637  1.00 18.85 ? 65  PHE B CB  1 
ATOM   504  C CG  . PHE A 1 59  ? -8.092  3.881   -9.383  1.00 20.35 ? 65  PHE B CG  1 
ATOM   505  C CD1 . PHE A 1 59  ? -8.955  3.125   -10.169 1.00 23.68 ? 65  PHE B CD1 1 
ATOM   506  C CD2 . PHE A 1 59  ? -7.412  3.250   -8.371  1.00 27.77 ? 65  PHE B CD2 1 
ATOM   507  C CE1 . PHE A 1 59  ? -9.125  1.764   -9.962  1.00 25.99 ? 65  PHE B CE1 1 
ATOM   508  C CE2 . PHE A 1 59  ? -7.609  1.892   -8.150  1.00 22.16 ? 65  PHE B CE2 1 
ATOM   509  C CZ  . PHE A 1 59  ? -8.431  1.157   -8.964  1.00 23.75 ? 65  PHE B CZ  1 
ATOM   510  N N   A SER A 1 60  ? -8.281  7.878   -12.029 0.25 16.14 ? 66  SER B N   1 
ATOM   511  N N   B SER A 1 60  ? -8.276  7.865   -12.044 0.25 16.60 ? 66  SER B N   1 
ATOM   512  C CA  A SER A 1 60  ? -8.261  9.351   -12.225 0.25 16.24 ? 66  SER B CA  1 
ATOM   513  C CA  B SER A 1 60  ? -8.285  9.335   -12.260 0.25 17.06 ? 66  SER B CA  1 
ATOM   514  C C   A SER A 1 60  ? -9.628  9.972   -11.887 0.25 15.85 ? 66  SER B C   1 
ATOM   515  C C   B SER A 1 60  ? -9.682  9.915   -12.028 0.25 17.13 ? 66  SER B C   1 
ATOM   516  O O   A SER A 1 60  ? -9.759  11.211  -11.955 0.25 15.73 ? 66  SER B O   1 
ATOM   517  O O   B SER A 1 60  ? -9.927  11.043  -12.482 0.25 16.47 ? 66  SER B O   1 
ATOM   518  C CB  A SER A 1 60  ? -7.789  9.683   -13.614 0.25 16.57 ? 66  SER B CB  1 
ATOM   519  C CB  B SER A 1 60  ? -7.832  9.660   -13.636 0.25 17.33 ? 66  SER B CB  1 
ATOM   520  O OG  A SER A 1 60  ? -6.378  9.451   -13.732 0.25 16.59 ? 66  SER B OG  1 
ATOM   521  O OG  B SER A 1 60  ? -8.675  9.030   -14.571 0.25 17.40 ? 66  SER B OG  1 
ATOM   522  N N   A SER A 1 61  ? -10.595 9.155   -11.472 0.25 15.22 ? 67  SER B N   1 
ATOM   523  N N   B SER A 1 61  ? -10.569 9.161   -11.386 0.25 17.31 ? 67  SER B N   1 
ATOM   524  C CA  A SER A 1 61  ? -11.953 9.614   -11.096 0.25 16.15 ? 67  SER B CA  1 
ATOM   525  C CA  B SER A 1 61  ? -11.952 9.595   -11.093 0.25 18.89 ? 67  SER B CA  1 
ATOM   526  C C   A SER A 1 61  ? -12.611 8.592   -10.162 0.25 17.30 ? 67  SER B C   1 
ATOM   527  C C   B SER A 1 61  ? -12.665 8.552   -10.235 0.25 18.89 ? 67  SER B C   1 
ATOM   528  O O   A SER A 1 61  ? -12.065 7.497   -10.024 0.25 17.43 ? 67  SER B O   1 
ATOM   529  O O   B SER A 1 61  ? -12.254 7.380   -10.278 0.25 18.38 ? 67  SER B O   1 
ATOM   530  C CB  A SER A 1 61  ? -12.771 9.820   -12.354 0.25 16.50 ? 67  SER B CB  1 
ATOM   531  C CB  B SER A 1 61  ? -12.699 9.819   -12.385 0.25 20.78 ? 67  SER B CB  1 
ATOM   532  O OG  A SER A 1 61  ? -13.124 8.572   -12.914 0.25 15.74 ? 67  SER B OG  1 
ATOM   533  O OG  B SER A 1 61  ? -14.051 10.120  -12.098 0.25 23.97 ? 67  SER B OG  1 
ATOM   534  N N   . GLY A 1 62  ? -13.737 8.960   -9.552  1.00 19.20 ? 68  GLY B N   1 
ATOM   535  C CA  . GLY A 1 62  ? -14.635 7.990   -8.900  1.00 20.44 ? 68  GLY B CA  1 
ATOM   536  C C   . GLY A 1 62  ? -14.200 7.617   -7.493  1.00 17.92 ? 68  GLY B C   1 
ATOM   537  O O   . GLY A 1 62  ? -13.284 8.233   -6.916  1.00 17.95 ? 68  GLY B O   1 
ATOM   538  N N   . LYS A 1 63  ? -14.907 6.637   -6.979  1.00 17.17 ? 69  LYS B N   1 
ATOM   539  C CA  . LYS A 1 63  ? -14.714 6.067   -5.645  1.00 17.42 ? 69  LYS B CA  1 
ATOM   540  C C   . LYS A 1 63  ? -14.282 4.623   -5.842  1.00 16.70 ? 69  LYS B C   1 
ATOM   541  O O   . LYS A 1 63  ? -14.914 3.881   -6.603  1.00 19.26 ? 69  LYS B O   1 
ATOM   542  C CB  . LYS A 1 63  ? -16.010 6.241   -4.855  1.00 18.86 ? 69  LYS B CB  1 
ATOM   543  C CG  . LYS A 1 63  ? -16.476 7.680   -4.624  1.00 20.02 ? 69  LYS B CG  1 
ATOM   544  C CD  . LYS A 1 63  ? -17.849 7.728   -3.888  1.00 24.33 ? 69  LYS B CD  1 
ATOM   545  C CE  . LYS A 1 63  ? -18.337 9.129   -3.588  1.00 28.10 ? 69  LYS B CE  1 
ATOM   546  N NZ  . LYS A 1 63  ? -19.656 9.095   -2.915  1.00 31.78 ? 69  LYS B NZ  1 
ATOM   547  N N   . MET A 1 64  ? -13.253 4.211   -5.107  1.00 15.09 ? 70  MET B N   1 
ATOM   548  C CA  . MET A 1 64  ? -12.622 2.882   -5.203  1.00 14.63 ? 70  MET B CA  1 
ATOM   549  C C   . MET A 1 64  ? -12.374 2.346   -3.794  1.00 13.94 ? 70  MET B C   1 
ATOM   550  O O   . MET A 1 64  ? -11.995 3.113   -2.918  1.00 15.78 ? 70  MET B O   1 
ATOM   551  C CB  . MET A 1 64  ? -11.255 2.990   -5.859  1.00 16.34 ? 70  MET B CB  1 
ATOM   552  C CG  . MET A 1 64  ? -11.259 3.214   -7.355  1.00 18.39 ? 70  MET B CG  1 
ATOM   553  S SD  . MET A 1 64  ? -11.816 4.840   -7.998  1.00 20.06 ? 70  MET B SD  1 
ATOM   554  C CE  . MET A 1 64  ? -10.729 5.972   -7.145  1.00 20.15 ? 70  MET B CE  1 
ATOM   555  N N   . TYR A 1 65  ? -12.540 1.066   -3.592  1.00 14.07 ? 71  TYR B N   1 
ATOM   556  C CA  . TYR A 1 65  ? -12.315 0.417   -2.284  1.00 14.76 ? 71  TYR B CA  1 
ATOM   557  C C   . TYR A 1 65  ? -11.659 -0.933  -2.532  1.00 15.11 ? 71  TYR B C   1 
ATOM   558  O O   . TYR A 1 65  ? -12.114 -1.716  -3.417  1.00 16.54 ? 71  TYR B O   1 
ATOM   559  C CB  . TYR A 1 65  ? -13.643 0.271   -1.531  1.00 16.83 ? 71  TYR B CB  1 
ATOM   560  C CG  . TYR A 1 65  ? -13.526 -0.420  -0.202  1.00 15.85 ? 71  TYR B CG  1 
ATOM   561  C CD1 . TYR A 1 65  ? -13.096 0.286   0.905   1.00 15.28 ? 71  TYR B CD1 1 
ATOM   562  C CD2 . TYR A 1 65  ? -13.811 -1.772  -0.066  1.00 17.20 ? 71  TYR B CD2 1 
ATOM   563  C CE1 . TYR A 1 65  ? -12.941 -0.335  2.138   1.00 16.49 ? 71  TYR B CE1 1 
ATOM   564  C CE2 . TYR A 1 65  ? -13.669 -2.403  1.154   1.00 16.31 ? 71  TYR B CE2 1 
ATOM   565  C CZ  . TYR A 1 65  ? -13.236 -1.690  2.250   1.00 16.37 ? 71  TYR B CZ  1 
ATOM   566  O OH  . TYR A 1 65  ? -13.119 -2.335  3.440   1.00 17.77 ? 71  TYR B OH  1 
ATOM   567  N N   . TRP A 1 66  ? -10.669 -1.272  -1.721  1.00 13.14 ? 72  TRP B N   1 
ATOM   568  C CA  . TRP A 1 66  ? -10.088 -2.633  -1.697  1.00 13.40 ? 72  TRP B CA  1 
ATOM   569  C C   . TRP A 1 66  ? -9.577  -2.980  -0.292  1.00 13.28 ? 72  TRP B C   1 
ATOM   570  O O   . TRP A 1 66  ? -9.482  -2.084  0.587   1.00 13.84 ? 72  TRP B O   1 
ATOM   571  C CB  . TRP A 1 66  ? -8.987  -2.810  -2.764  1.00 12.80 ? 72  TRP B CB  1 
ATOM   572  C CG  . TRP A 1 66  ? -7.765  -1.968  -2.621  1.00 13.42 ? 72  TRP B CG  1 
ATOM   573  C CD1 . TRP A 1 66  ? -6.562  -2.311  -2.030  1.00 13.05 ? 72  TRP B CD1 1 
ATOM   574  C CD2 . TRP A 1 66  ? -7.583  -0.629  -3.111  1.00 13.71 ? 72  TRP B CD2 1 
ATOM   575  N NE1 . TRP A 1 66  ? -5.663  -1.275  -2.160  1.00 13.42 ? 72  TRP B NE1 1 
ATOM   576  C CE2 . TRP A 1 66  ? -6.282  -0.208  -2.762  1.00 14.14 ? 72  TRP B CE2 1 
ATOM   577  C CE3 . TRP A 1 66  ? -8.428  0.282   -3.761  1.00 16.65 ? 72  TRP B CE3 1 
ATOM   578  C CZ2 . TRP A 1 66  ? -5.780  1.034   -3.100  1.00 14.53 ? 72  TRP B CZ2 1 
ATOM   579  C CZ3 . TRP A 1 66  ? -7.943  1.528   -4.076  1.00 17.60 ? 72  TRP B CZ3 1 
ATOM   580  C CH2 . TRP A 1 66  ? -6.645  1.907   -3.725  1.00 15.74 ? 72  TRP B CH2 1 
ATOM   581  N N   . GLU A 1 67  ? -9.297  -4.272  -0.051  1.00 13.44 ? 73  GLU B N   1 
ATOM   582  C CA  . GLU A 1 67  ? -8.861  -4.790  1.272   1.00 12.68 ? 73  GLU B CA  1 
ATOM   583  C C   . GLU A 1 67  ? -7.577  -5.579  1.126   1.00 13.18 ? 73  GLU B C   1 
ATOM   584  O O   . GLU A 1 67  ? -7.417  -6.258  0.108   1.00 13.63 ? 73  GLU B O   1 
ATOM   585  C CB  . GLU A 1 67  ? -9.941  -5.648  1.936   1.00 13.90 ? 73  GLU B CB  1 
ATOM   586  C CG  . GLU A 1 67  ? -11.145 -4.776  2.301   1.00 16.78 ? 73  GLU B CG  1 
ATOM   587  C CD  . GLU A 1 67  ? -12.281 -5.519  2.980   1.00 20.78 ? 73  GLU B CD  1 
ATOM   588  O OE1 . GLU A 1 67  ? -12.150 -6.779  3.142   1.00 23.88 ? 73  GLU B OE1 1 
ATOM   589  O OE2 . GLU A 1 67  ? -13.295 -4.847  3.398   1.00 19.99 ? 73  GLU B OE2 1 
ATOM   590  N N   . VAL A 1 68  ? -6.702  -5.427  2.109   1.00 13.84 ? 74  VAL B N   1 
ATOM   591  C CA  . VAL A 1 68  ? -5.403  -6.111  2.122   1.00 12.90 ? 74  VAL B CA  1 
ATOM   592  C C   . VAL A 1 68  ? -5.246  -6.871  3.442   1.00 12.88 ? 74  VAL B C   1 
ATOM   593  O O   . VAL A 1 68  ? -5.451  -6.277  4.517   1.00 13.32 ? 74  VAL B O   1 
ATOM   594  C CB  . VAL A 1 68  ? -4.252  -5.112  1.936   1.00 12.87 ? 74  VAL B CB  1 
ATOM   595  C CG1 . VAL A 1 68  ? -2.962  -5.902  1.851   1.00 14.52 ? 74  VAL B CG1 1 
ATOM   596  C CG2 . VAL A 1 68  ? -4.463  -4.227  0.726   1.00 14.74 ? 74  VAL B CG2 1 
ATOM   597  N N   . ASP A 1 69  ? -4.795  -8.126  3.358   1.00 13.34 ? 75  ASP B N   1 
ATOM   598  C CA  . ASP A 1 69  ? -4.488  -8.994  4.523   1.00 14.85 ? 75  ASP B CA  1 
ATOM   599  C C   . ASP A 1 69  ? -3.041  -8.748  4.920   1.00 13.19 ? 75  ASP B C   1 
ATOM   600  O O   . ASP A 1 69  ? -2.122  -8.809  4.024   1.00 14.00 ? 75  ASP B O   1 
ATOM   601  C CB  . ASP A 1 69  ? -4.744  -10.470 4.206   1.00 17.27 ? 75  ASP B CB  1 
ATOM   602  C CG  . ASP A 1 69  ? -4.757  -11.362 5.442   1.00 20.42 ? 75  ASP B CG  1 
ATOM   603  O OD1 . ASP A 1 69  ? -3.750  -11.419 6.125   1.00 19.97 ? 75  ASP B OD1 1 
ATOM   604  O OD2 . ASP A 1 69  ? -5.854  -11.838 5.819   1.00 26.89 ? 75  ASP B OD2 1 
ATOM   605  N N   . VAL A 1 70  ? -2.822  -8.406  6.187   1.00 13.63 ? 76  VAL B N   1 
ATOM   606  C CA  . VAL A 1 70  ? -1.495  -8.112  6.788   1.00 14.50 ? 76  VAL B CA  1 
ATOM   607  C C   . VAL A 1 70  ? -1.164  -9.114  7.920   1.00 14.79 ? 76  VAL B C   1 
ATOM   608  O O   . VAL A 1 70  ? -0.267  -8.844  8.729   1.00 14.65 ? 76  VAL B O   1 
ATOM   609  C CB  . VAL A 1 70  ? -1.422  -6.638  7.260   1.00 14.12 ? 76  VAL B CB  1 
ATOM   610  C CG1 . VAL A 1 70  ? -1.596  -5.684  6.044   1.00 13.98 ? 76  VAL B CG1 1 
ATOM   611  C CG2 . VAL A 1 70  ? -2.396  -6.292  8.368   1.00 14.47 ? 76  VAL B CG2 1 
ATOM   612  N N   . THR A 1 71  ? -1.911  -10.211 8.027   1.00 14.87 ? 77  THR B N   1 
ATOM   613  C CA  . THR A 1 71  ? -1.741  -11.187 9.118   1.00 16.62 ? 77  THR B CA  1 
ATOM   614  C C   . THR A 1 71  ? -0.261  -11.539 9.316   1.00 17.40 ? 77  THR B C   1 
ATOM   615  O O   . THR A 1 71  ? 0.446   -11.885 8.341   1.00 16.63 ? 77  THR B O   1 
ATOM   616  C CB  . THR A 1 71  ? -2.551  -12.446 8.810   1.00 17.25 ? 77  THR B CB  1 
ATOM   617  O OG1 . THR A 1 71  ? -3.945  -12.142 8.738   1.00 20.50 ? 77  THR B OG1 1 
ATOM   618  C CG2 . THR A 1 71  ? -2.280  -13.422 9.935   1.00 19.74 ? 77  THR B CG2 1 
ATOM   619  N N   . GLN A 1 72  ? 0.146   -11.478 10.594  1.00 19.20 ? 78  GLN B N   1 
ATOM   620  C CA  . GLN A 1 72  ? 1.448   -11.886 11.193  1.00 22.56 ? 78  GLN B CA  1 
ATOM   621  C C   . GLN A 1 72  ? 2.622   -11.063 10.672  1.00 24.01 ? 78  GLN B C   1 
ATOM   622  O O   . GLN A 1 72  ? 3.758   -11.449 10.943  1.00 25.85 ? 78  GLN B O   1 
ATOM   623  C CB  . GLN A 1 72  ? 1.661   -13.389 11.044  1.00 29.02 ? 78  GLN B CB  1 
ATOM   624  C CG  . GLN A 1 72  ? 1.931   -13.869 9.634   1.00 37.78 ? 78  GLN B CG  1 
ATOM   625  C CD  . GLN A 1 72  ? 2.890   -15.039 9.584   1.00 44.05 ? 78  GLN B CD  1 
ATOM   626  O OE1 . GLN A 1 72  ? 2.670   -16.020 8.864   1.00 48.30 ? 78  GLN B OE1 1 
ATOM   627  N NE2 . GLN A 1 72  ? 4.005   -14.898 10.288  1.00 49.04 ? 78  GLN B NE2 1 
ATOM   628  N N   . LYS A 1 73  ? 2.410   -9.968  9.945   1.00 15.52 ? 79  LYS B N   1 
ATOM   629  C CA  . LYS A 1 73  ? 3.559   -9.140  9.557   1.00 14.80 ? 79  LYS B CA  1 
ATOM   630  C C   . LYS A 1 73  ? 3.979   -8.184  10.676  1.00 14.36 ? 79  LYS B C   1 
ATOM   631  O O   . LYS A 1 73  ? 3.084   -7.669  11.431  1.00 17.40 ? 79  LYS B O   1 
ATOM   632  C CB  . LYS A 1 73  ? 3.185   -8.384  8.283   1.00 15.18 ? 79  LYS B CB  1 
ATOM   633  C CG  . LYS A 1 73  ? 3.069   -9.298  7.043   1.00 15.55 ? 79  LYS B CG  1 
ATOM   634  C CD  . LYS A 1 73  ? 2.976   -8.557  5.729   1.00 16.65 ? 79  LYS B CD  1 
ATOM   635  C CE  . LYS A 1 73  ? 4.260   -7.855  5.329   1.00 15.02 ? 79  LYS B CE  1 
ATOM   636  N NZ  . LYS A 1 73  ? 5.461   -8.764  5.310   1.00 14.10 ? 79  LYS B NZ  1 
ATOM   637  N N   . GLU A 1 74  ? 5.267   -7.902  10.760  1.00 13.43 ? 80  GLU B N   1 
ATOM   638  C CA  . GLU A 1 74  ? 5.846   -6.960  11.732  1.00 13.71 ? 80  GLU B CA  1 
ATOM   639  C C   . GLU A 1 74  ? 5.996   -5.565  11.102  1.00 13.45 ? 80  GLU B C   1 
ATOM   640  O O   . GLU A 1 74  ? 6.220   -4.584  11.815  1.00 13.37 ? 80  GLU B O   1 
ATOM   641  C CB  . GLU A 1 74  ? 7.248   -7.432  12.176  1.00 14.92 ? 80  GLU B CB  1 
ATOM   642  C CG  . GLU A 1 74  ? 7.246   -8.741  12.914  1.00 15.82 ? 80  GLU B CG  1 
ATOM   643  C CD  . GLU A 1 74  ? 8.677   -9.218  13.202  1.00 16.83 ? 80  GLU B CD  1 
ATOM   644  O OE1 . GLU A 1 74  ? 8.816   -10.119 14.050  1.00 19.69 ? 80  GLU B OE1 1 
ATOM   645  O OE2 . GLU A 1 74  ? 9.646   -8.690  12.581  1.00 19.38 ? 80  GLU B OE2 1 
ATOM   646  N N   . ALA A 1 75  ? 6.013   -5.470  9.770   1.00 12.70 ? 81  ALA B N   1 
ATOM   647  C CA  . ALA A 1 75  ? 6.285   -4.182  9.104   1.00 11.35 ? 81  ALA B CA  1 
ATOM   648  C C   . ALA A 1 75  ? 5.650   -4.220  7.722   1.00 13.34 ? 81  ALA B C   1 
ATOM   649  O O   . ALA A 1 75  ? 5.780   -5.234  7.017   1.00 12.53 ? 81  ALA B O   1 
ATOM   650  C CB  . ALA A 1 75  ? 7.761   -3.879  9.003   1.00 13.04 ? 81  ALA B CB  1 
ATOM   651  N N   . TRP A 1 76  ? 5.080   -3.099  7.293   1.00 12.18 ? 82  TRP B N   1 
ATOM   652  C CA  . TRP A 1 76  ? 4.452   -2.939  5.956   1.00 11.97 ? 82  TRP B CA  1 
ATOM   653  C C   . TRP A 1 76  ? 4.027   -1.497  5.798   1.00 12.12 ? 82  TRP B C   1 
ATOM   654  O O   . TRP A 1 76  ? 3.845   -0.799  6.806   1.00 12.08 ? 82  TRP B O   1 
ATOM   655  C CB  . TRP A 1 76  ? 3.257   -3.877  5.761   1.00 12.70 ? 82  TRP B CB  1 
ATOM   656  C CG  . TRP A 1 76  ? 2.222   -3.865  6.845   1.00 12.25 ? 82  TRP B CG  1 
ATOM   657  C CD1 . TRP A 1 76  ? 2.123   -4.752  7.877   1.00 13.72 ? 82  TRP B CD1 1 
ATOM   658  C CD2 . TRP A 1 76  ? 1.180   -2.899  7.123   1.00 12.29 ? 82  TRP B CD2 1 
ATOM   659  N NE1 . TRP A 1 76  ? 1.091   -4.467  8.709   1.00 13.61 ? 82  TRP B NE1 1 
ATOM   660  C CE2 . TRP A 1 76  ? 0.500   -3.294  8.284   1.00 13.43 ? 82  TRP B CE2 1 
ATOM   661  C CE3 . TRP A 1 76  ? 0.766   -1.718  6.477   1.00 13.02 ? 82  TRP B CE3 1 
ATOM   662  C CZ2 . TRP A 1 76  ? -0.583  -2.620  8.811   1.00 13.51 ? 82  TRP B CZ2 1 
ATOM   663  C CZ3 . TRP A 1 76  ? -0.293  -1.023  7.006   1.00 13.23 ? 82  TRP B CZ3 1 
ATOM   664  C CH2 . TRP A 1 76  ? -0.949  -1.463  8.163   1.00 14.14 ? 82  TRP B CH2 1 
ATOM   665  N N   . ASP A 1 77  ? 3.870   -1.067  4.551   1.00 11.59 ? 83  ASP B N   1 
ATOM   666  C CA  . ASP A 1 77  ? 3.241   0.234   4.192   1.00 11.45 ? 83  ASP B CA  1 
ATOM   667  C C   . ASP A 1 77  ? 2.112   -0.064  3.192   1.00 11.57 ? 83  ASP B C   1 
ATOM   668  O O   . ASP A 1 77  ? 2.305   -0.939  2.340   1.00 11.64 ? 83  ASP B O   1 
ATOM   669  C CB  . ASP A 1 77  ? 4.221   1.205   3.538   1.00 13.23 ? 83  ASP B CB  1 
ATOM   670  C CG  . ASP A 1 77  ? 5.605   1.371   4.142   1.00 15.88 ? 83  ASP B CG  1 
ATOM   671  O OD1 . ASP A 1 77  ? 5.690   1.289   5.340   1.00 20.97 ? 83  ASP B OD1 1 
ATOM   672  O OD2 . ASP A 1 77  ? 6.558   1.566   3.344   1.00 19.43 ? 83  ASP B OD2 1 
ATOM   673  N N   . LEU A 1 78  ? 0.982   0.621   3.277   1.00 10.59 ? 84  LEU B N   1 
ATOM   674  C CA  . LEU A 1 78  ? -0.146  0.453   2.346   1.00 10.46 ? 84  LEU B CA  1 
ATOM   675  C C   . LEU A 1 78  ? -0.727  1.825   2.038   1.00 10.36 ? 84  LEU B C   1 
ATOM   676  O O   . LEU A 1 78  ? -0.834  2.679   2.932   1.00 10.84 ? 84  LEU B O   1 
ATOM   677  C CB  . LEU A 1 78  ? -1.233  -0.404  2.974   1.00 11.01 ? 84  LEU B CB  1 
ATOM   678  C CG  . LEU A 1 78  ? -0.962  -1.889  3.122   1.00 12.30 ? 84  LEU B CG  1 
ATOM   679  C CD1 . LEU A 1 78  ? -2.109  -2.517  3.913   1.00 12.67 ? 84  LEU B CD1 1 
ATOM   680  C CD2 . LEU A 1 78  ? -0.825  -2.545  1.781   1.00 12.35 ? 84  LEU B CD2 1 
ATOM   681  N N   . GLY A 1 79  ? -1.249  1.932   0.825   1.00 9.67  ? 85  GLY B N   1 
ATOM   682  C CA  . GLY A 1 79  ? -2.086  3.089   0.481   1.00 11.67 ? 85  GLY B CA  1 
ATOM   683  C C   . GLY A 1 79  ? -2.189  3.246   -1.026  1.00 10.19 ? 85  GLY B C   1 
ATOM   684  O O   . GLY A 1 79  ? -2.399  2.285   -1.739  1.00 10.42 ? 85  GLY B O   1 
ATOM   685  N N   A VAL A 1 80  ? -2.102  4.497   -1.487  0.25 10.37 ? 86  VAL B N   1 
ATOM   686  N N   B VAL A 1 80  ? -1.992  4.466   -1.501  0.25 10.76 ? 86  VAL B N   1 
ATOM   687  C CA  A VAL A 1 80  ? -2.060  4.871   -2.929  0.25 10.52 ? 86  VAL B CA  1 
ATOM   688  C CA  B VAL A 1 80  ? -2.118  4.812   -2.937  0.25 11.15 ? 86  VAL B CA  1 
ATOM   689  C C   A VAL A 1 80  ? -0.888  5.815   -3.172  0.25 10.65 ? 86  VAL B C   1 
ATOM   690  C C   B VAL A 1 80  ? -1.052  5.883   -3.212  0.25 11.07 ? 86  VAL B C   1 
ATOM   691  O O   A VAL A 1 80  ? -0.384  6.479   -2.247  0.25 10.99 ? 86  VAL B O   1 
ATOM   692  O O   B VAL A 1 80  ? -0.708  6.628   -2.287  0.25 11.20 ? 86  VAL B O   1 
ATOM   693  C CB  A VAL A 1 80  ? -3.346  5.551   -3.432  0.25 10.74 ? 86  VAL B CB  1 
ATOM   694  C CB  B VAL A 1 80  ? -3.568  5.246   -3.230  0.25 12.08 ? 86  VAL B CB  1 
ATOM   695  C CG1 A VAL A 1 80  ? -4.490  4.566   -3.468  0.25 10.46 ? 86  VAL B CG1 1 
ATOM   696  C CG1 B VAL A 1 80  ? -3.899  6.578   -2.577  0.25 11.92 ? 86  VAL B CG1 1 
ATOM   697  C CG2 A VAL A 1 80  ? -3.709  6.774   -2.609  0.25 10.65 ? 86  VAL B CG2 1 
ATOM   698  C CG2 B VAL A 1 80  ? -3.881  5.276   -4.709  0.25 12.63 ? 86  VAL B CG2 1 
ATOM   699  N N   . CYS A 1 81  ? -0.521  5.937   -4.432  1.00 10.58 ? 87  CYS B N   1 
ATOM   700  C CA  . CYS A 1 81  ? 0.502   6.913   -4.824  1.00 11.90 ? 87  CYS B CA  1 
ATOM   701  C C   . CYS A 1 81  ? 0.242   7.402   -6.242  1.00 11.81 ? 87  CYS B C   1 
ATOM   702  O O   . CYS A 1 81  ? -0.476  6.748   -7.038  1.00 11.79 ? 87  CYS B O   1 
ATOM   703  C CB  . CYS A 1 81  ? 1.913   6.353   -4.711  1.00 12.42 ? 87  CYS B CB  1 
ATOM   704  S SG  . CYS A 1 81  ? 2.281   4.985   -5.827  1.00 13.75 ? 87  CYS B SG  1 
ATOM   705  N N   A ARG A 1 82  ? 0.863   8.520   -6.580  0.25 12.31 ? 88  ARG B N   1 
ATOM   706  N N   B ARG A 1 82  ? 0.833   8.541   -6.582  0.25 12.09 ? 88  ARG B N   1 
ATOM   707  C CA  A ARG A 1 82  ? 0.864   9.018   -7.973  0.25 13.05 ? 88  ARG B CA  1 
ATOM   708  C CA  B ARG A 1 82  ? 0.792   9.093   -7.961  0.25 12.68 ? 88  ARG B CA  1 
ATOM   709  C C   A ARG A 1 82  ? 1.531   7.998   -8.888  0.25 12.40 ? 88  ARG B C   1 
ATOM   710  C C   B ARG A 1 82  ? 1.569   8.148   -8.899  0.25 12.32 ? 88  ARG B C   1 
ATOM   711  O O   A ARG A 1 82  ? 2.486   7.322   -8.482  0.25 12.00 ? 88  ARG B O   1 
ATOM   712  O O   B ARG A 1 82  ? 2.640   7.643   -8.487  0.25 12.12 ? 88  ARG B O   1 
ATOM   713  C CB  A ARG A 1 82  ? 1.630   10.332  -8.074  0.25 13.75 ? 88  ARG B CB  1 
ATOM   714  C CB  B ARG A 1 82  ? 1.370   10.515  -7.942  0.25 13.06 ? 88  ARG B CB  1 
ATOM   715  C CG  A ARG A 1 82  ? 0.978   11.424  -7.258  0.25 14.26 ? 88  ARG B CG  1 
ATOM   716  C CG  B ARG A 1 82  ? 1.088   11.328  -9.196  0.25 13.31 ? 88  ARG B CG  1 
ATOM   717  C CD  A ARG A 1 82  ? 1.672   12.744  -7.482  0.25 15.47 ? 88  ARG B CD  1 
ATOM   718  C CD  B ARG A 1 82  ? 1.742   12.686  -9.150  0.25 13.14 ? 88  ARG B CD  1 
ATOM   719  N NE  A ARG A 1 82  ? 1.103   13.770  -6.625  0.25 14.59 ? 88  ARG B NE  1 
ATOM   720  N NE  B ARG A 1 82  ? 1.261   13.466  -8.027  0.25 13.30 ? 88  ARG B NE  1 
ATOM   721  C CZ  A ARG A 1 82  ? 1.817   14.706  -6.029  0.25 14.46 ? 88  ARG B CZ  1 
ATOM   722  C CZ  B ARG A 1 82  ? 2.037   13.987  -7.071  0.25 13.04 ? 88  ARG B CZ  1 
ATOM   723  N NH1 A ARG A 1 82  ? 3.130   14.728  -6.165  0.25 14.21 ? 88  ARG B NH1 1 
ATOM   724  N NH1 B ARG A 1 82  ? 3.342   13.854  -7.131  0.25 14.50 ? 88  ARG B NH1 1 
ATOM   725  N NH2 A ARG A 1 82  ? 1.213   15.599  -5.270  0.25 15.56 ? 88  ARG B NH2 1 
ATOM   726  N NH2 B ARG A 1 82  ? 1.501   14.663  -6.075  0.25 12.70 ? 88  ARG B NH2 1 
ATOM   727  N N   . ASP A 1 83  ? 1.063   7.921   -10.120 1.00 13.44 ? 89  ASP B N   1 
ATOM   728  C CA  . ASP A 1 83  ? 1.750   7.050   -11.098 1.00 14.60 ? 89  ASP B CA  1 
ATOM   729  C C   . ASP A 1 83  ? 3.184   7.537   -11.277 1.00 15.81 ? 89  ASP B C   1 
ATOM   730  O O   . ASP A 1 83  ? 4.025   6.696   -11.686 1.00 19.69 ? 89  ASP B O   1 
ATOM   731  C CB  . ASP A 1 83  ? 0.968   7.051   -12.409 1.00 17.51 ? 89  ASP B CB  1 
ATOM   732  C CG  . ASP A 1 83  ? 0.812   8.374   -13.112 1.00 22.06 ? 89  ASP B CG  1 
ATOM   733  O OD1 . ASP A 1 83  ? 1.167   9.452   -12.555 1.00 24.99 ? 89  ASP B OD1 1 
ATOM   734  O OD2 . ASP A 1 83  ? 0.344   8.312   -14.280 1.00 26.23 ? 89  ASP B OD2 1 
ATOM   735  N N   . SER A 1 84  ? 3.479   8.822   -11.097 1.00 14.29 ? 90  SER B N   1 
ATOM   736  C CA  . SER A 1 84  ? 4.812   9.405   -11.390 1.00 15.78 ? 90  SER B CA  1 
ATOM   737  C C   . SER A 1 84  ? 5.769   9.458   -10.185 1.00 15.04 ? 90  SER B C   1 
ATOM   738  O O   . SER A 1 84  ? 6.760   10.169  -10.244 1.00 16.55 ? 90  SER B O   1 
ATOM   739  C CB  . SER A 1 84  ? 4.638   10.764  -12.024 1.00 18.36 ? 90  SER B CB  1 
ATOM   740  O OG  . SER A 1 84  ? 3.915   11.591  -11.212 1.00 19.48 ? 90  SER B OG  1 
ATOM   741  N N   . VAL A 1 85  ? 5.502   8.738   -9.090  1.00 13.71 ? 91  VAL B N   1 
ATOM   742  C CA  . VAL A 1 85  ? 6.427   8.744   -7.937  1.00 13.99 ? 91  VAL B CA  1 
ATOM   743  C C   . VAL A 1 85  ? 7.795   8.252   -8.396  1.00 13.41 ? 91  VAL B C   1 
ATOM   744  O O   . VAL A 1 85  ? 7.895   7.359   -9.263  1.00 14.05 ? 91  VAL B O   1 
ATOM   745  C CB  . VAL A 1 85  ? 5.912   7.954   -6.714  1.00 13.98 ? 91  VAL B CB  1 
ATOM   746  C CG1 . VAL A 1 85  ? 4.697   8.615   -6.115  1.00 13.62 ? 91  VAL B CG1 1 
ATOM   747  C CG2 . VAL A 1 85  ? 5.675   6.483   -6.966  1.00 13.64 ? 91  VAL B CG2 1 
ATOM   748  N N   . GLN A 1 86  ? 8.792   8.790   -7.716  1.00 15.43 ? 92  GLN B N   1 
ATOM   749  C CA  . GLN A 1 86  ? 10.214  8.353   -7.822  1.00 17.06 ? 92  GLN B CA  1 
ATOM   750  C C   . GLN A 1 86  ? 10.303  6.851   -7.543  1.00 15.59 ? 92  GLN B C   1 
ATOM   751  O O   . GLN A 1 86  ? 9.704   6.392   -6.575  1.00 16.46 ? 92  GLN B O   1 
ATOM   752  C CB  . GLN A 1 86  ? 11.002  9.165   -6.790  1.00 19.24 ? 92  GLN B CB  1 
ATOM   753  C CG  . GLN A 1 86  ? 12.488  8.833   -6.632  1.00 22.10 ? 92  GLN B CG  1 
ATOM   754  C CD  . GLN A 1 86  ? 13.115  9.604   -5.481  1.00 25.71 ? 92  GLN B CD  1 
ATOM   755  O OE1 . GLN A 1 86  ? 12.548  10.574  -4.938  1.00 27.23 ? 92  GLN B OE1 1 
ATOM   756  N NE2 . GLN A 1 86  ? 14.304  9.170   -5.052  1.00 26.71 ? 92  GLN B NE2 1 
ATOM   757  N N   . ARG A 1 87  ? 11.108  6.136   -8.337  1.00 15.51 ? 93  ARG B N   1 
ATOM   758  C CA  . ARG A 1 87  ? 11.304  4.665   -8.212  1.00 14.44 ? 93  ARG B CA  1 
ATOM   759  C C   . ARG A 1 87  ? 12.702  4.375   -7.664  1.00 15.92 ? 93  ARG B C   1 
ATOM   760  O O   . ARG A 1 87  ? 12.822  3.346   -6.998  1.00 15.76 ? 93  ARG B O   1 
ATOM   761  C CB  . ARG A 1 87  ? 11.084  3.889   -9.500  1.00 15.59 ? 93  ARG B CB  1 
ATOM   762  C CG  . ARG A 1 87  ? 9.771   4.184   -10.210 1.00 15.17 ? 93  ARG B CG  1 
ATOM   763  C CD  . ARG A 1 87  ? 8.549   3.971   -9.314  1.00 16.49 ? 93  ARG B CD  1 
ATOM   764  N NE  . ARG A 1 87  ? 7.342   4.473   -10.020 1.00 16.44 ? 93  ARG B NE  1 
ATOM   765  C CZ  . ARG A 1 87  ? 6.608   3.811   -10.907 1.00 16.16 ? 93  ARG B CZ  1 
ATOM   766  N NH1 . ARG A 1 87  ? 6.921   2.590   -11.264 1.00 17.97 ? 93  ARG B NH1 1 
ATOM   767  N NH2 . ARG A 1 87  ? 5.605   4.411   -11.514 1.00 18.76 ? 93  ARG B NH2 1 
ATOM   768  N N   . LYS A 1 88  ? 13.688  5.232   -7.929  1.00 15.84 ? 94  LYS B N   1 
ATOM   769  C CA  . LYS A 1 88  ? 15.107  4.908   -7.639  1.00 16.38 ? 94  LYS B CA  1 
ATOM   770  C C   . LYS A 1 88  ? 15.631  5.736   -6.493  1.00 17.85 ? 94  LYS B C   1 
ATOM   771  O O   . LYS A 1 88  ? 15.285  6.937   -6.421  1.00 20.56 ? 94  LYS B O   1 
ATOM   772  C CB  . LYS A 1 88  ? 15.980  5.116   -8.874  1.00 17.11 ? 94  LYS B CB  1 
ATOM   773  C CG  . LYS A 1 88  ? 15.459  4.455   -10.145 1.00 17.05 ? 94  LYS B CG  1 
ATOM   774  C CD  . LYS A 1 88  ? 15.294  2.923   -10.081 1.00 19.19 ? 94  LYS B CD  1 
ATOM   775  C CE  . LYS A 1 88  ? 14.829  2.317   -11.367 1.00 18.53 ? 94  LYS B CE  1 
ATOM   776  N NZ  . LYS A 1 88  ? 14.686  0.847   -11.268 1.00 20.29 ? 94  LYS B NZ  1 
ATOM   777  N N   . GLY A 1 89  ? 16.493  5.146   -5.676  1.00 17.80 ? 95  GLY B N   1 
ATOM   778  C CA  . GLY A 1 89  ? 17.135  5.867   -4.586  1.00 18.29 ? 95  GLY B CA  1 
ATOM   779  C C   . GLY A 1 89  ? 16.253  6.013   -3.373  1.00 19.16 ? 95  GLY B C   1 
ATOM   780  O O   . GLY A 1 89  ? 15.189  5.301   -3.331  1.00 19.15 ? 95  GLY B O   1 
ATOM   781  N N   . GLN A 1 90  ? 16.683  6.847   -2.432  1.00 20.69 ? 96  GLN B N   1 
ATOM   782  C CA  . GLN A 1 90  ? 16.015  7.045   -1.136  1.00 22.41 ? 96  GLN B CA  1 
ATOM   783  C C   . GLN A 1 90  ? 14.959  8.138   -1.240  1.00 20.25 ? 96  GLN B C   1 
ATOM   784  O O   . GLN A 1 90  ? 15.139  9.105   -1.995  1.00 21.19 ? 96  GLN B O   1 
ATOM   785  C CB  . GLN A 1 90  ? 17.053  7.354   -0.048  1.00 27.38 ? 96  GLN B CB  1 
ATOM   786  C CG  . GLN A 1 90  ? 17.984  6.181   0.174   1.00 32.97 ? 96  GLN B CG  1 
ATOM   787  C CD  . GLN A 1 90  ? 19.214  6.545   0.951   1.00 44.37 ? 96  GLN B CD  1 
ATOM   788  O OE1 . GLN A 1 90  ? 19.279  6.309   2.155   1.00 54.33 ? 96  GLN B OE1 1 
ATOM   789  N NE2 . GLN A 1 90  ? 20.189  7.121   0.256   1.00 46.57 ? 96  GLN B NE2 1 
ATOM   790  N N   . PHE A 1 91  ? 13.841  7.947   -0.543  1.00 17.39 ? 97  PHE B N   1 
ATOM   791  C CA  . PHE A 1 91  ? 12.754  8.941   -0.455  1.00 17.60 ? 97  PHE B CA  1 
ATOM   792  C C   . PHE A 1 91  ? 11.868  8.624   0.736   1.00 17.52 ? 97  PHE B C   1 
ATOM   793  O O   . PHE A 1 91  ? 11.832  7.481   1.234   1.00 18.46 ? 97  PHE B O   1 
ATOM   794  C CB  . PHE A 1 91  ? 11.943  8.954   -1.750  1.00 17.36 ? 97  PHE B CB  1 
ATOM   795  C CG  . PHE A 1 91  ? 11.336  7.629   -2.126  1.00 17.64 ? 97  PHE B CG  1 
ATOM   796  C CD1 . PHE A 1 91  ? 10.126  7.221   -1.577  1.00 17.85 ? 97  PHE B CD1 1 
ATOM   797  C CD2 . PHE A 1 91  ? 11.952  6.796   -3.031  1.00 18.09 ? 97  PHE B CD2 1 
ATOM   798  C CE1 . PHE A 1 91  ? 9.561   6.013   -1.944  1.00 16.07 ? 97  PHE B CE1 1 
ATOM   799  C CE2 . PHE A 1 91  ? 11.373  5.598   -3.412  1.00 16.31 ? 97  PHE B CE2 1 
ATOM   800  C CZ  . PHE A 1 91  ? 10.165  5.221   -2.890  1.00 16.24 ? 97  PHE B CZ  1 
ATOM   801  N N   A SER A 1 92  ? 11.187  9.639   1.261   0.22 17.70 ? 98  SER B N   1 
ATOM   802  N N   B SER A 1 92  ? 11.170  9.662   1.194   0.25 17.21 ? 98  SER B N   1 
ATOM   803  C CA  A SER A 1 92  ? 10.202  9.451   2.354   0.22 18.16 ? 98  SER B CA  1 
ATOM   804  C CA  B SER A 1 92  ? 10.169  9.605   2.286   0.25 17.49 ? 98  SER B CA  1 
ATOM   805  C C   A SER A 1 92  ? 8.800   9.334   1.759   0.22 16.89 ? 98  SER B C   1 
ATOM   806  C C   B SER A 1 92  ? 8.784   9.317   1.702   0.25 16.45 ? 98  SER B C   1 
ATOM   807  O O   A SER A 1 92  ? 8.525   9.953   0.709   0.22 16.50 ? 98  SER B O   1 
ATOM   808  O O   B SER A 1 92  ? 8.502   9.793   0.569   0.25 16.16 ? 98  SER B O   1 
ATOM   809  C CB  A SER A 1 92  ? 10.254  10.550  3.368   0.22 20.37 ? 98  SER B CB  1 
ATOM   810  C CB  B SER A 1 92  ? 10.163  10.889  3.074   0.25 18.95 ? 98  SER B CB  1 
ATOM   811  O OG  A SER A 1 92  ? 10.155  11.803  2.724   0.22 22.08 ? 98  SER B OG  1 
ATOM   812  O OG  B SER A 1 92  ? 11.385  11.030  3.792   0.25 20.78 ? 98  SER B OG  1 
ATOM   813  N N   . LEU A 1 93  ? 7.955   8.566   2.440   1.00 15.46 ? 99  LEU B N   1 
ATOM   814  C CA  . LEU A 1 93  ? 6.536   8.403   2.072   1.00 15.97 ? 99  LEU B CA  1 
ATOM   815  C C   . LEU A 1 93  ? 5.785   9.604   2.625   1.00 15.88 ? 99  LEU B C   1 
ATOM   816  O O   . LEU A 1 93  ? 5.504   9.657   3.827   1.00 17.59 ? 99  LEU B O   1 
ATOM   817  C CB  . LEU A 1 93  ? 5.973   7.100   2.631   1.00 16.55 ? 99  LEU B CB  1 
ATOM   818  C CG  . LEU A 1 93  ? 6.577   5.829   2.068   1.00 17.89 ? 99  LEU B CG  1 
ATOM   819  C CD1 . LEU A 1 93  ? 5.950   4.630   2.767   1.00 19.32 ? 99  LEU B CD1 1 
ATOM   820  C CD2 . LEU A 1 93  ? 6.381   5.702   0.558   1.00 19.08 ? 99  LEU B CD2 1 
ATOM   821  N N   . SER A 1 94  ? 5.401   10.560  1.769   1.00 14.84 ? 100 SER B N   1 
ATOM   822  C CA  . SER A 1 94  ? 4.693   11.780  2.188   1.00 15.04 ? 100 SER B CA  1 
ATOM   823  C C   . SER A 1 94  ? 3.837   12.243  1.022   1.00 12.90 ? 100 SER B C   1 
ATOM   824  O O   . SER A 1 94  ? 4.146   11.942  -0.129  1.00 13.78 ? 100 SER B O   1 
ATOM   825  C CB  . SER A 1 94  ? 5.624   12.910  2.552   1.00 17.58 ? 100 SER B CB  1 
ATOM   826  O OG  . SER A 1 94  ? 6.359   13.300  1.397   1.00 20.70 ? 100 SER B OG  1 
ATOM   827  N N   . PRO A 1 95  ? 2.771   12.991  1.294   1.00 13.06 ? 101 PRO B N   1 
ATOM   828  C CA  . PRO A 1 95  ? 1.969   13.562  0.223   1.00 13.50 ? 101 PRO B CA  1 
ATOM   829  C C   . PRO A 1 95  ? 2.780   14.495  -0.685  1.00 14.24 ? 101 PRO B C   1 
ATOM   830  O O   . PRO A 1 95  ? 2.509   14.463  -1.882  1.00 14.26 ? 101 PRO B O   1 
ATOM   831  C CB  . PRO A 1 95  ? 0.831   14.298  0.945   1.00 14.96 ? 101 PRO B CB  1 
ATOM   832  C CG  . PRO A 1 95  ? 0.712   13.527  2.268   1.00 14.89 ? 101 PRO B CG  1 
ATOM   833  C CD  . PRO A 1 95  ? 2.151   13.212  2.606   1.00 14.78 ? 101 PRO B CD  1 
ATOM   834  N N   . GLU A 1 96  ? 3.787   15.191  -0.153  1.00 16.07 ? 102 GLU B N   1 
ATOM   835  C CA  . GLU A 1 96  ? 4.676   16.064  -0.987  1.00 18.52 ? 102 GLU B CA  1 
ATOM   836  C C   . GLU A 1 96  ? 5.374   15.211  -2.046  1.00 18.40 ? 102 GLU B C   1 
ATOM   837  O O   . GLU A 1 96  ? 5.609   15.702  -3.178  1.00 19.64 ? 102 GLU B O   1 
ATOM   838  C CB  . GLU A 1 96  ? 5.644   16.833  -0.091  1.00 23.38 ? 102 GLU B CB  1 
ATOM   839  C CG  . GLU A 1 96  ? 4.919   17.605  0.994   1.00 32.72 ? 102 GLU B CG  1 
ATOM   840  C CD  . GLU A 1 96  ? 4.923   16.974  2.389   1.00 39.40 ? 102 GLU B CD  1 
ATOM   841  O OE1 . GLU A 1 96  ? 4.004   16.128  2.709   1.00 25.70 ? 102 GLU B OE1 1 
ATOM   842  O OE2 . GLU A 1 96  ? 5.835   17.377  3.186   1.00 46.43 ? 102 GLU B OE2 1 
ATOM   843  N N   . ASN A 1 97  ? 5.724   13.962  -1.734  1.00 16.28 ? 103 ASN B N   1 
ATOM   844  C CA  . ASN A 1 97  ? 6.377   13.041  -2.685  1.00 14.89 ? 103 ASN B CA  1 
ATOM   845  C C   . ASN A 1 97  ? 5.364   12.185  -3.451  1.00 14.02 ? 103 ASN B C   1 
ATOM   846  O O   . ASN A 1 97  ? 5.805   11.379  -4.268  1.00 15.62 ? 103 ASN B O   1 
ATOM   847  C CB  . ASN A 1 97  ? 7.399   12.142  -1.967  1.00 16.23 ? 103 ASN B CB  1 
ATOM   848  C CG  . ASN A 1 97  ? 8.635   12.883  -1.521  1.00 19.04 ? 103 ASN B CG  1 
ATOM   849  O OD1 . ASN A 1 97  ? 8.940   13.974  -2.044  1.00 21.38 ? 103 ASN B OD1 1 
ATOM   850  N ND2 . ASN A 1 97  ? 9.340   12.328  -0.542  1.00 20.36 ? 103 ASN B ND2 1 
ATOM   851  N N   . GLY A 1 98  ? 4.051   12.387  -3.273  1.00 12.60 ? 104 GLY B N   1 
ATOM   852  C CA  . GLY A 1 98  ? 3.046   11.671  -4.067  1.00 12.15 ? 104 GLY B CA  1 
ATOM   853  C C   . GLY A 1 98  ? 2.530   10.382  -3.429  1.00 11.90 ? 104 GLY B C   1 
ATOM   854  O O   . GLY A 1 98  ? 2.037   9.541   -4.170  1.00 12.32 ? 104 GLY B O   1 
ATOM   855  N N   . PHE A 1 99  ? 2.651   10.228  -2.105  1.00 12.46 ? 105 PHE B N   1 
ATOM   856  C CA  . PHE A 1 99  ? 2.150   9.020   -1.396  1.00 11.27 ? 105 PHE B CA  1 
ATOM   857  C C   . PHE A 1 99  ? 1.118   9.349   -0.323  1.00 10.76 ? 105 PHE B C   1 
ATOM   858  O O   . PHE A 1 99  ? 1.380   10.312  0.463   1.00 11.49 ? 105 PHE B O   1 
ATOM   859  C CB  . PHE A 1 99  ? 3.301   8.279   -0.697  1.00 11.86 ? 105 PHE B CB  1 
ATOM   860  C CG  . PHE A 1 99  ? 4.401   7.803   -1.618  1.00 10.84 ? 105 PHE B CG  1 
ATOM   861  C CD1 . PHE A 1 99  ? 5.453   8.644   -1.936  1.00 12.06 ? 105 PHE B CD1 1 
ATOM   862  C CD2 . PHE A 1 99  ? 4.373   6.526   -2.171  1.00 11.41 ? 105 PHE B CD2 1 
ATOM   863  C CE1 . PHE A 1 99  ? 6.451   8.224   -2.790  1.00 13.17 ? 105 PHE B CE1 1 
ATOM   864  C CE2 . PHE A 1 99  ? 5.391   6.090   -2.999  1.00 12.88 ? 105 PHE B CE2 1 
ATOM   865  C CZ  . PHE A 1 99  ? 6.424   6.950   -3.301  1.00 11.90 ? 105 PHE B CZ  1 
ATOM   866  N N   . TRP A 1 100 ? 0.055   8.540   -0.204  1.00 10.35 ? 106 TRP B N   1 
ATOM   867  C CA  . TRP A 1 100 ? -0.988  8.630   0.845   1.00 10.66 ? 106 TRP B CA  1 
ATOM   868  C C   . TRP A 1 100 ? -1.075  7.264   1.508   1.00 9.31  ? 106 TRP B C   1 
ATOM   869  O O   . TRP A 1 100 ? -1.698  6.352   0.903   1.00 10.51 ? 106 TRP B O   1 
ATOM   870  C CB  . TRP A 1 100 ? -2.329  9.127   0.268   1.00 10.59 ? 106 TRP B CB  1 
ATOM   871  C CG  . TRP A 1 100 ? -2.193  10.536  -0.250  1.00 11.31 ? 106 TRP B CG  1 
ATOM   872  C CD1 . TRP A 1 100 ? -2.424  11.718  0.415   1.00 11.54 ? 106 TRP B CD1 1 
ATOM   873  C CD2 . TRP A 1 100 ? -1.737  10.920  -1.575  1.00 11.57 ? 106 TRP B CD2 1 
ATOM   874  N NE1 . TRP A 1 100 ? -2.115  12.796  -0.423  1.00 12.41 ? 106 TRP B NE1 1 
ATOM   875  C CE2 . TRP A 1 100 ? -1.707  12.320  -1.626  1.00 12.32 ? 106 TRP B CE2 1 
ATOM   876  C CE3 . TRP A 1 100 ? -1.396  10.171  -2.693  1.00 11.36 ? 106 TRP B CE3 1 
ATOM   877  C CZ2 . TRP A 1 100 ? -1.272  13.001  -2.787  1.00 12.77 ? 106 TRP B CZ2 1 
ATOM   878  C CZ3 . TRP A 1 100 ? -0.990  10.848  -3.824  1.00 13.61 ? 106 TRP B CZ3 1 
ATOM   879  C CH2 . TRP A 1 100 ? -0.922  12.223  -3.866  1.00 12.85 ? 106 TRP B CH2 1 
ATOM   880  N N   . THR A 1 101 ? -0.328  7.096   2.605   1.00 10.54 ? 107 THR B N   1 
ATOM   881  C CA  . THR A 1 101 ? -0.035  5.739   3.136   1.00 10.82 ? 107 THR B CA  1 
ATOM   882  C C   . THR A 1 101 ? -0.175  5.722   4.664   1.00 10.77 ? 107 THR B C   1 
ATOM   883  O O   . THR A 1 101 ? -0.035  6.758   5.297   1.00 10.47 ? 107 THR B O   1 
ATOM   884  C CB  . THR A 1 101 ? 1.370   5.286   2.720   1.00 12.03 ? 107 THR B CB  1 
ATOM   885  O OG1 . THR A 1 101 ? 2.320   6.164   3.320   1.00 12.52 ? 107 THR B OG1 1 
ATOM   886  C CG2 . THR A 1 101 ? 1.509   5.179   1.214   1.00 12.35 ? 107 THR B CG2 1 
ATOM   887  N N   . ILE A 1 102 ? -0.362  4.522   5.192   1.00 10.01 ? 108 ILE B N   1 
ATOM   888  C CA  . ILE A 1 102 ? -0.130  4.224   6.639   1.00 10.43 ? 108 ILE B CA  1 
ATOM   889  C C   . ILE A 1 102 ? 0.849   3.054   6.690   1.00 11.06 ? 108 ILE B C   1 
ATOM   890  O O   . ILE A 1 102 ? 1.064   2.350   5.664   1.00 10.95 ? 108 ILE B O   1 
ATOM   891  C CB  . ILE A 1 102 ? -1.443  3.907   7.379   1.00 11.62 ? 108 ILE B CB  1 
ATOM   892  C CG1 . ILE A 1 102 ? -2.085  2.591   6.932   1.00 12.39 ? 108 ILE B CG1 1 
ATOM   893  C CG2 . ILE A 1 102 ? -2.400  5.079   7.248   1.00 12.71 ? 108 ILE B CG2 1 
ATOM   894  C CD1 . ILE A 1 102 ? -3.265  2.132   7.755   1.00 12.83 ? 108 ILE B CD1 1 
ATOM   895  N N   . TRP A 1 103 ? 1.371   2.842   7.883   1.00 11.00 ? 109 TRP B N   1 
ATOM   896  C CA  . TRP A 1 103 ? 2.328   1.740   8.075   1.00 11.64 ? 109 TRP B CA  1 
ATOM   897  C C   . TRP A 1 103 ? 2.343   1.221   9.491   1.00 11.88 ? 109 TRP B C   1 
ATOM   898  O O   . TRP A 1 103 ? 1.899   1.870   10.431  1.00 12.15 ? 109 TRP B O   1 
ATOM   899  C CB  . TRP A 1 103 ? 3.692   2.152   7.642   1.00 15.01 ? 109 TRP B CB  1 
ATOM   900  C CG  . TRP A 1 103 ? 4.314   3.260   8.395   1.00 16.59 ? 109 TRP B CG  1 
ATOM   901  C CD1 . TRP A 1 103 ? 4.899   3.176   9.630   1.00 17.67 ? 109 TRP B CD1 1 
ATOM   902  C CD2 . TRP A 1 103 ? 4.677   4.532   7.851   1.00 16.97 ? 109 TRP B CD2 1 
ATOM   903  N NE1 . TRP A 1 103 ? 5.560   4.331   9.910   1.00 20.79 ? 109 TRP B NE1 1 
ATOM   904  C CE2 . TRP A 1 103 ? 5.447   5.181   8.843   1.00 17.74 ? 109 TRP B CE2 1 
ATOM   905  C CE3 . TRP A 1 103 ? 4.436   5.164   6.630   1.00 18.69 ? 109 TRP B CE3 1 
ATOM   906  C CZ2 . TRP A 1 103 ? 5.935   6.470   8.663   1.00 21.51 ? 109 TRP B CZ2 1 
ATOM   907  C CZ3 . TRP A 1 103 ? 4.963   6.415   6.443   1.00 20.22 ? 109 TRP B CZ3 1 
ATOM   908  C CH2 . TRP A 1 103 ? 5.676   7.060   7.443   1.00 19.35 ? 109 TRP B CH2 1 
ATOM   909  N N   . LEU A 1 104 ? 2.873   -0.019  9.595   1.00 12.73 ? 110 LEU B N   1 
ATOM   910  C CA  . LEU A 1 104 ? 3.293   -0.634  10.846  1.00 12.56 ? 110 LEU B CA  1 
ATOM   911  C C   . LEU A 1 104 ? 4.819   -0.683  10.861  1.00 12.19 ? 110 LEU B C   1 
ATOM   912  O O   . LEU A 1 104 ? 5.414   -1.127  9.895   1.00 12.44 ? 110 LEU B O   1 
ATOM   913  C CB  . LEU A 1 104 ? 2.704   -2.032  10.949  1.00 13.01 ? 110 LEU B CB  1 
ATOM   914  C CG  . LEU A 1 104 ? 3.190   -2.884  12.114  1.00 13.48 ? 110 LEU B CG  1 
ATOM   915  C CD1 . LEU A 1 104 ? 2.834   -2.235  13.435  1.00 13.98 ? 110 LEU B CD1 1 
ATOM   916  C CD2 . LEU A 1 104 ? 2.688   -4.302  12.029  1.00 15.47 ? 110 LEU B CD2 1 
ATOM   917  N N   . TRP A 1 105 ? 5.410   -0.284  11.991  1.00 13.73 ? 111 TRP B N   1 
ATOM   918  C CA  . TRP A 1 105 ? 6.880   -0.322  12.159  1.00 15.39 ? 111 TRP B CA  1 
ATOM   919  C C   . TRP A 1 105 ? 7.177   -0.390  13.648  1.00 16.87 ? 111 TRP B C   1 
ATOM   920  O O   . TRP A 1 105 ? 6.682   0.497   14.390  1.00 15.48 ? 111 TRP B O   1 
ATOM   921  C CB  . TRP A 1 105 ? 7.494   0.927   11.514  1.00 19.46 ? 111 TRP B CB  1 
ATOM   922  C CG  . TRP A 1 105 ? 8.934   1.119   11.812  1.00 24.38 ? 111 TRP B CG  1 
ATOM   923  C CD1 . TRP A 1 105 ? 9.520   2.012   12.669  1.00 24.44 ? 111 TRP B CD1 1 
ATOM   924  C CD2 . TRP A 1 105 ? 9.979   0.312   11.280  1.00 25.80 ? 111 TRP B CD2 1 
ATOM   925  N NE1 . TRP A 1 105 ? 10.872  1.829   12.666  1.00 25.76 ? 111 TRP B NE1 1 
ATOM   926  C CE2 . TRP A 1 105 ? 11.183  0.815   11.804  1.00 24.44 ? 111 TRP B CE2 1 
ATOM   927  C CE3 . TRP A 1 105 ? 10.014  -0.752  10.384  1.00 26.75 ? 111 TRP B CE3 1 
ATOM   928  C CZ2 . TRP A 1 105 ? 12.419  0.264   11.487  1.00 29.83 ? 111 TRP B CZ2 1 
ATOM   929  C CZ3 . TRP A 1 105 ? 11.232  -1.313  10.085  1.00 30.66 ? 111 TRP B CZ3 1 
ATOM   930  C CH2 . TRP A 1 105 ? 12.413  -0.829  10.650  1.00 30.33 ? 111 TRP B CH2 1 
ATOM   931  N N   . GLN A 1 106 ? 7.912   -1.416  14.092  1.00 16.27 ? 112 GLN B N   1 
ATOM   932  C CA  . GLN A 1 106 ? 8.340   -1.490  15.519  1.00 16.51 ? 112 GLN B CA  1 
ATOM   933  C C   . GLN A 1 106 ? 7.158   -1.301  16.441  1.00 17.42 ? 112 GLN B C   1 
ATOM   934  O O   . GLN A 1 106 ? 7.246   -0.501  17.454  1.00 19.04 ? 112 GLN B O   1 
ATOM   935  C CB  . GLN A 1 106 ? 9.471   -0.491  15.769  1.00 19.17 ? 112 GLN B CB  1 
ATOM   936  C CG  . GLN A 1 106 ? 10.685  -0.795  14.900  1.00 19.45 ? 112 GLN B CG  1 
ATOM   937  C CD  . GLN A 1 106 ? 11.964  -0.086  15.281  1.00 22.10 ? 112 GLN B CD  1 
ATOM   938  O OE1 . GLN A 1 106 ? 13.059  -0.463  14.821  1.00 24.62 ? 112 GLN B OE1 1 
ATOM   939  N NE2 . GLN A 1 106 ? 11.851  0.928   16.120  1.00 20.33 ? 112 GLN B NE2 1 
ATOM   940  N N   . ASP A 1 107 ? 6.117   -2.070  16.221  1.00 17.76 ? 113 ASP B N   1 
ATOM   941  C CA  . ASP A 1 107 ? 4.992   -2.154  17.162  1.00 22.72 ? 113 ASP B CA  1 
ATOM   942  C C   . ASP A 1 107 ? 4.211   -0.834  17.272  1.00 22.09 ? 113 ASP B C   1 
ATOM   943  O O   . ASP A 1 107 ? 3.346   -0.766  18.163  1.00 29.72 ? 113 ASP B O   1 
ATOM   944  C CB  . ASP A 1 107 ? 5.585   -2.494  18.531  1.00 26.55 ? 113 ASP B CB  1 
ATOM   945  C CG  . ASP A 1 107 ? 4.661   -3.266  19.418  1.00 35.18 ? 113 ASP B CG  1 
ATOM   946  O OD1 . ASP A 1 107 ? 3.732   -3.924  18.886  1.00 40.68 ? 113 ASP B OD1 1 
ATOM   947  O OD2 . ASP A 1 107 ? 4.907   -3.222  20.655  1.00 48.32 ? 113 ASP B OD2 1 
ATOM   948  N N   . SER A 1 108 ? 4.388   0.109   16.349  1.00 18.80 ? 114 SER B N   1 
ATOM   949  C CA  . SER A 1 108 ? 3.526   1.325   16.265  1.00 18.84 ? 114 SER B CA  1 
ATOM   950  C C   . SER A 1 108 ? 2.951   1.496   14.846  1.00 16.15 ? 114 SER B C   1 
ATOM   951  O O   . SER A 1 108 ? 3.643   1.175   13.824  1.00 15.29 ? 114 SER B O   1 
ATOM   952  C CB  . SER A 1 108 ? 4.250   2.532   16.786  1.00 25.33 ? 114 SER B CB  1 
ATOM   953  O OG  . SER A 1 108 ? 5.186   3.026   15.864  1.00 34.18 ? 114 SER B OG  1 
ATOM   954  N N   . TYR A 1 109 ? 1.735   2.003   14.786  1.00 14.22 ? 115 TYR B N   1 
ATOM   955  C CA  . TYR A 1 109 ? 1.067   2.339   13.503  1.00 13.37 ? 115 TYR B CA  1 
ATOM   956  C C   . TYR A 1 109 ? 1.142   3.840   13.312  1.00 13.36 ? 115 TYR B C   1 
ATOM   957  O O   . TYR A 1 109 ? 0.892   4.593   14.257  1.00 13.31 ? 115 TYR B O   1 
ATOM   958  C CB  . TYR A 1 109 ? -0.377  1.865   13.514  1.00 14.15 ? 115 TYR B CB  1 
ATOM   959  C CG  . TYR A 1 109 ? -0.549  0.359   13.647  1.00 15.13 ? 115 TYR B CG  1 
ATOM   960  C CD1 . TYR A 1 109 ? -0.698  -0.246  14.887  1.00 17.38 ? 115 TYR B CD1 1 
ATOM   961  C CD2 . TYR A 1 109 ? -0.583  -0.447  12.516  1.00 13.82 ? 115 TYR B CD2 1 
ATOM   962  C CE1 . TYR A 1 109 ? -0.915  -1.613  15.011  1.00 17.46 ? 115 TYR B CE1 1 
ATOM   963  C CE2 . TYR A 1 109 ? -0.756  -1.817  12.635  1.00 14.37 ? 115 TYR B CE2 1 
ATOM   964  C CZ  . TYR A 1 109 ? -0.918  -2.398  13.881  1.00 15.94 ? 115 TYR B CZ  1 
ATOM   965  O OH  . TYR A 1 109 ? -1.052  -3.768  14.012  1.00 16.81 ? 115 TYR B OH  1 
ATOM   966  N N   A GLU A 1 110 ? 1.495   4.297   12.106  0.25 13.35 ? 116 GLU B N   1 
ATOM   967  N N   B GLU A 1 110 ? 1.498   4.271   12.097  0.25 13.01 ? 116 GLU B N   1 
ATOM   968  C CA  A GLU A 1 110 ? 1.643   5.746   11.803  0.25 13.93 ? 116 GLU B CA  1 
ATOM   969  C CA  B GLU A 1 110 ? 1.705   5.696   11.729  0.25 13.32 ? 116 GLU B CA  1 
ATOM   970  C C   A GLU A 1 110 ? 1.129   6.058   10.396  0.25 12.25 ? 116 GLU B C   1 
ATOM   971  C C   B GLU A 1 110 ? 0.965   5.993   10.418  0.25 11.79 ? 116 GLU B C   1 
ATOM   972  O O   A GLU A 1 110 ? 1.321   5.245   9.480   0.25 11.48 ? 116 GLU B O   1 
ATOM   973  O O   B GLU A 1 110 ? 0.755   5.070   9.605   0.25 10.83 ? 116 GLU B O   1 
ATOM   974  C CB  A GLU A 1 110 ? 3.092   6.201   11.948  0.25 15.56 ? 116 GLU B CB  1 
ATOM   975  C CB  B GLU A 1 110 ? 3.194   6.019   11.588  0.25 14.42 ? 116 GLU B CB  1 
ATOM   976  C CG  A GLU A 1 110 ? 3.621   6.024   13.367  0.25 17.26 ? 116 GLU B CG  1 
ATOM   977  C CG  B GLU A 1 110 ? 4.001   5.764   12.859  0.25 16.40 ? 116 GLU B CG  1 
ATOM   978  C CD  A GLU A 1 110 ? 5.101   6.315   13.511  0.25 19.84 ? 116 GLU B CD  1 
ATOM   979  C CD  B GLU A 1 110 ? 3.875   6.844   13.926  0.25 18.11 ? 116 GLU B CD  1 
ATOM   980  O OE1 A GLU A 1 110 ? 5.846   6.008   12.561  0.25 21.79 ? 116 GLU B OE1 1 
ATOM   981  O OE1 B GLU A 1 110 ? 3.595   8.005   13.585  0.25 21.74 ? 116 GLU B OE1 1 
ATOM   982  O OE2 A GLU A 1 110 ? 5.507   6.852   14.568  0.25 20.08 ? 116 GLU B OE2 1 
ATOM   983  O OE2 B GLU A 1 110 ? 4.101   6.521   15.085  0.25 23.30 ? 116 GLU B OE2 1 
ATOM   984  N N   . ALA A 1 111 ? 0.551   7.246   10.230  1.00 12.46 ? 117 ALA B N   1 
ATOM   985  C CA  . ALA A 1 111 ? 0.174   7.764   8.913   1.00 11.68 ? 117 ALA B CA  1 
ATOM   986  C C   . ALA A 1 111 ? 1.359   8.527   8.314   1.00 12.72 ? 117 ALA B C   1 
ATOM   987  O O   . ALA A 1 111 ? 2.087   9.272   9.019   1.00 12.71 ? 117 ALA B O   1 
ATOM   988  C CB  . ALA A 1 111 ? -1.041  8.660   9.009   1.00 12.68 ? 117 ALA B CB  1 
ATOM   989  N N   . GLY A 1 112 ? 1.572   8.311   7.023   1.00 13.01 ? 118 GLY B N   1 
ATOM   990  C CA  . GLY A 1 112 ? 2.684   8.900   6.262   1.00 12.83 ? 118 GLY B CA  1 
ATOM   991  C C   . GLY A 1 112 ? 2.476   10.362  5.926   1.00 14.09 ? 118 GLY B C   1 
ATOM   992  O O   . GLY A 1 112 ? 2.556   10.748  4.779   1.00 16.00 ? 118 GLY B O   1 
ATOM   993  N N   . THR A 1 113 ? 2.191   11.185  6.909   1.00 15.93 ? 119 THR B N   1 
ATOM   994  C CA  . THR A 1 113 ? 2.290   12.646  6.797   1.00 17.02 ? 119 THR B CA  1 
ATOM   995  C C   . THR A 1 113 ? 3.752   13.058  6.997   1.00 17.68 ? 119 THR B C   1 
ATOM   996  O O   . THR A 1 113 ? 4.570   12.220  7.388   1.00 20.05 ? 119 THR B O   1 
ATOM   997  C CB  . THR A 1 113 ? 1.350   13.275  7.811   1.00 15.18 ? 119 THR B CB  1 
ATOM   998  O OG1 . THR A 1 113 ? 1.656   12.713  9.097   1.00 14.93 ? 119 THR B OG1 1 
ATOM   999  C CG2 . THR A 1 113 ? -0.103  13.055  7.526   1.00 16.61 ? 119 THR B CG2 1 
ATOM   1000 N N   . SER A 1 114 ? 4.062   14.339  6.802   1.00 20.33 ? 120 SER B N   1 
ATOM   1001 C CA  . SER A 1 114 ? 5.421   14.863  7.033   1.00 23.93 ? 120 SER B CA  1 
ATOM   1002 C C   . SER A 1 114 ? 5.344   15.989  8.060   1.00 24.96 ? 120 SER B C   1 
ATOM   1003 O O   . SER A 1 114 ? 4.798   17.045  7.780   1.00 26.41 ? 120 SER B O   1 
ATOM   1004 C CB  . SER A 1 114 ? 6.069   15.334  5.745   1.00 29.75 ? 120 SER B CB  1 
ATOM   1005 O OG  . SER A 1 114 ? 7.425   15.685  6.019   1.00 32.97 ? 120 SER B OG  1 
ATOM   1006 N N   . PRO A 1 115 ? 5.766   15.778  9.317   1.00 22.49 ? 121 PRO B N   1 
ATOM   1007 C CA  . PRO A 1 115 ? 6.251   14.497  9.809   1.00 23.50 ? 121 PRO B CA  1 
ATOM   1008 C C   . PRO A 1 115 ? 5.098   13.518  10.082  1.00 19.27 ? 121 PRO B C   1 
ATOM   1009 O O   . PRO A 1 115 ? 3.932   13.906  10.032  1.00 17.94 ? 121 PRO B O   1 
ATOM   1010 C CB  . PRO A 1 115 ? 6.926   14.877  11.126  1.00 26.09 ? 121 PRO B CB  1 
ATOM   1011 C CG  . PRO A 1 115 ? 6.105   16.049  11.635  1.00 26.15 ? 121 PRO B CG  1 
ATOM   1012 C CD  . PRO A 1 115 ? 5.654   16.797  10.385  1.00 25.36 ? 121 PRO B CD  1 
ATOM   1013 N N   . GLN A 1 116 ? 5.444   12.272  10.354  1.00 19.10 ? 122 GLN B N   1 
ATOM   1014 C CA  . GLN A 1 116 ? 4.471   11.168  10.494  1.00 18.68 ? 122 GLN B CA  1 
ATOM   1015 C C   . GLN A 1 116 ? 3.534   11.411  11.687  1.00 15.51 ? 122 GLN B C   1 
ATOM   1016 O O   . GLN A 1 116 ? 3.946   12.059  12.674  1.00 17.16 ? 122 GLN B O   1 
ATOM   1017 C CB  . GLN A 1 116 ? 5.157   9.797   10.542  1.00 23.19 ? 122 GLN B CB  1 
ATOM   1018 C CG  . GLN A 1 116 ? 5.810   9.440   11.856  1.00 30.54 ? 122 GLN B CG  1 
ATOM   1019 C CD  . GLN A 1 116 ? 7.302   9.602   11.769  1.00 42.19 ? 122 GLN B CD  1 
ATOM   1020 O OE1 . GLN A 1 116 ? 7.815   10.574  11.207  1.00 49.57 ? 122 GLN B OE1 1 
ATOM   1021 N NE2 . GLN A 1 116 ? 8.000   8.663   12.383  1.00 50.54 ? 122 GLN B NE2 1 
ATOM   1022 N N   . THR A 1 117 ? 2.336   10.854  11.617  1.00 13.89 ? 123 THR B N   1 
ATOM   1023 C CA  . THR A 1 117 ? 1.287   11.016  12.634  1.00 12.92 ? 123 THR B CA  1 
ATOM   1024 C C   . THR A 1 117 ? 1.050   9.683   13.325  1.00 13.27 ? 123 THR B C   1 
ATOM   1025 O O   . THR A 1 117 ? 0.722   8.686   12.665  1.00 13.22 ? 123 THR B O   1 
ATOM   1026 C CB  . THR A 1 117 ? -0.001  11.546  11.998  1.00 13.25 ? 123 THR B CB  1 
ATOM   1027 O OG1 . THR A 1 117 ? 0.318   12.783  11.381  1.00 14.57 ? 123 THR B OG1 1 
ATOM   1028 C CG2 . THR A 1 117 ? -1.106  11.737  13.008  1.00 14.73 ? 123 THR B CG2 1 
ATOM   1029 N N   . THR A 1 118 ? 1.081   9.682   14.651  1.00 13.74 ? 124 THR B N   1 
ATOM   1030 C CA  . THR A 1 118 ? 0.713   8.523   15.499  1.00 15.06 ? 124 THR B CA  1 
ATOM   1031 C C   . THR A 1 118 ? -0.726  8.089   15.311  1.00 13.96 ? 124 THR B C   1 
ATOM   1032 O O   . THR A 1 118 ? -1.649  8.966   15.381  1.00 17.13 ? 124 THR B O   1 
ATOM   1033 C CB  . THR A 1 118 ? 0.968   8.917   16.964  1.00 18.74 ? 124 THR B CB  1 
ATOM   1034 O OG1 . THR A 1 118 ? 2.368   9.150   17.078  1.00 21.64 ? 124 THR B OG1 1 
ATOM   1035 C CG2 . THR A 1 118 ? 0.467   7.857   17.908  1.00 21.55 ? 124 THR B CG2 1 
ATOM   1036 N N   . LEU A 1 119 ? -0.990  6.809   15.057  1.00 12.76 ? 125 LEU B N   1 
ATOM   1037 C CA  . LEU A 1 119 ? -2.359  6.266   14.938  1.00 12.77 ? 125 LEU B CA  1 
ATOM   1038 C C   . LEU A 1 119 ? -2.715  5.605   16.269  1.00 16.20 ? 125 LEU B C   1 
ATOM   1039 O O   . LEU A 1 119 ? -1.799  5.265   17.059  1.00 19.80 ? 125 LEU B O   1 
ATOM   1040 C CB  . LEU A 1 119 ? -2.464  5.261   13.783  1.00 13.10 ? 125 LEU B CB  1 
ATOM   1041 C CG  . LEU A 1 119 ? -2.115  5.840   12.403  1.00 12.47 ? 125 LEU B CG  1 
ATOM   1042 C CD1 . LEU A 1 119 ? -2.090  4.787   11.312  1.00 13.23 ? 125 LEU B CD1 1 
ATOM   1043 C CD2 . LEU A 1 119 ? -3.060  6.977   12.039  1.00 14.32 ? 125 LEU B CD2 1 
ATOM   1044 N N   . HIS A 1 120 ? -3.997  5.527   16.561  1.00 15.93 ? 126 HIS B N   1 
ATOM   1045 C CA  . HIS A 1 120 ? -4.519  4.968   17.837  1.00 17.49 ? 126 HIS B CA  1 
ATOM   1046 C C   . HIS A 1 120 ? -5.353  3.756   17.474  1.00 18.10 ? 126 HIS B C   1 
ATOM   1047 O O   . HIS A 1 120 ? -6.544  3.925   17.149  1.00 24.97 ? 126 HIS B O   1 
ATOM   1048 C CB  . HIS A 1 120 ? -5.336  6.049   18.574  1.00 19.31 ? 126 HIS B CB  1 
ATOM   1049 C CG  . HIS A 1 120 ? -4.553  7.295   18.890  1.00 20.41 ? 126 HIS B CG  1 
ATOM   1050 N ND1 . HIS A 1 120 ? -4.597  8.450   18.096  1.00 25.71 ? 126 HIS B ND1 1 
ATOM   1051 C CD2 . HIS A 1 120 ? -3.692  7.574   19.891  1.00 24.86 ? 126 HIS B CD2 1 
ATOM   1052 C CE1 . HIS A 1 120 ? -3.747  9.350   18.589  1.00 25.34 ? 126 HIS B CE1 1 
ATOM   1053 N NE2 . HIS A 1 120 ? -3.237  8.865   19.713  1.00 24.10 ? 126 HIS B NE2 1 
ATOM   1054 N N   . ILE A 1 121 ? -4.772  2.579   17.444  1.00 20.45 ? 127 ILE B N   1 
ATOM   1055 C CA  . ILE A 1 121 ? -5.515  1.352   17.056  1.00 21.38 ? 127 ILE B CA  1 
ATOM   1056 C C   . ILE A 1 121 ? -5.555  0.422   18.304  1.00 22.17 ? 127 ILE B C   1 
ATOM   1057 O O   . ILE A 1 121 ? -4.517  0.078   18.826  1.00 28.77 ? 127 ILE B O   1 
ATOM   1058 C CB  . ILE A 1 121 ? -4.893  0.711   15.792  1.00 23.10 ? 127 ILE B CB  1 
ATOM   1059 C CG1 . ILE A 1 121 ? -4.693  1.709   14.640  1.00 21.31 ? 127 ILE B CG1 1 
ATOM   1060 C CG2 . ILE A 1 121 ? -5.811  -0.421  15.353  1.00 26.02 ? 127 ILE B CG2 1 
ATOM   1061 C CD1 . ILE A 1 121 ? -4.123  1.065   13.379  1.00 22.56 ? 127 ILE B CD1 1 
ATOM   1062 N N   . GLN A 1 122 ? -6.742  0.121   18.807  1.00 27.08 ? 128 GLN B N   1 
ATOM   1063 C CA  . GLN A 1 122 ? -6.870  -0.728  20.033  1.00 31.57 ? 128 GLN B CA  1 
ATOM   1064 C C   . GLN A 1 122 ? -6.811  -2.206  19.626  1.00 28.60 ? 128 GLN B C   1 
ATOM   1065 O O   . GLN A 1 122 ? -6.270  -3.018  20.414  1.00 29.33 ? 128 GLN B O   1 
ATOM   1066 C CB  . GLN A 1 122 ? -8.158  -0.351  20.773  1.00 35.79 ? 128 GLN B CB  1 
ATOM   1067 C CG  . GLN A 1 122 ? -8.475  -1.240  21.983  1.00 46.35 ? 128 GLN B CG  1 
ATOM   1068 C CD  . GLN A 1 122 ? -7.454  -1.205  23.103  1.00 49.70 ? 128 GLN B CD  1 
ATOM   1069 O OE1 . GLN A 1 122 ? -6.729  -0.234  23.307  1.00 54.16 ? 128 GLN B OE1 1 
ATOM   1070 N NE2 . GLN A 1 122 ? -7.386  -2.290  23.861  1.00 55.15 ? 128 GLN B NE2 1 
ATOM   1071 N N   . VAL A 1 123 ? -7.288  -2.543  18.429  1.00 24.32 ? 129 VAL B N   1 
ATOM   1072 C CA  . VAL A 1 123 ? -7.339  -3.958  17.927  1.00 22.41 ? 129 VAL B CA  1 
ATOM   1073 C C   . VAL A 1 123 ? -6.375  -4.101  16.753  1.00 23.32 ? 129 VAL B C   1 
ATOM   1074 O O   . VAL A 1 123 ? -6.665  -3.549  15.694  1.00 20.35 ? 129 VAL B O   1 
ATOM   1075 C CB  . VAL A 1 123 ? -8.765  -4.338  17.509  1.00 24.23 ? 129 VAL B CB  1 
ATOM   1076 C CG1 . VAL A 1 123 ? -8.854  -5.720  16.858  1.00 24.71 ? 129 VAL B CG1 1 
ATOM   1077 C CG2 . VAL A 1 123 ? -9.735  -4.259  18.688  1.00 26.92 ? 129 VAL B CG2 1 
ATOM   1078 N N   . PRO A 1 124 ? -5.170  -4.693  16.911  1.00 22.20 ? 130 PRO B N   1 
ATOM   1079 C CA  . PRO A 1 124 ? -4.205  -4.794  15.810  1.00 21.07 ? 130 PRO B CA  1 
ATOM   1080 C C   . PRO A 1 124 ? -4.885  -5.392  14.589  1.00 20.43 ? 130 PRO B C   1 
ATOM   1081 O O   . PRO A 1 124 ? -5.465  -6.449  14.651  1.00 18.84 ? 130 PRO B O   1 
ATOM   1082 C CB  . PRO A 1 124 ? -3.115  -5.710  16.397  1.00 25.99 ? 130 PRO B CB  1 
ATOM   1083 C CG  . PRO A 1 124 ? -3.148  -5.330  17.885  1.00 25.02 ? 130 PRO B CG  1 
ATOM   1084 C CD  . PRO A 1 124 ? -4.615  -5.222  18.182  1.00 24.79 ? 130 PRO B CD  1 
ATOM   1085 N N   . PRO A 1 125 ? -4.908  -4.712  13.429  1.00 17.48 ? 131 PRO B N   1 
ATOM   1086 C CA  . PRO A 1 125 ? -5.637  -5.223  12.285  1.00 16.95 ? 131 PRO B CA  1 
ATOM   1087 C C   . PRO A 1 125 ? -4.975  -6.409  11.579  1.00 15.73 ? 131 PRO B C   1 
ATOM   1088 O O   . PRO A 1 125 ? -3.747  -6.415  11.445  1.00 17.15 ? 131 PRO B O   1 
ATOM   1089 C CB  . PRO A 1 125 ? -5.720  -4.023  11.339  1.00 17.62 ? 131 PRO B CB  1 
ATOM   1090 C CG  . PRO A 1 125 ? -4.701  -3.061  11.823  1.00 19.21 ? 131 PRO B CG  1 
ATOM   1091 C CD  . PRO A 1 125 ? -4.396  -3.350  13.255  1.00 17.91 ? 131 PRO B CD  1 
ATOM   1092 N N   . CYS A 1 126 ? -5.784  -7.390  11.182  1.00 16.66 ? 132 CYS B N   1 
ATOM   1093 C CA  . CYS A 1 126 ? -5.329  -8.481  10.293  1.00 18.10 ? 132 CYS B CA  1 
ATOM   1094 C C   . CYS A 1 126 ? -5.698  -8.141  8.842   1.00 15.75 ? 132 CYS B C   1 
ATOM   1095 O O   . CYS A 1 126 ? -5.099  -8.703  7.931   1.00 14.88 ? 132 CYS B O   1 
ATOM   1096 C CB  . CYS A 1 126 ? -5.898  -9.837  10.646  1.00 21.07 ? 132 CYS B CB  1 
ATOM   1097 S SG  . CYS A 1 126 ? -5.335  -10.352 12.297  1.00 28.33 ? 132 CYS B SG  1 
ATOM   1098 N N   A GLN A 1 127 ? -6.696  -7.275  8.605   0.25 15.51 ? 133 GLN B N   1 
ATOM   1099 N N   B GLN A 1 127 ? -6.630  -7.203  8.653   0.25 15.87 ? 133 GLN B N   1 
ATOM   1100 C CA  A GLN A 1 127 ? -7.049  -6.801  7.232   0.25 15.91 ? 133 GLN B CA  1 
ATOM   1101 C CA  B GLN A 1 127 ? -7.097  -6.774  7.309   0.25 16.87 ? 133 GLN B CA  1 
ATOM   1102 C C   A GLN A 1 127 ? -7.416  -5.314  7.294   0.25 15.39 ? 133 GLN B C   1 
ATOM   1103 C C   B GLN A 1 127 ? -7.342  -5.263  7.360   0.25 15.96 ? 133 GLN B C   1 
ATOM   1104 O O   A GLN A 1 127 ? -8.112  -4.893  8.246   0.25 13.86 ? 133 GLN B O   1 
ATOM   1105 O O   B GLN A 1 127 ? -7.823  -4.753  8.405   0.25 13.89 ? 133 GLN B O   1 
ATOM   1106 C CB  A GLN A 1 127 ? -8.210  -7.546  6.562   0.25 17.64 ? 133 GLN B CB  1 
ATOM   1107 C CB  B GLN A 1 127 ? -8.350  -7.540  6.883   0.25 19.70 ? 133 GLN B CB  1 
ATOM   1108 C CG  A GLN A 1 127 ? -7.961  -9.024  6.309   0.25 19.30 ? 133 GLN B CG  1 
ATOM   1109 C CG  B GLN A 1 127 ? -8.156  -9.044  6.807   0.25 21.79 ? 133 GLN B CG  1 
ATOM   1110 C CD  A GLN A 1 127 ? -8.444  -9.846  7.475   0.25 21.11 ? 133 GLN B CD  1 
ATOM   1111 C CD  B GLN A 1 127 ? -9.280  -9.721  6.063   0.25 23.00 ? 133 GLN B CD  1 
ATOM   1112 O OE1 A GLN A 1 127 ? -9.414  -9.485  8.146   0.25 21.51 ? 133 GLN B OE1 1 
ATOM   1113 O OE1 B GLN A 1 127 ? -10.155 -9.077  5.483   0.25 28.01 ? 133 GLN B OE1 1 
ATOM   1114 N NE2 A GLN A 1 127 ? -7.762  -10.956 7.725   0.25 20.95 ? 133 GLN B NE2 1 
ATOM   1115 N NE2 B GLN A 1 127 ? -9.263  -11.038 6.081   0.25 25.15 ? 133 GLN B NE2 1 
ATOM   1116 N N   . ILE A 1 128 ? -6.934  -4.571  6.293   1.00 14.57 ? 134 ILE B N   1 
ATOM   1117 C CA  . ILE A 1 128 ? -7.034  -3.095  6.179   1.00 14.20 ? 134 ILE B CA  1 
ATOM   1118 C C   . ILE A 1 128 ? -7.897  -2.831  4.952   1.00 14.31 ? 134 ILE B C   1 
ATOM   1119 O O   . ILE A 1 128 ? -7.644  -3.393  3.873   1.00 13.50 ? 134 ILE B O   1 
ATOM   1120 C CB  . ILE A 1 128 ? -5.641  -2.476  6.018   1.00 15.16 ? 134 ILE B CB  1 
ATOM   1121 C CG1 . ILE A 1 128 ? -4.688  -2.750  7.194   1.00 17.94 ? 134 ILE B CG1 1 
ATOM   1122 C CG2 . ILE A 1 128 ? -5.802  -0.982  5.745   1.00 14.78 ? 134 ILE B CG2 1 
ATOM   1123 C CD1 . ILE A 1 128 ? -5.004  -2.017  8.406   1.00 17.79 ? 134 ILE B CD1 1 
ATOM   1124 N N   . GLY A 1 129 ? -8.885  -1.950  5.081   1.00 13.88 ? 135 GLY B N   1 
ATOM   1125 C CA  . GLY A 1 129 ? -9.634  -1.463  3.918   1.00 13.72 ? 135 GLY B CA  1 
ATOM   1126 C C   . GLY A 1 129 ? -9.160  -0.084  3.515   1.00 13.95 ? 135 GLY B C   1 
ATOM   1127 O O   . GLY A 1 129 ? -8.840  0.731   4.387   1.00 13.21 ? 135 GLY B O   1 
ATOM   1128 N N   . ILE A 1 130 ? -9.005  0.130   2.215   1.00 13.68 ? 136 ILE B N   1 
ATOM   1129 C CA  . ILE A 1 130 ? -8.508  1.404   1.646   1.00 12.73 ? 136 ILE B CA  1 
ATOM   1130 C C   . ILE A 1 130 ? -9.575  1.979   0.715   1.00 13.09 ? 136 ILE B C   1 
ATOM   1131 O O   . ILE A 1 130 ? -10.046 1.283   -0.185  1.00 13.74 ? 136 ILE B O   1 
ATOM   1132 C CB  . ILE A 1 130 ? -7.179  1.200   0.893   1.00 13.76 ? 136 ILE B CB  1 
ATOM   1133 C CG1 . ILE A 1 130 ? -6.129  0.615   1.845   1.00 16.26 ? 136 ILE B CG1 1 
ATOM   1134 C CG2 . ILE A 1 130 ? -6.713  2.496   0.237   1.00 14.75 ? 136 ILE B CG2 1 
ATOM   1135 C CD1 . ILE A 1 130 ? -4.879  0.201   1.188   1.00 20.34 ? 136 ILE B CD1 1 
ATOM   1136 N N   . PHE A 1 131 ? -9.999  3.189   1.023   1.00 13.36 ? 137 PHE B N   1 
ATOM   1137 C CA  . PHE A 1 131 ? -11.053 3.900   0.256   1.00 13.07 ? 137 PHE B CA  1 
ATOM   1138 C C   . PHE A 1 131 ? -10.454 5.169   -0.333  1.00 12.30 ? 137 PHE B C   1 
ATOM   1139 O O   . PHE A 1 131 ? -9.840  5.963   0.385   1.00 13.69 ? 137 PHE B O   1 
ATOM   1140 C CB  . PHE A 1 131 ? -12.228 4.268   1.157   1.00 14.34 ? 137 PHE B CB  1 
ATOM   1141 C CG  . PHE A 1 131 ? -13.299 5.098   0.491   1.00 14.78 ? 137 PHE B CG  1 
ATOM   1142 C CD1 . PHE A 1 131 ? -14.070 4.533   -0.507  1.00 16.62 ? 137 PHE B CD1 1 
ATOM   1143 C CD2 . PHE A 1 131 ? -13.531 6.412   0.857   1.00 16.53 ? 137 PHE B CD2 1 
ATOM   1144 C CE1 . PHE A 1 131 ? -15.095 5.272   -1.085  1.00 20.15 ? 137 PHE B CE1 1 
ATOM   1145 C CE2 . PHE A 1 131 ? -14.506 7.167   0.226   1.00 17.70 ? 137 PHE B CE2 1 
ATOM   1146 C CZ  . PHE A 1 131 ? -15.303 6.581   -0.719  1.00 17.16 ? 137 PHE B CZ  1 
ATOM   1147 N N   . VAL A 1 132 ? -10.655 5.359   -1.633  1.00 13.08 ? 138 VAL B N   1 
ATOM   1148 C CA  . VAL A 1 132 ? -10.231 6.592   -2.342  1.00 13.39 ? 138 VAL B CA  1 
ATOM   1149 C C   . VAL A 1 132 ? -11.454 7.248   -2.988  1.00 13.20 ? 138 VAL B C   1 
ATOM   1150 O O   . VAL A 1 132 ? -12.151 6.590   -3.747  1.00 14.91 ? 138 VAL B O   1 
ATOM   1151 C CB  . VAL A 1 132 ? -9.157  6.311   -3.402  1.00 13.57 ? 138 VAL B CB  1 
ATOM   1152 C CG1 . VAL A 1 132 ? -8.749  7.598   -4.133  1.00 14.78 ? 138 VAL B CG1 1 
ATOM   1153 C CG2 . VAL A 1 132 ? -7.967  5.626   -2.743  1.00 15.24 ? 138 VAL B CG2 1 
ATOM   1154 N N   . ASP A 1 133 ? -11.686 8.504   -2.665  1.00 13.50 ? 139 ASP B N   1 
ATOM   1155 C CA  . ASP A 1 133 ? -12.647 9.360   -3.427  1.00 14.80 ? 139 ASP B CA  1 
ATOM   1156 C C   . ASP A 1 133 ? -11.830 10.411  -4.176  1.00 13.24 ? 139 ASP B C   1 
ATOM   1157 O O   . ASP A 1 133 ? -11.329 11.375  -3.563  1.00 13.48 ? 139 ASP B O   1 
ATOM   1158 C CB  . ASP A 1 133 ? -13.689 9.935   -2.497  1.00 14.10 ? 139 ASP B CB  1 
ATOM   1159 C CG  . ASP A 1 133 ? -14.782 10.717  -3.210  1.00 17.61 ? 139 ASP B CG  1 
ATOM   1160 O OD1 . ASP A 1 133 ? -14.534 11.245  -4.327  1.00 18.70 ? 139 ASP B OD1 1 
ATOM   1161 O OD2 . ASP A 1 133 ? -15.838 10.868  -2.539  1.00 21.74 ? 139 ASP B OD2 1 
ATOM   1162 N N   . TYR A 1 134 ? -11.673 10.186  -5.482  1.00 14.28 ? 140 TYR B N   1 
ATOM   1163 C CA  . TYR A 1 134 ? -10.791 11.032  -6.320  1.00 13.28 ? 140 TYR B CA  1 
ATOM   1164 C C   . TYR A 1 134 ? -11.288 12.496  -6.350  1.00 15.72 ? 140 TYR B C   1 
ATOM   1165 O O   . TYR A 1 134 ? -10.564 13.405  -6.014  1.00 17.54 ? 140 TYR B O   1 
ATOM   1166 C CB  . TYR A 1 134 ? -10.653 10.462  -7.734  1.00 14.53 ? 140 TYR B CB  1 
ATOM   1167 C CG  . TYR A 1 134 ? -9.450  11.068  -8.412  1.00 14.96 ? 140 TYR B CG  1 
ATOM   1168 C CD1 . TYR A 1 134 ? -9.451  12.365  -8.891  1.00 15.17 ? 140 TYR B CD1 1 
ATOM   1169 C CD2 . TYR A 1 134 ? -8.254  10.368  -8.521  1.00 14.70 ? 140 TYR B CD2 1 
ATOM   1170 C CE1 . TYR A 1 134 ? -8.317  12.958  -9.392  1.00 15.21 ? 140 TYR B CE1 1 
ATOM   1171 C CE2 . TYR A 1 134 ? -7.117  10.936  -9.061  1.00 13.72 ? 140 TYR B CE2 1 
ATOM   1172 C CZ  . TYR A 1 134 ? -7.147  12.236  -9.540  1.00 14.13 ? 140 TYR B CZ  1 
ATOM   1173 O OH  . TYR A 1 134 ? -6.028  12.861  -10.031 1.00 14.44 ? 140 TYR B OH  1 
ATOM   1174 N N   . GLU A 1 135 ? -12.581 12.677  -6.595  1.00 17.80 ? 141 GLU B N   1 
ATOM   1175 C CA  . GLU A 1 135 ? -13.150 14.046  -6.719  1.00 18.29 ? 141 GLU B CA  1 
ATOM   1176 C C   . GLU A 1 135 ? -13.092 14.775  -5.381  1.00 17.51 ? 141 GLU B C   1 
ATOM   1177 O O   . GLU A 1 135 ? -12.766 15.957  -5.375  1.00 21.26 ? 141 GLU B O   1 
ATOM   1178 C CB  . GLU A 1 135 ? -14.550 13.974  -7.303  1.00 20.19 ? 141 GLU B CB  1 
ATOM   1179 C CG  . GLU A 1 135 ? -14.511 13.924  -8.836  1.00 26.43 ? 141 GLU B CG  1 
ATOM   1180 C CD  . GLU A 1 135 ? -14.044 12.595  -9.320  1.00 28.33 ? 141 GLU B CD  1 
ATOM   1181 O OE1 . GLU A 1 135 ? -13.425 12.560  -10.333 1.00 27.69 ? 141 GLU B OE1 1 
ATOM   1182 O OE2 . GLU A 1 135 ? -14.304 11.585  -8.624  1.00 33.26 ? 141 GLU B OE2 1 
ATOM   1183 N N   . ALA A 1 136 ? -13.376 14.106  -4.260  1.00 16.30 ? 142 ALA B N   1 
ATOM   1184 C CA  . ALA A 1 136 ? -13.360 14.705  -2.916  1.00 17.56 ? 142 ALA B CA  1 
ATOM   1185 C C   . ALA A 1 136 ? -11.937 14.952  -2.410  1.00 16.68 ? 142 ALA B C   1 
ATOM   1186 O O   . ALA A 1 136 ? -11.758 15.789  -1.491  1.00 20.23 ? 142 ALA B O   1 
ATOM   1187 C CB  . ALA A 1 136 ? -14.123 13.794  -1.981  1.00 19.22 ? 142 ALA B CB  1 
ATOM   1188 N N   . GLY A 1 137 ? -10.925 14.306  -2.997  1.00 14.25 ? 143 GLY B N   1 
ATOM   1189 C CA  . GLY A 1 137 ? -9.558  14.398  -2.489  1.00 13.59 ? 143 GLY B CA  1 
ATOM   1190 C C   . GLY A 1 137 ? -9.424  13.685  -1.131  1.00 13.02 ? 143 GLY B C   1 
ATOM   1191 O O   . GLY A 1 137 ? -8.859  14.311  -0.198  1.00 13.60 ? 143 GLY B O   1 
ATOM   1192 N N   . VAL A 1 138 ? -9.945  12.476  -0.999  1.00 13.38 ? 144 VAL B N   1 
ATOM   1193 C CA  . VAL A 1 138 ? -9.943  11.705  0.279   1.00 12.65 ? 144 VAL B CA  1 
ATOM   1194 C C   . VAL A 1 138 ? -9.274  10.351  0.064   1.00 12.27 ? 144 VAL B C   1 
ATOM   1195 O O   . VAL A 1 138 ? -9.625  9.624   -0.890  1.00 13.18 ? 144 VAL B O   1 
ATOM   1196 C CB  . VAL A 1 138 ? -11.390 11.545  0.775   1.00 13.93 ? 144 VAL B CB  1 
ATOM   1197 C CG1 . VAL A 1 138 ? -11.489 10.529  1.900   1.00 15.45 ? 144 VAL B CG1 1 
ATOM   1198 C CG2 . VAL A 1 138 ? -11.926 12.907  1.166   1.00 14.95 ? 144 VAL B CG2 1 
ATOM   1199 N N   . VAL A 1 139 ? -8.435  9.969   1.035   1.00 12.04 ? 145 VAL B N   1 
ATOM   1200 C CA  . VAL A 1 139 ? -7.961  8.566   1.180   1.00 11.12 ? 145 VAL B CA  1 
ATOM   1201 C C   . VAL A 1 139 ? -8.211  8.150   2.633   1.00 10.86 ? 145 VAL B C   1 
ATOM   1202 O O   . VAL A 1 139 ? -7.649  8.811   3.532   1.00 12.22 ? 145 VAL B O   1 
ATOM   1203 C CB  . VAL A 1 139 ? -6.468  8.437   0.829   1.00 12.27 ? 145 VAL B CB  1 
ATOM   1204 C CG1 . VAL A 1 139 ? -6.054  6.960   0.933   1.00 11.80 ? 145 VAL B CG1 1 
ATOM   1205 C CG2 . VAL A 1 139 ? -6.171  9.056   -0.529  1.00 12.28 ? 145 VAL B CG2 1 
ATOM   1206 N N   . SER A 1 140 ? -9.003  7.122   2.845   1.00 11.33 ? 146 SER B N   1 
ATOM   1207 C CA  . SER A 1 140 ? -9.324  6.634   4.197   1.00 12.27 ? 146 SER B CA  1 
ATOM   1208 C C   . SER A 1 140 ? -8.954  5.169   4.372   1.00 12.02 ? 146 SER B C   1 
ATOM   1209 O O   . SER A 1 140 ? -8.987  4.389   3.421   1.00 12.54 ? 146 SER B O   1 
ATOM   1210 C CB  . SER A 1 140 ? -10.791 6.821   4.470   1.00 13.17 ? 146 SER B CB  1 
ATOM   1211 O OG  . SER A 1 140 ? -11.139 8.206   4.550   1.00 14.14 ? 146 SER B OG  1 
ATOM   1212 N N   . PHE A 1 141 ? -8.613  4.817   5.597   1.00 11.02 ? 147 PHE B N   1 
ATOM   1213 C CA  . PHE A 1 141 ? -8.153  3.480   5.999   1.00 11.52 ? 147 PHE B CA  1 
ATOM   1214 C C   . PHE A 1 141 ? -9.068  2.970   7.101   1.00 11.76 ? 147 PHE B C   1 
ATOM   1215 O O   . PHE A 1 141 ? -9.315  3.734   8.074   1.00 11.80 ? 147 PHE B O   1 
ATOM   1216 C CB  . PHE A 1 141 ? -6.685  3.515   6.455   1.00 11.29 ? 147 PHE B CB  1 
ATOM   1217 C CG  . PHE A 1 141 ? -5.724  3.964   5.395   1.00 10.98 ? 147 PHE B CG  1 
ATOM   1218 C CD1 . PHE A 1 141 ? -5.522  5.321   5.148   1.00 10.53 ? 147 PHE B CD1 1 
ATOM   1219 C CD2 . PHE A 1 141 ? -5.043  3.024   4.647   1.00 11.16 ? 147 PHE B CD2 1 
ATOM   1220 C CE1 . PHE A 1 141 ? -4.664  5.724   4.127   1.00 10.83 ? 147 PHE B CE1 1 
ATOM   1221 C CE2 . PHE A 1 141 ? -4.170  3.441   3.659   1.00 11.25 ? 147 PHE B CE2 1 
ATOM   1222 C CZ  . PHE A 1 141 ? -3.998  4.774   3.373   1.00 10.27 ? 147 PHE B CZ  1 
ATOM   1223 N N   . TYR A 1 142 ? -9.451  1.712   6.996   1.00 12.15 ? 148 TYR B N   1 
ATOM   1224 C CA  . TYR A 1 142 ? -10.439 1.070   7.905   1.00 13.62 ? 148 TYR B CA  1 
ATOM   1225 C C   . TYR A 1 142 ? -9.863  -0.217  8.481   1.00 14.48 ? 148 TYR B C   1 
ATOM   1226 O O   . TYR A 1 142 ? -9.181  -0.977  7.793   1.00 13.82 ? 148 TYR B O   1 
ATOM   1227 C CB  . TYR A 1 142 ? -11.764 0.845   7.190   1.00 14.72 ? 148 TYR B CB  1 
ATOM   1228 C CG  . TYR A 1 142 ? -12.421 2.132   6.742   1.00 14.92 ? 148 TYR B CG  1 
ATOM   1229 C CD1 . TYR A 1 142 ? -13.172 2.878   7.619   1.00 15.53 ? 148 TYR B CD1 1 
ATOM   1230 C CD2 . TYR A 1 142 ? -12.190 2.680   5.499   1.00 15.84 ? 148 TYR B CD2 1 
ATOM   1231 C CE1 . TYR A 1 142 ? -13.731 4.086   7.257   1.00 15.76 ? 148 TYR B CE1 1 
ATOM   1232 C CE2 . TYR A 1 142 ? -12.751 3.888   5.109   1.00 15.30 ? 148 TYR B CE2 1 
ATOM   1233 C CZ  . TYR A 1 142 ? -13.564 4.591   5.981   1.00 17.01 ? 148 TYR B CZ  1 
ATOM   1234 O OH  . TYR A 1 142 ? -14.065 5.817   5.604   1.00 19.20 ? 148 TYR B OH  1 
ATOM   1235 N N   . ASN A 1 143 ? -10.224 -0.519  9.727   1.00 15.29 ? 149 ASN B N   1 
ATOM   1236 C CA  . ASN A 1 143 ? -9.733  -1.721  10.455  1.00 15.05 ? 149 ASN B CA  1 
ATOM   1237 C C   . ASN A 1 143 ? -10.790 -2.815  10.289  1.00 15.96 ? 149 ASN B C   1 
ATOM   1238 O O   . ASN A 1 143 ? -11.825 -2.774  11.016  1.00 17.03 ? 149 ASN B O   1 
ATOM   1239 C CB  . ASN A 1 143 ? -9.511  -1.367  11.922  1.00 15.46 ? 149 ASN B CB  1 
ATOM   1240 C CG  . ASN A 1 143 ? -8.973  -2.532  12.741  1.00 16.22 ? 149 ASN B CG  1 
ATOM   1241 O OD1 . ASN A 1 143 ? -9.015  -3.662  12.276  1.00 18.05 ? 149 ASN B OD1 1 
ATOM   1242 N ND2 . ASN A 1 143 ? -8.356  -2.226  13.844  1.00 16.64 ? 149 ASN B ND2 1 
ATOM   1243 N N   . ILE A 1 144 ? -10.614 -3.753  9.367   1.00 16.04 ? 150 ILE B N   1 
ATOM   1244 C CA  . ILE A 1 144 ? -11.689 -4.718  9.029   1.00 17.13 ? 150 ILE B CA  1 
ATOM   1245 C C   . ILE A 1 144 ? -11.834 -5.665  10.231  1.00 19.08 ? 150 ILE B C   1 
ATOM   1246 O O   . ILE A 1 144 ? -12.960 -6.121  10.480  1.00 21.11 ? 150 ILE B O   1 
ATOM   1247 C CB  . ILE A 1 144 ? -11.360 -5.478  7.741   1.00 18.57 ? 150 ILE B CB  1 
ATOM   1248 C CG1 . ILE A 1 144 ? -11.127 -4.539  6.545   1.00 18.10 ? 150 ILE B CG1 1 
ATOM   1249 C CG2 . ILE A 1 144 ? -12.419 -6.535  7.438   1.00 20.00 ? 150 ILE B CG2 1 
ATOM   1250 C CD1 . ILE A 1 144 ? -12.151 -3.463  6.415   1.00 22.72 ? 150 ILE B CD1 1 
ATOM   1251 N N   . THR A 1 145 ? -10.755 -5.927  10.951  1.00 19.26 ? 151 THR B N   1 
ATOM   1252 C CA  . THR A 1 145 ? -10.752 -6.833  12.150  1.00 19.73 ? 151 THR B CA  1 
ATOM   1253 C C   . THR A 1 145 ? -11.639 -6.255  13.262  1.00 22.75 ? 151 THR B C   1 
ATOM   1254 O O   . THR A 1 145 ? -12.285 -7.067  13.993  1.00 26.63 ? 151 THR B O   1 
ATOM   1255 C CB  . THR A 1 145 ? -9.320  -7.029  12.661  1.00 18.87 ? 151 THR B CB  1 
ATOM   1256 O OG1 . THR A 1 145 ? -8.527  -7.453  11.559  1.00 18.99 ? 151 THR B OG1 1 
ATOM   1257 C CG2 . THR A 1 145 ? -9.269  -8.059  13.778  1.00 21.06 ? 151 THR B CG2 1 
ATOM   1258 N N   . ASP A 1 146 ? -11.721 -4.930  13.365  1.00 21.84 ? 152 ASP B N   1 
ATOM   1259 C CA  . ASP A 1 146 ? -12.528 -4.184  14.373  1.00 22.62 ? 152 ASP B CA  1 
ATOM   1260 C C   . ASP A 1 146 ? -13.779 -3.560  13.728  1.00 23.39 ? 152 ASP B C   1 
ATOM   1261 O O   . ASP A 1 146 ? -13.989 -2.349  13.893  1.00 23.94 ? 152 ASP B O   1 
ATOM   1262 C CB  . ASP A 1 146 ? -11.620 -3.227  15.110  1.00 22.15 ? 152 ASP B CB  1 
ATOM   1263 C CG  . ASP A 1 146 ? -12.342 -2.462  16.197  1.00 28.24 ? 152 ASP B CG  1 
ATOM   1264 O OD1 . ASP A 1 146 ? -13.126 -3.111  16.943  1.00 27.26 ? 152 ASP B OD1 1 
ATOM   1265 O OD2 . ASP A 1 146 ? -12.166 -1.228  16.252  1.00 26.35 ? 152 ASP B OD2 1 
ATOM   1266 N N   . HIS A 1 147 ? -14.605 -4.371  13.066  1.00 24.91 ? 153 HIS B N   1 
ATOM   1267 C CA  . HIS A 1 147 ? -15.938 -3.970  12.527  1.00 28.25 ? 153 HIS B CA  1 
ATOM   1268 C C   . HIS A 1 147 ? -15.796 -2.761  11.587  1.00 27.77 ? 153 HIS B C   1 
ATOM   1269 O O   . HIS A 1 147 ? -16.733 -1.970  11.466  1.00 28.20 ? 153 HIS B O   1 
ATOM   1270 C CB  . HIS A 1 147 ? -16.927 -3.604  13.649  1.00 34.68 ? 153 HIS B CB  1 
ATOM   1271 C CG  . HIS A 1 147 ? -17.018 -4.548  14.810  1.00 42.11 ? 153 HIS B CG  1 
ATOM   1272 N ND1 . HIS A 1 147 ? -17.665 -5.770  14.726  1.00 48.82 ? 153 HIS B ND1 1 
ATOM   1273 C CD2 . HIS A 1 147 ? -16.619 -4.417  16.097  1.00 47.72 ? 153 HIS B CD2 1 
ATOM   1274 C CE1 . HIS A 1 147 ? -17.623 -6.374  15.904  1.00 51.54 ? 153 HIS B CE1 1 
ATOM   1275 N NE2 . HIS A 1 147 ? -16.982 -5.563  16.766  1.00 50.68 ? 153 HIS B NE2 1 
ATOM   1276 N N   . GLY A 1 148 ? -14.655 -2.585  10.924  1.00 22.17 ? 154 GLY B N   1 
ATOM   1277 C CA  . GLY A 1 148 ? -14.547 -1.522  9.902   1.00 19.10 ? 154 GLY B CA  1 
ATOM   1278 C C   . GLY A 1 148 ? -14.253 -0.161  10.509  1.00 17.72 ? 154 GLY B C   1 
ATOM   1279 O O   . GLY A 1 148 ? -14.566 0.823   9.852   1.00 18.06 ? 154 GLY B O   1 
ATOM   1280 N N   . SER A 1 149 ? -13.740 -0.100  11.724  1.00 17.26 ? 155 SER B N   1 
ATOM   1281 C CA  . SER A 1 149 ? -13.528 1.184   12.439  1.00 15.22 ? 155 SER B CA  1 
ATOM   1282 C C   . SER A 1 149 ? -12.535 2.065   11.673  1.00 15.48 ? 155 SER B C   1 
ATOM   1283 O O   . SER A 1 149 ? -11.567 1.545   11.087  1.00 15.81 ? 155 SER B O   1 
ATOM   1284 C CB  . SER A 1 149 ? -13.101 1.004   13.858  1.00 17.26 ? 155 SER B CB  1 
ATOM   1285 O OG  . SER A 1 149 ? -11.930 0.215   14.011  1.00 18.54 ? 155 SER B OG  1 
ATOM   1286 N N   . LEU A 1 150 ? -12.717 3.364   11.699  1.00 15.18 ? 156 LEU B N   1 
ATOM   1287 C CA  . LEU A 1 150 ? -11.769 4.263   10.981  1.00 13.71 ? 156 LEU B CA  1 
ATOM   1288 C C   . LEU A 1 150 ? -10.404 4.250   11.649  1.00 13.67 ? 156 LEU B C   1 
ATOM   1289 O O   . LEU A 1 150 ? -10.272 4.374   12.914  1.00 14.58 ? 156 LEU B O   1 
ATOM   1290 C CB  . LEU A 1 150 ? -12.327 5.685   11.001  1.00 14.24 ? 156 LEU B CB  1 
ATOM   1291 C CG  . LEU A 1 150 ? -11.503 6.757   10.302  1.00 14.60 ? 156 LEU B CG  1 
ATOM   1292 C CD1 . LEU A 1 150 ? -11.449 6.533   8.810   1.00 14.54 ? 156 LEU B CD1 1 
ATOM   1293 C CD2 . LEU A 1 150 ? -12.142 8.137   10.623  1.00 15.27 ? 156 LEU B CD2 1 
ATOM   1294 N N   . ILE A 1 151 ? -9.367  4.156   10.800  1.00 12.28 ? 157 ILE B N   1 
ATOM   1295 C CA  . ILE A 1 151 ? -7.968  4.310   11.212  1.00 13.12 ? 157 ILE B CA  1 
ATOM   1296 C C   . ILE A 1 151 ? -7.460  5.727   10.940  1.00 11.77 ? 157 ILE B C   1 
ATOM   1297 O O   . ILE A 1 151 ? -6.829  6.362   11.805  1.00 12.41 ? 157 ILE B O   1 
ATOM   1298 C CB  . ILE A 1 151 ? -7.088  3.236   10.548  1.00 12.49 ? 157 ILE B CB  1 
ATOM   1299 C CG1 . ILE A 1 151 ? -7.460  1.835   10.999  1.00 12.85 ? 157 ILE B CG1 1 
ATOM   1300 C CG2 . ILE A 1 151 ? -5.604  3.506   10.814  1.00 13.04 ? 157 ILE B CG2 1 
ATOM   1301 C CD1 . ILE A 1 151 ? -6.768  0.757   10.191  1.00 13.84 ? 157 ILE B CD1 1 
ATOM   1302 N N   . TYR A 1 152 ? -7.663  6.234   9.737   1.00 11.67 ? 158 TYR B N   1 
ATOM   1303 C CA  . TYR A 1 152 ? -7.073  7.532   9.365   1.00 10.52 ? 158 TYR B CA  1 
ATOM   1304 C C   . TYR A 1 152 ? -7.741  7.995   8.072   1.00 10.79 ? 158 TYR B C   1 
ATOM   1305 O O   . TYR A 1 152 ? -8.013  7.172   7.159   1.00 11.32 ? 158 TYR B O   1 
ATOM   1306 C CB  . TYR A 1 152 ? -5.557  7.412   9.078   1.00 11.76 ? 158 TYR B CB  1 
ATOM   1307 C CG  . TYR A 1 152 ? -4.894  8.752   8.967   1.00 11.59 ? 158 TYR B CG  1 
ATOM   1308 C CD1 . TYR A 1 152 ? -4.550  9.496   10.089  1.00 11.48 ? 158 TYR B CD1 1 
ATOM   1309 C CD2 . TYR A 1 152 ? -4.638  9.343   7.740   1.00 11.64 ? 158 TYR B CD2 1 
ATOM   1310 C CE1 . TYR A 1 152 ? -3.994  10.761  9.981   1.00 12.69 ? 158 TYR B CE1 1 
ATOM   1311 C CE2 . TYR A 1 152 ? -4.059  10.591  7.617   1.00 12.20 ? 158 TYR B CE2 1 
ATOM   1312 C CZ  . TYR A 1 152 ? -3.775  11.327  8.741   1.00 12.63 ? 158 TYR B CZ  1 
ATOM   1313 O OH  . TYR A 1 152 ? -3.248  12.575  8.678   1.00 15.49 ? 158 TYR B OH  1 
ATOM   1314 N N   . THR A 1 153 ? -7.933  9.312   7.961   1.00 11.32 ? 159 THR B N   1 
ATOM   1315 C CA  . THR A 1 153 ? -8.413  9.988   6.728   1.00 11.88 ? 159 THR B CA  1 
ATOM   1316 C C   . THR A 1 153 ? -7.440  11.094  6.338   1.00 11.66 ? 159 THR B C   1 
ATOM   1317 O O   . THR A 1 153 ? -7.214  12.052  7.117   1.00 12.66 ? 159 THR B O   1 
ATOM   1318 C CB  . THR A 1 153 ? -9.820  10.572  6.923   1.00 12.95 ? 159 THR B CB  1 
ATOM   1319 O OG1 . THR A 1 153 ? -10.720 9.481   7.029   1.00 13.73 ? 159 THR B OG1 1 
ATOM   1320 C CG2 . THR A 1 153 ? -10.248 11.447  5.761   1.00 14.29 ? 159 THR B CG2 1 
ATOM   1321 N N   . PHE A 1 154 ? -6.851  10.979  5.136   1.00 12.42 ? 160 PHE B N   1 
ATOM   1322 C CA  . PHE A 1 154 ? -6.174  12.103  4.451   1.00 11.66 ? 160 PHE B CA  1 
ATOM   1323 C C   . PHE A 1 154 ? -7.269  12.876  3.703   1.00 13.30 ? 160 PHE B C   1 
ATOM   1324 O O   . PHE A 1 154 ? -7.968  12.288  2.892   1.00 12.54 ? 160 PHE B O   1 
ATOM   1325 C CB  . PHE A 1 154 ? -5.177  11.620  3.395   1.00 12.81 ? 160 PHE B CB  1 
ATOM   1326 C CG  . PHE A 1 154 ? -3.936  10.948  3.931   1.00 10.86 ? 160 PHE B CG  1 
ATOM   1327 C CD1 . PHE A 1 154 ? -3.912  9.576   4.149   1.00 11.39 ? 160 PHE B CD1 1 
ATOM   1328 C CD2 . PHE A 1 154 ? -2.781  11.669  4.118   1.00 11.06 ? 160 PHE B CD2 1 
ATOM   1329 C CE1 . PHE A 1 154 ? -2.756  8.962   4.599   1.00 12.18 ? 160 PHE B CE1 1 
ATOM   1330 C CE2 . PHE A 1 154 ? -1.617  11.052  4.561   1.00 11.74 ? 160 PHE B CE2 1 
ATOM   1331 C CZ  . PHE A 1 154 ? -1.616  9.697   4.783   1.00 11.08 ? 160 PHE B CZ  1 
ATOM   1332 N N   . SER A 1 155 ? -7.417  14.158  4.026   1.00 14.88 ? 161 SER B N   1 
ATOM   1333 C CA  . SER A 1 155 ? -8.337  14.991  3.235   1.00 16.25 ? 161 SER B CA  1 
ATOM   1334 C C   . SER A 1 155 ? -7.609  16.175  2.599   1.00 15.93 ? 161 SER B C   1 
ATOM   1335 O O   . SER A 1 155 ? -6.427  16.423  2.868   1.00 17.62 ? 161 SER B O   1 
ATOM   1336 C CB  . SER A 1 155 ? -9.472  15.389  4.138   1.00 17.39 ? 161 SER B CB  1 
ATOM   1337 O OG  . SER A 1 155 ? -9.025  16.304  5.100   1.00 21.75 ? 161 SER B OG  1 
ATOM   1338 N N   . GLU A 1 156 ? -8.317  16.866  1.699   1.00 18.97 ? 162 GLU B N   1 
ATOM   1339 C CA  . GLU A 1 156 ? -7.718  17.956  0.880   1.00 20.36 ? 162 GLU B CA  1 
ATOM   1340 C C   . GLU A 1 156 ? -6.493  17.424  0.121   1.00 19.85 ? 162 GLU B C   1 
ATOM   1341 O O   . GLU A 1 156 ? -5.456  18.155  0.048   1.00 20.54 ? 162 GLU B O   1 
ATOM   1342 C CB  . GLU A 1 156 ? -7.240  19.132  1.728   1.00 26.57 ? 162 GLU B CB  1 
ATOM   1343 C CG  . GLU A 1 156 ? -8.173  19.587  2.832   1.00 32.19 ? 162 GLU B CG  1 
ATOM   1344 C CD  . GLU A 1 156 ? -7.558  20.782  3.551   1.00 42.07 ? 162 GLU B CD  1 
ATOM   1345 O OE1 . GLU A 1 156 ? -6.964  20.604  4.639   1.00 43.22 ? 162 GLU B OE1 1 
ATOM   1346 O OE2 . GLU A 1 156 ? -7.614  21.889  2.979   1.00 47.79 ? 162 GLU B OE2 1 
ATOM   1347 N N   . CYS A 1 157 ? -6.567  16.176  -0.353  1.00 16.40 ? 163 CYS B N   1 
ATOM   1348 C CA  . CYS A 1 157 ? -5.423  15.557  -1.068  1.00 16.17 ? 163 CYS B CA  1 
ATOM   1349 C C   . CYS A 1 157 ? -5.234  16.266  -2.410  1.00 18.40 ? 163 CYS B C   1 
ATOM   1350 O O   . CYS A 1 157 ? -6.248  16.531  -3.118  1.00 19.48 ? 163 CYS B O   1 
ATOM   1351 C CB  . CYS A 1 157 ? -5.580  14.063  -1.321  1.00 15.31 ? 163 CYS B CB  1 
ATOM   1352 S SG  . CYS A 1 157 ? -5.678  13.087  0.215   1.00 15.42 ? 163 CYS B SG  1 
ATOM   1353 N N   . VAL A 1 158 ? -3.986  16.485  -2.778  1.00 16.71 ? 164 VAL B N   1 
ATOM   1354 C CA  . VAL A 1 158 ? -3.673  17.068  -4.099  1.00 18.24 ? 164 VAL B CA  1 
ATOM   1355 C C   . VAL A 1 158 ? -3.026  15.942  -4.906  1.00 15.55 ? 164 VAL B C   1 
ATOM   1356 O O   . VAL A 1 158 ? -1.775  15.771  -4.943  1.00 18.66 ? 164 VAL B O   1 
ATOM   1357 C CB  . VAL A 1 158 ? -2.865  18.375  -3.938  1.00 20.57 ? 164 VAL B CB  1 
ATOM   1358 C CG1 . VAL A 1 158 ? -2.592  18.956  -5.323  1.00 21.52 ? 164 VAL B CG1 1 
ATOM   1359 C CG2 . VAL A 1 158 ? -3.622  19.391  -3.103  1.00 22.59 ? 164 VAL B CG2 1 
ATOM   1360 N N   . PHE A 1 159 ? -3.843  15.073  -5.506  1.00 13.87 ? 165 PHE B N   1 
ATOM   1361 C CA  . PHE A 1 159 ? -3.373  13.857  -6.203  1.00 14.45 ? 165 PHE B CA  1 
ATOM   1362 C C   . PHE A 1 159 ? -2.443  14.252  -7.352  1.00 18.04 ? 165 PHE B C   1 
ATOM   1363 O O   . PHE A 1 159 ? -1.351  13.683  -7.479  1.00 16.83 ? 165 PHE B O   1 
ATOM   1364 C CB  . PHE A 1 159 ? -4.537  12.967  -6.601  1.00 14.84 ? 165 PHE B CB  1 
ATOM   1365 C CG  . PHE A 1 159 ? -5.356  12.411  -5.463  1.00 14.27 ? 165 PHE B CG  1 
ATOM   1366 C CD1 . PHE A 1 159 ? -4.737  11.863  -4.337  1.00 13.74 ? 165 PHE B CD1 1 
ATOM   1367 C CD2 . PHE A 1 159 ? -6.733  12.504  -5.481  1.00 16.01 ? 165 PHE B CD2 1 
ATOM   1368 C CE1 . PHE A 1 159 ? -5.517  11.338  -3.313  1.00 13.81 ? 165 PHE B CE1 1 
ATOM   1369 C CE2 . PHE A 1 159 ? -7.503  11.976  -4.459  1.00 15.95 ? 165 PHE B CE2 1 
ATOM   1370 C CZ  . PHE A 1 159 ? -6.887  11.409  -3.366  1.00 14.26 ? 165 PHE B CZ  1 
ATOM   1371 N N   . ALA A 1 160 ? -2.850  15.232  -8.157  1.00 15.03 ? 166 ALA B N   1 
ATOM   1372 C CA  . ALA A 1 160 ? -1.987  15.814  -9.213  1.00 16.24 ? 166 ALA B CA  1 
ATOM   1373 C C   . ALA A 1 160 ? -1.623  14.800  -10.303 1.00 15.13 ? 166 ALA B C   1 
ATOM   1374 O O   . ALA A 1 160 ? -0.571  14.987  -10.993 1.00 17.24 ? 166 ALA B O   1 
ATOM   1375 C CB  . ALA A 1 160 ? -0.796  16.490  -8.608  1.00 16.21 ? 166 ALA B CB  1 
ATOM   1376 N N   . GLY A 1 161 ? -2.435  13.786  -10.532 1.00 16.26 ? 167 GLY B N   1 
ATOM   1377 C CA  . GLY A 1 161 ? -2.243  12.749  -11.550 1.00 17.15 ? 167 GLY B CA  1 
ATOM   1378 C C   . GLY A 1 161 ? -2.993  11.474  -11.252 1.00 15.59 ? 167 GLY B C   1 
ATOM   1379 O O   . GLY A 1 161 ? -3.735  11.393  -10.253 1.00 15.82 ? 167 GLY B O   1 
ATOM   1380 N N   . PRO A 1 162 ? -2.867  10.492  -12.145 1.00 15.16 ? 168 PRO B N   1 
ATOM   1381 C CA  . PRO A 1 162 ? -3.474  9.199   -11.913 1.00 13.88 ? 168 PRO B CA  1 
ATOM   1382 C C   . PRO A 1 162 ? -2.864  8.567   -10.647 1.00 14.16 ? 168 PRO B C   1 
ATOM   1383 O O   . PRO A 1 162 ? -1.712  8.807   -10.333 1.00 14.41 ? 168 PRO B O   1 
ATOM   1384 C CB  . PRO A 1 162 ? -3.162  8.367   -13.149 1.00 14.70 ? 168 PRO B CB  1 
ATOM   1385 C CG  . PRO A 1 162 ? -2.655  9.399   -14.169 1.00 14.71 ? 168 PRO B CG  1 
ATOM   1386 C CD  . PRO A 1 162 ? -2.085  10.538  -13.391 1.00 15.15 ? 168 PRO B CD  1 
ATOM   1387 N N   . LEU A 1 163 ? -3.697  7.801   -9.973  1.00 13.72 ? 169 LEU B N   1 
ATOM   1388 C CA  . LEU A 1 163 ? -3.288  7.101   -8.713  1.00 13.10 ? 169 LEU B CA  1 
ATOM   1389 C C   . LEU A 1 163 ? -3.140  5.614   -8.999  1.00 14.66 ? 169 LEU B C   1 
ATOM   1390 O O   . LEU A 1 163 ? -3.906  5.030   -9.783  1.00 14.82 ? 169 LEU B O   1 
ATOM   1391 C CB  . LEU A 1 163 ? -4.336  7.289   -7.625  1.00 13.56 ? 169 LEU B CB  1 
ATOM   1392 C CG  . LEU A 1 163 ? -4.454  8.691   -7.033  1.00 13.72 ? 169 LEU B CG  1 
ATOM   1393 C CD1 . LEU A 1 163 ? -5.600  8.743   -6.067  1.00 14.65 ? 169 LEU B CD1 1 
ATOM   1394 C CD2 . LEU A 1 163 ? -3.141  9.151   -6.414  1.00 14.57 ? 169 LEU B CD2 1 
ATOM   1395 N N   . ARG A 1 164 ? -2.220  4.977   -8.276  1.00 12.82 ? 170 ARG B N   1 
ATOM   1396 C CA  . ARG A 1 164 ? -2.029  3.518   -8.290  1.00 12.69 ? 170 ARG B CA  1 
ATOM   1397 C C   . ARG A 1 164 ? -2.058  2.963   -6.869  1.00 11.25 ? 170 ARG B C   1 
ATOM   1398 O O   . ARG A 1 164 ? -1.526  3.590   -5.952  1.00 11.71 ? 170 ARG B O   1 
ATOM   1399 C CB  . ARG A 1 164 ? -0.717  3.164   -8.994  1.00 13.86 ? 170 ARG B CB  1 
ATOM   1400 C CG  . ARG A 1 164 ? -0.786  3.620   -10.463 1.00 16.61 ? 170 ARG B CG  1 
ATOM   1401 C CD  . ARG A 1 164 ? 0.398   3.255   -11.280 1.00 20.29 ? 170 ARG B CD  1 
ATOM   1402 N NE  . ARG A 1 164 ? 0.416   1.825   -11.437 1.00 18.77 ? 170 ARG B NE  1 
ATOM   1403 C CZ  . ARG A 1 164 ? 1.326   1.206   -12.146 1.00 19.42 ? 170 ARG B CZ  1 
ATOM   1404 N NH1 . ARG A 1 164 ? 2.205   1.930   -12.810 1.00 18.41 ? 170 ARG B NH1 1 
ATOM   1405 N NH2 . ARG A 1 164 ? 1.335   -0.114  -12.203 1.00 18.43 ? 170 ARG B NH2 1 
ATOM   1406 N N   . PRO A 1 165 ? -2.680  1.791   -6.635  1.00 11.13 ? 171 PRO B N   1 
ATOM   1407 C CA  . PRO A 1 165 ? -2.521  1.092   -5.357  1.00 11.75 ? 171 PRO B CA  1 
ATOM   1408 C C   . PRO A 1 165 ? -1.027  0.915   -5.072  1.00 11.54 ? 171 PRO B C   1 
ATOM   1409 O O   . PRO A 1 165 ? -0.240  0.602   -5.948  1.00 11.26 ? 171 PRO B O   1 
ATOM   1410 C CB  . PRO A 1 165 ? -3.238  -0.247  -5.563  1.00 11.90 ? 171 PRO B CB  1 
ATOM   1411 C CG  . PRO A 1 165 ? -4.222  0.057   -6.692  1.00 12.78 ? 171 PRO B CG  1 
ATOM   1412 C CD  . PRO A 1 165 ? -3.445  0.979   -7.597  1.00 13.53 ? 171 PRO B CD  1 
ATOM   1413 N N   . PHE A 1 166 ? -0.633  1.101   -3.802  1.00 10.41 ? 172 PHE B N   1 
ATOM   1414 C CA  . PHE A 1 166 ? 0.780   1.070   -3.354  1.00 11.27 ? 172 PHE B CA  1 
ATOM   1415 C C   . PHE A 1 166 ? 0.943   0.067   -2.192  1.00 9.95  ? 172 PHE B C   1 
ATOM   1416 O O   . PHE A 1 166 ? 0.111   0.016   -1.264  1.00 10.25 ? 172 PHE B O   1 
ATOM   1417 C CB  . PHE A 1 166 ? 1.187   2.455   -2.872  1.00 10.98 ? 172 PHE B CB  1 
ATOM   1418 C CG  . PHE A 1 166 ? 2.574   2.481   -2.247  1.00 11.08 ? 172 PHE B CG  1 
ATOM   1419 C CD1 . PHE A 1 166 ? 3.713   2.453   -3.054  1.00 12.18 ? 172 PHE B CD1 1 
ATOM   1420 C CD2 . PHE A 1 166 ? 2.738   2.414   -0.861  1.00 11.59 ? 172 PHE B CD2 1 
ATOM   1421 C CE1 . PHE A 1 166 ? 4.979   2.468   -2.464  1.00 12.58 ? 172 PHE B CE1 1 
ATOM   1422 C CE2 . PHE A 1 166 ? 4.000   2.416   -0.287  1.00 11.49 ? 172 PHE B CE2 1 
ATOM   1423 C CZ  . PHE A 1 166 ? 5.112   2.416   -1.090  1.00 11.94 ? 172 PHE B CZ  1 
ATOM   1424 N N   . PHE A 1 167 ? 2.029   -0.721  -2.248  1.00 10.51 ? 173 PHE B N   1 
ATOM   1425 C CA  . PHE A 1 167 ? 2.306   -1.804  -1.275  1.00 10.42 ? 173 PHE B CA  1 
ATOM   1426 C C   . PHE A 1 167 ? 3.792   -1.787  -0.905  1.00 10.91 ? 173 PHE B C   1 
ATOM   1427 O O   . PHE A 1 167 ? 4.635   -1.695  -1.844  1.00 11.15 ? 173 PHE B O   1 
ATOM   1428 C CB  . PHE A 1 167 ? 1.966   -3.182  -1.866  1.00 10.58 ? 173 PHE B CB  1 
ATOM   1429 C CG  . PHE A 1 167 ? 0.554   -3.273  -2.404  1.00 10.69 ? 173 PHE B CG  1 
ATOM   1430 C CD1 . PHE A 1 167 ? 0.277   -2.866  -3.700  1.00 11.18 ? 173 PHE B CD1 1 
ATOM   1431 C CD2 . PHE A 1 167 ? -0.513  -3.697  -1.610  1.00 12.34 ? 173 PHE B CD2 1 
ATOM   1432 C CE1 . PHE A 1 167 ? -1.016  -2.886  -4.216  1.00 11.32 ? 173 PHE B CE1 1 
ATOM   1433 C CE2 . PHE A 1 167 ? -1.785  -3.801  -2.147  1.00 12.66 ? 173 PHE B CE2 1 
ATOM   1434 C CZ  . PHE A 1 167 ? -2.038  -3.358  -3.429  1.00 12.07 ? 173 PHE B CZ  1 
ATOM   1435 N N   . ASN A 1 168 ? 4.120   -2.029  0.347   1.00 11.35 ? 174 ASN B N   1 
ATOM   1436 C CA  . ASN A 1 168 ? 5.504   -2.319  0.784   1.00 10.85 ? 174 ASN B CA  1 
ATOM   1437 C C   . ASN A 1 168 ? 5.393   -3.511  1.733   1.00 11.03 ? 174 ASN B C   1 
ATOM   1438 O O   . ASN A 1 168 ? 4.748   -3.385  2.768   1.00 11.87 ? 174 ASN B O   1 
ATOM   1439 C CB  . ASN A 1 168 ? 6.161   -1.115  1.452   1.00 10.97 ? 174 ASN B CB  1 
ATOM   1440 C CG  . ASN A 1 168 ? 7.610   -1.358  1.823   1.00 12.51 ? 174 ASN B CG  1 
ATOM   1441 O OD1 . ASN A 1 168 ? 8.139   -2.438  1.626   1.00 13.36 ? 174 ASN B OD1 1 
ATOM   1442 N ND2 . ASN A 1 168 ? 8.249   -0.318  2.308   1.00 14.22 ? 174 ASN B ND2 1 
ATOM   1443 N N   . VAL A 1 169 ? 6.019   -4.642  1.364   1.00 10.85 ? 175 VAL B N   1 
ATOM   1444 C CA  . VAL A 1 169 ? 5.965   -5.862  2.223   1.00 10.87 ? 175 VAL B CA  1 
ATOM   1445 C C   . VAL A 1 169 ? 6.915   -5.706  3.424   1.00 11.72 ? 175 VAL B C   1 
ATOM   1446 O O   . VAL A 1 169 ? 6.871   -6.568  4.335   1.00 12.42 ? 175 VAL B O   1 
ATOM   1447 C CB  . VAL A 1 169 ? 6.235   -7.166  1.442   1.00 12.62 ? 175 VAL B CB  1 
ATOM   1448 C CG1 . VAL A 1 169 ? 5.179   -7.423  0.410   1.00 14.01 ? 175 VAL B CG1 1 
ATOM   1449 C CG2 . VAL A 1 169 ? 7.630   -7.186  0.834   1.00 13.43 ? 175 VAL B CG2 1 
ATOM   1450 N N   . GLY A 1 170 ? 7.839   -4.749  3.330   1.00 12.48 ? 176 GLY B N   1 
ATOM   1451 C CA  . GLY A 1 170 ? 8.849   -4.546  4.385   1.00 14.20 ? 176 GLY B CA  1 
ATOM   1452 C C   . GLY A 1 170 ? 10.011  -5.514  4.261   1.00 13.31 ? 176 GLY B C   1 
ATOM   1453 O O   . GLY A 1 170 ? 9.926   -6.541  3.587   1.00 12.28 ? 176 GLY B O   1 
ATOM   1454 N N   . PHE A 1 171 ? 11.118  -5.147  4.897   1.00 14.35 ? 177 PHE B N   1 
ATOM   1455 C CA  . PHE A 1 171 ? 12.307  -6.026  4.979   1.00 13.26 ? 177 PHE B CA  1 
ATOM   1456 C C   . PHE A 1 171 ? 12.002  -7.162  5.942   1.00 12.74 ? 177 PHE B C   1 
ATOM   1457 O O   . PHE A 1 171 ? 11.031  -7.149  6.700   1.00 12.37 ? 177 PHE B O   1 
ATOM   1458 C CB  . PHE A 1 171 ? 13.565  -5.237  5.364   1.00 13.80 ? 177 PHE B CB  1 
ATOM   1459 C CG  . PHE A 1 171 ? 14.043  -4.283  4.304   1.00 14.95 ? 177 PHE B CG  1 
ATOM   1460 C CD1 . PHE A 1 171 ? 14.796  -4.735  3.230   1.00 16.45 ? 177 PHE B CD1 1 
ATOM   1461 C CD2 . PHE A 1 171 ? 13.769  -2.933  4.395   1.00 16.22 ? 177 PHE B CD2 1 
ATOM   1462 C CE1 . PHE A 1 171 ? 15.211  -3.845  2.235   1.00 16.94 ? 177 PHE B CE1 1 
ATOM   1463 C CE2 . PHE A 1 171 ? 14.205  -2.061  3.407   1.00 17.37 ? 177 PHE B CE2 1 
ATOM   1464 C CZ  . PHE A 1 171 ? 14.965  -2.511  2.380   1.00 16.53 ? 177 PHE B CZ  1 
ATOM   1465 N N   . ASN A 1 172 ? 12.879  -8.150  5.915   1.00 13.01 ? 178 ASN B N   1 
ATOM   1466 C CA  . ASN A 1 172 ? 12.769  -9.292  6.858   1.00 12.07 ? 178 ASN B CA  1 
ATOM   1467 C C   . ASN A 1 172 ? 14.156  -9.541  7.466   1.00 12.85 ? 178 ASN B C   1 
ATOM   1468 O O   . ASN A 1 172 ? 14.621  -10.716 7.495   1.00 14.88 ? 178 ASN B O   1 
ATOM   1469 C CB  . ASN A 1 172 ? 12.213  -10.518 6.167   1.00 13.56 ? 178 ASN B CB  1 
ATOM   1470 C CG  . ASN A 1 172 ? 11.949  -11.679 7.083   1.00 13.87 ? 178 ASN B CG  1 
ATOM   1471 O OD1 . ASN A 1 172 ? 11.630  -11.490 8.245   1.00 13.80 ? 178 ASN B OD1 1 
ATOM   1472 N ND2 . ASN A 1 172 ? 12.026  -12.888 6.529   1.00 15.53 ? 178 ASN B ND2 1 
ATOM   1473 N N   . TYR A 1 173 ? 14.719  -8.540  8.089   1.00 14.14 ? 179 TYR B N   1 
ATOM   1474 C CA  . TYR A 1 173 ? 15.984  -8.695  8.858   1.00 13.99 ? 179 TYR B CA  1 
ATOM   1475 C C   . TYR A 1 173 ? 15.759  -9.615  10.059  1.00 15.02 ? 179 TYR B C   1 
ATOM   1476 O O   . TYR A 1 173 ? 16.740  -10.293 10.520  1.00 16.51 ? 179 TYR B O   1 
ATOM   1477 C CB  . TYR A 1 173 ? 16.498  -7.326  9.317   1.00 14.01 ? 179 TYR B CB  1 
ATOM   1478 C CG  . TYR A 1 173 ? 16.969  -6.415  8.213   1.00 16.68 ? 179 TYR B CG  1 
ATOM   1479 C CD1 . TYR A 1 173 ? 18.159  -6.658  7.543   1.00 21.20 ? 179 TYR B CD1 1 
ATOM   1480 C CD2 . TYR A 1 173 ? 16.229  -5.293  7.879   1.00 19.67 ? 179 TYR B CD2 1 
ATOM   1481 C CE1 . TYR A 1 173 ? 18.586  -5.841  6.504   1.00 22.73 ? 179 TYR B CE1 1 
ATOM   1482 C CE2 . TYR A 1 173 ? 16.644  -4.469  6.834   1.00 20.93 ? 179 TYR B CE2 1 
ATOM   1483 C CZ  . TYR A 1 173 ? 17.813  -4.746  6.159   1.00 23.06 ? 179 TYR B CZ  1 
ATOM   1484 O OH  . TYR A 1 173 ? 18.225  -3.887  5.169   1.00 29.63 ? 179 TYR B OH  1 
ATOM   1485 N N   . SER A 1 174 ? 14.584  -9.575  10.686  1.00 14.02 ? 180 SER B N   1 
ATOM   1486 C CA  . SER A 1 174 ? 14.276  -10.250 11.974  1.00 14.55 ? 180 SER B CA  1 
ATOM   1487 C C   . SER A 1 174 ? 13.943  -11.728 11.765  1.00 15.21 ? 180 SER B C   1 
ATOM   1488 O O   . SER A 1 174 ? 13.931  -12.478 12.775  1.00 16.28 ? 180 SER B O   1 
ATOM   1489 C CB  . SER A 1 174 ? 13.095  -9.604  12.674  1.00 15.18 ? 180 SER B CB  1 
ATOM   1490 O OG  . SER A 1 174 ? 11.921  -9.752  11.839  1.00 15.60 ? 180 SER B OG  1 
ATOM   1491 N N   . GLY A 1 175 ? 13.586  -12.148 10.555  1.00 14.11 ? 181 GLY B N   1 
ATOM   1492 C CA  . GLY A 1 175 ? 13.019  -13.486 10.329  1.00 14.97 ? 181 GLY B CA  1 
ATOM   1493 C C   . GLY A 1 175 ? 11.590  -13.592 10.800  1.00 15.24 ? 181 GLY B C   1 
ATOM   1494 O O   . GLY A 1 175 ? 11.043  -14.685 10.743  1.00 18.73 ? 181 GLY B O   1 
ATOM   1495 N N   . GLY A 1 176 ? 10.977  -12.484 11.242  1.00 13.57 ? 182 GLY B N   1 
ATOM   1496 C CA  . GLY A 1 176 ? 9.585   -12.500 11.691  1.00 14.18 ? 182 GLY B CA  1 
ATOM   1497 C C   . GLY A 1 176 ? 8.642   -11.789 10.709  1.00 15.03 ? 182 GLY B C   1 
ATOM   1498 O O   . GLY A 1 176 ? 7.434   -11.691 11.074  1.00 16.87 ? 182 GLY B O   1 
ATOM   1499 N N   . ASN A 1 177 ? 9.139   -11.325 9.572   1.00 13.01 ? 183 ASN B N   1 
ATOM   1500 C CA  . ASN A 1 177 ? 8.292   -10.560 8.633   1.00 12.53 ? 183 ASN B CA  1 
ATOM   1501 C C   . ASN A 1 177 ? 8.209   -11.197 7.231   1.00 13.36 ? 183 ASN B C   1 
ATOM   1502 O O   . ASN A 1 177 ? 7.998   -10.462 6.247   1.00 14.09 ? 183 ASN B O   1 
ATOM   1503 C CB  . ASN A 1 177 ? 8.765   -9.118  8.545   1.00 12.86 ? 183 ASN B CB  1 
ATOM   1504 C CG  . ASN A 1 177 ? 7.713   -8.212  7.928   1.00 13.00 ? 183 ASN B CG  1 
ATOM   1505 O OD1 . ASN A 1 177 ? 6.534   -8.361  8.245   1.00 12.98 ? 183 ASN B OD1 1 
ATOM   1506 N ND2 . ASN A 1 177 ? 8.160   -7.248  7.134   1.00 12.51 ? 183 ASN B ND2 1 
ATOM   1507 N N   . ALA A 1 178 ? 8.275   -12.516 7.124   1.00 14.04 ? 184 ALA B N   1 
ATOM   1508 C CA  . ALA A 1 178 ? 8.253   -13.194 5.813   1.00 15.12 ? 184 ALA B CA  1 
ATOM   1509 C C   . ALA A 1 178 ? 6.842   -13.248 5.224   1.00 14.18 ? 184 ALA B C   1 
ATOM   1510 O O   . ALA A 1 178 ? 6.754   -13.470 4.000   1.00 16.27 ? 184 ALA B O   1 
ATOM   1511 C CB  . ALA A 1 178 ? 8.828   -14.608 5.930   1.00 15.76 ? 184 ALA B CB  1 
ATOM   1512 N N   . ALA A 1 179 ? 5.807   -13.084 6.046   1.00 14.61 ? 185 ALA B N   1 
ATOM   1513 C CA  . ALA A 1 179 ? 4.430   -13.333 5.559   1.00 14.37 ? 185 ALA B CA  1 
ATOM   1514 C C   . ALA A 1 179 ? 4.067   -12.372 4.427   1.00 14.37 ? 185 ALA B C   1 
ATOM   1515 O O   . ALA A 1 179 ? 4.578   -11.256 4.334   1.00 13.93 ? 185 ALA B O   1 
ATOM   1516 C CB  . ALA A 1 179 ? 3.432   -13.206 6.646   1.00 13.78 ? 185 ALA B CB  1 
ATOM   1517 N N   . PRO A 1 180 ? 3.199   -12.807 3.487   1.00 13.79 ? 186 PRO B N   1 
ATOM   1518 C CA  . PRO A 1 180 ? 2.819   -11.976 2.346   1.00 12.73 ? 186 PRO B CA  1 
ATOM   1519 C C   . PRO A 1 180 ? 1.801   -10.869 2.713   1.00 12.39 ? 186 PRO B C   1 
ATOM   1520 O O   . PRO A 1 180 ? 1.129   -10.963 3.725   1.00 13.85 ? 186 PRO B O   1 
ATOM   1521 C CB  . PRO A 1 180 ? 2.139   -12.988 1.418   1.00 14.47 ? 186 PRO B CB  1 
ATOM   1522 C CG  . PRO A 1 180 ? 1.553   -14.023 2.320   1.00 15.50 ? 186 PRO B CG  1 
ATOM   1523 C CD  . PRO A 1 180 ? 2.568   -14.140 3.459   1.00 16.25 ? 186 PRO B CD  1 
ATOM   1524 N N   . LEU A 1 181 ? 1.697   -9.872  1.838   1.00 12.25 ? 187 LEU B N   1 
ATOM   1525 C CA  . LEU A 1 181 ? 0.478   -9.055  1.679   1.00 12.13 ? 187 LEU B CA  1 
ATOM   1526 C C   . LEU A 1 181 ? -0.441  -9.797  0.699   1.00 13.10 ? 187 LEU B C   1 
ATOM   1527 O O   . LEU A 1 181 ? 0.059   -10.249 -0.366  1.00 14.68 ? 187 LEU B O   1 
ATOM   1528 C CB  . LEU A 1 181 ? 0.870   -7.678  1.167   1.00 12.77 ? 187 LEU B CB  1 
ATOM   1529 C CG  . LEU A 1 181 ? 1.670   -6.787  2.131   1.00 13.64 ? 187 LEU B CG  1 
ATOM   1530 C CD1 . LEU A 1 181 ? 2.066   -5.482  1.467   1.00 14.34 ? 187 LEU B CD1 1 
ATOM   1531 C CD2 . LEU A 1 181 ? 0.881   -6.487  3.389   1.00 15.69 ? 187 LEU B CD2 1 
ATOM   1532 N N   . LYS A 1 182 ? -1.738  -9.852  0.999   1.00 13.19 ? 188 LYS B N   1 
ATOM   1533 C CA  . LYS A 1 182 ? -2.701  -10.528 0.085   1.00 13.71 ? 188 LYS B CA  1 
ATOM   1534 C C   . LYS A 1 182 ? -3.870  -9.614  -0.175  1.00 14.26 ? 188 LYS B C   1 
ATOM   1535 O O   . LYS A 1 182 ? -4.494  -9.147  0.810   1.00 14.25 ? 188 LYS B O   1 
ATOM   1536 C CB  . LYS A 1 182 ? -3.237  -11.826 0.691   1.00 15.79 ? 188 LYS B CB  1 
ATOM   1537 C CG  . LYS A 1 182 ? -2.214  -12.814 1.193   1.00 19.70 ? 188 LYS B CG  1 
ATOM   1538 C CD  . LYS A 1 182 ? -2.853  -14.129 1.630   1.00 23.10 ? 188 LYS B CD  1 
ATOM   1539 C CE  . LYS A 1 182 ? -1.905  -15.063 2.336   1.00 27.77 ? 188 LYS B CE  1 
ATOM   1540 N NZ  . LYS A 1 182 ? -2.641  -16.226 2.898   1.00 32.04 ? 188 LYS B NZ  1 
ATOM   1541 N N   . LEU A 1 183 ? -4.251  -9.467  -1.417  1.00 14.87 ? 189 LEU B N   1 
ATOM   1542 C CA  . LEU A 1 183 ? -5.515  -8.769  -1.771  1.00 15.53 ? 189 LEU B CA  1 
ATOM   1543 C C   . LEU A 1 183 ? -6.683  -9.704  -1.458  1.00 16.09 ? 189 LEU B C   1 
ATOM   1544 O O   . LEU A 1 183 ? -6.712  -10.832 -2.009  1.00 20.01 ? 189 LEU B O   1 
ATOM   1545 C CB  . LEU A 1 183 ? -5.452  -8.322  -3.229  1.00 16.22 ? 189 LEU B CB  1 
ATOM   1546 C CG  . LEU A 1 183 ? -4.567  -7.083  -3.395  1.00 17.29 ? 189 LEU B CG  1 
ATOM   1547 C CD1 . LEU A 1 183 ? -3.905  -6.936  -4.742  1.00 22.62 ? 189 LEU B CD1 1 
ATOM   1548 C CD2 . LEU A 1 183 ? -5.333  -5.821  -2.986  1.00 16.13 ? 189 LEU B CD2 1 
ATOM   1549 N N   . CYS A 1 184 ? -7.584  -9.270  -0.582  1.00 16.39 ? 190 CYS B N   1 
ATOM   1550 C CA  . CYS A 1 184 ? -8.733  -10.113 -0.121  1.00 19.02 ? 190 CYS B CA  1 
ATOM   1551 C C   . CYS A 1 184 ? -9.843  -10.127 -1.146  1.00 21.23 ? 190 CYS B C   1 
ATOM   1552 O O   . CYS A 1 184 ? -10.135 -9.134  -1.797  1.00 20.39 ? 190 CYS B O   1 
ATOM   1553 C CB  . CYS A 1 184 ? -9.387  -9.521  1.105   1.00 20.08 ? 190 CYS B CB  1 
ATOM   1554 S SG  . CYS A 1 184 ? -8.226  -9.111  2.405   1.00 23.08 ? 190 CYS B SG  1 
ATOM   1555 N N   . PRO A 1 185 ? -10.563 -11.258 -1.254  1.00 25.82 ? 191 PRO B N   1 
ATOM   1556 C CA  . PRO A 1 185 ? -11.699 -11.340 -2.145  1.00 29.72 ? 191 PRO B CA  1 
ATOM   1557 C C   . PRO A 1 185 ? -12.821 -10.408 -1.685  1.00 29.97 ? 191 PRO B C   1 
ATOM   1558 O O   . PRO A 1 185 ? -12.952 -10.179 -0.477  1.00 29.74 ? 191 PRO B O   1 
ATOM   1559 C CB  . PRO A 1 185 ? -12.078 -12.833 -2.071  1.00 30.36 ? 191 PRO B CB  1 
ATOM   1560 C CG  . PRO A 1 185 ? -11.551 -13.314 -0.755  1.00 30.88 ? 191 PRO B CG  1 
ATOM   1561 C CD  . PRO A 1 185 ? -10.285 -12.517 -0.548  1.00 28.34 ? 191 PRO B CD  1 
ATOM   1562 N N   . LEU A 1 186 ? -13.509 -9.868  -2.694  1.00 33.79 ? 192 LEU B N   1 
ATOM   1563 C CA  . LEU A 1 186 ? -14.804 -9.145  -2.688  1.00 39.55 ? 192 LEU B CA  1 
ATOM   1564 C C   . LEU A 1 186 ? -15.903 -10.007 -2.061  1.00 43.00 ? 192 LEU B C   1 
ATOM   1565 O O   . LEU A 1 186 ? -16.852 -9.404  -1.531  1.00 46.56 ? 192 LEU B O   1 
ATOM   1566 C CB  . LEU A 1 186 ? -15.160 -8.828  -4.146  1.00 40.64 ? 192 LEU B CB  1 
HETATM 1567 C C1  . EDO B 2 .   ? 16.175  -8.370  4.635   1.00 27.98 ? 201 EDO B C1  1 
HETATM 1568 O O1  . EDO B 2 .   ? 14.903  -8.558  4.045   1.00 21.95 ? 201 EDO B O1  1 
HETATM 1569 C C2  . EDO B 2 .   ? 17.224  -7.668  3.845   1.00 36.34 ? 201 EDO B C2  1 
HETATM 1570 O O2  . EDO B 2 .   ? 17.491  -8.292  2.604   1.00 42.52 ? 201 EDO B O2  1 
HETATM 1571 O OAB . SFY C 3 .   ? 12.086  0.190   5.383   0.47 25.45 ? 202 SFY B OAB 1 
HETATM 1572 S SAQ . SFY C 3 .   ? 11.220  0.724   4.377   0.47 24.25 ? 202 SFY B SAQ 1 
HETATM 1573 O OAC . SFY C 3 .   ? 11.118  0.067   3.112   0.47 24.20 ? 202 SFY B OAC 1 
HETATM 1574 C CAP . SFY C 3 .   ? 11.685  2.400   4.109   0.47 25.26 ? 202 SFY B CAP 1 
HETATM 1575 C CAJ . SFY C 3 .   ? 12.802  2.928   4.752   0.47 24.92 ? 202 SFY B CAJ 1 
HETATM 1576 C CAH . SFY C 3 .   ? 13.154  4.247   4.543   0.47 24.48 ? 202 SFY B CAH 1 
HETATM 1577 C CAN . SFY C 3 .   ? 12.410  5.059   3.678   0.47 25.13 ? 202 SFY B CAN 1 
HETATM 1578 N NAA . SFY C 3 .   ? 12.760  6.374   3.473   0.47 25.36 ? 202 SFY B NAA 1 
HETATM 1579 C CAI . SFY C 3 .   ? 11.283  4.515   3.049   0.47 25.34 ? 202 SFY B CAI 1 
HETATM 1580 C CAK . SFY C 3 .   ? 10.924  3.199   3.265   0.47 24.61 ? 202 SFY B CAK 1 
HETATM 1581 N NAM . SFY C 3 .   ? 9.732   0.735   5.037   0.47 25.22 ? 202 SFY B NAM 1 
HETATM 1582 C CAO . SFY C 3 .   ? 9.387   1.530   6.069   0.47 24.35 ? 202 SFY B CAO 1 
HETATM 1583 C CAG . SFY C 3 .   ? 8.055   1.758   6.340   0.47 23.28 ? 202 SFY B CAG 1 
HETATM 1584 C CAE . SFY C 3 .   ? 7.728   2.576   7.393   0.47 23.35 ? 202 SFY B CAE 1 
HETATM 1585 C CAD . SFY C 3 .   ? 8.725   3.128   8.167   0.47 24.72 ? 202 SFY B CAD 1 
HETATM 1586 C CAF . SFY C 3 .   ? 10.027  2.823   7.850   0.47 24.80 ? 202 SFY B CAF 1 
HETATM 1587 N NAL . SFY C 3 .   ? 10.373  2.034   6.819   0.47 24.75 ? 202 SFY B NAL 1 
HETATM 1588 C C1  . EDO D 2 .   ? 24.286  4.910   -2.956  1.00 45.48 ? 203 EDO B C1  1 
HETATM 1589 O O1  . EDO D 2 .   ? 22.915  4.853   -3.299  1.00 37.26 ? 203 EDO B O1  1 
HETATM 1590 C C2  . EDO D 2 .   ? 24.519  5.434   -1.590  1.00 42.68 ? 203 EDO B C2  1 
HETATM 1591 O O2  . EDO D 2 .   ? 24.090  4.559   -0.576  1.00 50.00 ? 203 EDO B O2  1 
HETATM 1592 S S   . SO4 E 4 .   ? 12.685  13.105  1.071   1.00 41.39 ? 204 SO4 B S   1 
HETATM 1593 O O1  . SO4 E 4 .   ? 12.225  12.200  0.062   1.00 25.52 ? 204 SO4 B O1  1 
HETATM 1594 O O2  . SO4 E 4 .   ? 13.774  13.883  0.560   1.00 44.88 ? 204 SO4 B O2  1 
HETATM 1595 O O3  . SO4 E 4 .   ? 11.594  13.985  1.433   1.00 45.85 ? 204 SO4 B O3  1 
HETATM 1596 O O4  . SO4 E 4 .   ? 13.117  12.398  2.259   1.00 41.87 ? 204 SO4 B O4  1 
HETATM 1597 O O   . HOH F 5 .   ? 6.524   3.332   13.999  1.00 33.54 ? 301 HOH B O   1 
HETATM 1598 O O   . HOH F 5 .   ? 2.839   -16.618 6.550   1.00 43.36 ? 302 HOH B O   1 
HETATM 1599 O O   . HOH F 5 .   ? 19.341  -15.063 -6.355  1.00 24.72 ? 303 HOH B O   1 
HETATM 1600 O O   . HOH F 5 .   ? 0.324   17.527  -4.107  1.00 28.34 ? 304 HOH B O   1 
HETATM 1601 O O   . HOH F 5 .   ? -9.575  -9.688  10.561  1.00 29.45 ? 305 HOH B O   1 
HETATM 1602 O O   . HOH F 5 .   ? 5.271   1.866   -13.606 1.00 25.09 ? 306 HOH B O   1 
HETATM 1603 O O   . HOH F 5 .   ? 7.012   -11.960 -9.350  1.00 20.46 ? 307 HOH B O   1 
HETATM 1604 O O   . HOH F 5 .   ? 4.775   -17.210 8.392   1.00 27.70 ? 308 HOH B O   1 
HETATM 1605 O O   . HOH F 5 .   ? -15.987 8.618   -11.823 1.00 47.74 ? 309 HOH B O   1 
HETATM 1606 O O   . HOH F 5 .   ? -11.576 13.288  -11.845 1.00 16.83 ? 310 HOH B O   1 
HETATM 1607 O O   . HOH F 5 .   ? 15.784  -19.285 2.317   1.00 36.94 ? 311 HOH B O   1 
HETATM 1608 O O   . HOH F 5 .   ? -15.261 -5.783  4.701   1.00 33.32 ? 312 HOH B O   1 
HETATM 1609 O O   . HOH F 5 .   ? 6.951   -11.015 15.567  1.00 30.62 ? 313 HOH B O   1 
HETATM 1610 O O   . HOH F 5 .   ? 9.327   7.996   -4.599  1.00 34.64 ? 314 HOH B O   1 
HETATM 1611 O O   . HOH F 5 .   ? 8.636   -14.325 2.457   1.00 22.42 ? 315 HOH B O   1 
HETATM 1612 O O   . HOH F 5 .   ? 20.490  5.315   -2.536  1.00 21.77 ? 316 HOH B O   1 
HETATM 1613 O O   . HOH F 5 .   ? -5.403  11.753  -14.439 1.00 17.76 ? 317 HOH B O   1 
HETATM 1614 O O   . HOH F 5 .   ? -18.027 3.098   -7.646  1.00 41.67 ? 318 HOH B O   1 
HETATM 1615 O O   . HOH F 5 .   ? 5.885   -12.554 12.983  1.00 35.64 ? 319 HOH B O   1 
HETATM 1616 O O   . HOH F 5 .   ? 10.328  11.856  -4.413  1.00 33.20 ? 320 HOH B O   1 
HETATM 1617 O O   . HOH F 5 .   ? -3.570  19.765  0.885   1.00 39.76 ? 321 HOH B O   1 
HETATM 1618 O O   . HOH F 5 .   ? 18.215  -13.221 2.367   1.00 35.44 ? 322 HOH B O   1 
HETATM 1619 O O   . HOH F 5 .   ? 6.376   10.905  5.981   1.00 24.14 ? 323 HOH B O   1 
HETATM 1620 O O   . HOH F 5 .   ? 12.650  -12.452 15.087  1.00 27.59 ? 324 HOH B O   1 
HETATM 1621 O O   . HOH F 5 .   ? 1.105   -13.993 -13.086 1.00 36.98 ? 325 HOH B O   1 
HETATM 1622 O O   . HOH F 5 .   ? 12.893  5.484   -12.982 1.00 29.22 ? 326 HOH B O   1 
HETATM 1623 O O   . HOH F 5 .   ? 14.547  -14.518 -16.032 1.00 34.76 ? 327 HOH B O   1 
HETATM 1624 O O   . HOH F 5 .   ? 19.024  -10.546 9.178   1.00 31.25 ? 328 HOH B O   1 
HETATM 1625 O O   . HOH F 5 .   ? -1.353  -5.068  11.703  1.00 16.13 ? 329 HOH B O   1 
HETATM 1626 O O   . HOH F 5 .   ? -13.718 8.515   3.940   1.00 27.03 ? 330 HOH B O   1 
HETATM 1627 O O   . HOH F 5 .   ? 1.523   12.127  -12.272 1.00 28.45 ? 331 HOH B O   1 
HETATM 1628 O O   . HOH F 5 .   ? -16.073 10.486  0.095   1.00 31.54 ? 332 HOH B O   1 
HETATM 1629 O O   . HOH F 5 .   ? 5.450   13.340  14.478  1.00 37.72 ? 333 HOH B O   1 
HETATM 1630 O O   . HOH F 5 .   ? -13.264 10.127  7.543   1.00 19.04 ? 334 HOH B O   1 
HETATM 1631 O O   . HOH F 5 .   ? 17.053  0.607   1.478   1.00 36.99 ? 335 HOH B O   1 
HETATM 1632 O O   . HOH F 5 .   ? 8.495   14.531  2.444   1.00 36.94 ? 336 HOH B O   1 
HETATM 1633 O O   . HOH F 5 .   ? -11.072 16.699  0.939   1.00 20.32 ? 337 HOH B O   1 
HETATM 1634 O O   . HOH F 5 .   ? -0.002  -12.610 5.792   1.00 30.34 ? 338 HOH B O   1 
HETATM 1635 O O   . HOH F 5 .   ? 0.565   16.316  -2.049  1.00 29.61 ? 339 HOH B O   1 
HETATM 1636 O O   . HOH F 5 .   ? -10.423 10.874  -15.467 1.00 30.56 ? 340 HOH B O   1 
HETATM 1637 O O   . HOH F 5 .   ? -16.091 10.705  -6.460  1.00 33.22 ? 341 HOH B O   1 
HETATM 1638 O O   . HOH F 5 .   ? 1.977   8.960   2.843   1.00 13.48 ? 342 HOH B O   1 
HETATM 1639 O O   . HOH F 5 .   ? 9.106   -9.143  4.168   1.00 17.23 ? 343 HOH B O   1 
HETATM 1640 O O   . HOH F 5 .   ? -5.738  -13.570 10.178  1.00 30.23 ? 344 HOH B O   1 
HETATM 1641 O O   . HOH F 5 .   ? -6.356  -12.402 -10.415 1.00 32.03 ? 345 HOH B O   1 
HETATM 1642 O O   . HOH F 5 .   ? 6.132   -15.587 -9.235  1.00 25.09 ? 346 HOH B O   1 
HETATM 1643 O O   . HOH F 5 .   ? -17.392 12.913  -3.417  1.00 32.91 ? 347 HOH B O   1 
HETATM 1644 O O   . HOH F 5 .   ? -9.198  -6.592  -2.004  1.00 17.04 ? 348 HOH B O   1 
HETATM 1645 O O   . HOH F 5 .   ? 5.918   -4.445  14.515  1.00 17.56 ? 349 HOH B O   1 
HETATM 1646 O O   . HOH F 5 .   ? -9.301  -6.113  -4.817  1.00 18.70 ? 350 HOH B O   1 
HETATM 1647 O O   . HOH F 5 .   ? -8.314  -12.656 9.783   1.00 33.86 ? 351 HOH B O   1 
HETATM 1648 O O   . HOH F 5 .   ? -16.240 10.563  -10.533 1.00 46.24 ? 352 HOH B O   1 
HETATM 1649 O O   . HOH F 5 .   ? -5.434  -13.239 -2.097  1.00 32.61 ? 353 HOH B O   1 
HETATM 1650 O O   . HOH F 5 .   ? -10.424 18.623  5.431   1.00 29.65 ? 354 HOH B O   1 
HETATM 1651 O O   . HOH F 5 .   ? -15.398 -5.716  9.319   1.00 35.08 ? 355 HOH B O   1 
HETATM 1652 O O   . HOH F 5 .   ? 8.339   7.404   -11.965 1.00 35.31 ? 356 HOH B O   1 
HETATM 1653 O O   . HOH F 5 .   ? -8.473  9.707   -17.218 1.00 29.39 ? 357 HOH B O   1 
HETATM 1654 O O   . HOH F 5 .   ? 8.064   10.934  -5.758  1.00 19.74 ? 358 HOH B O   1 
HETATM 1655 O O   . HOH F 5 .   ? 15.942  -1.709  -9.455  1.00 31.60 ? 359 HOH B O   1 
HETATM 1656 O O   . HOH F 5 .   ? -5.691  9.699   -16.390 1.00 31.72 ? 360 HOH B O   1 
HETATM 1657 O O   . HOH F 5 .   ? 17.768  -7.102  -11.989 1.00 25.31 ? 361 HOH B O   1 
HETATM 1658 O O   . HOH F 5 .   ? -4.888  -15.265 -3.826  1.00 28.96 ? 362 HOH B O   1 
HETATM 1659 O O   . HOH F 5 .   ? 10.295  -9.163  -8.496  1.00 21.29 ? 363 HOH B O   1 
HETATM 1660 O O   . HOH F 5 .   ? -15.342 -7.042  13.067  1.00 39.68 ? 364 HOH B O   1 
HETATM 1661 O O   . HOH F 5 .   ? -13.475 -5.789  17.589  1.00 47.50 ? 365 HOH B O   1 
HETATM 1662 O O   . HOH F 5 .   ? -3.421  14.355  6.550   1.00 18.75 ? 366 HOH B O   1 
HETATM 1663 O O   . HOH F 5 .   ? -12.264 4.662   14.833  1.00 18.65 ? 367 HOH B O   1 
HETATM 1664 O O   . HOH F 5 .   ? 7.637   2.245   17.719  1.00 32.06 ? 368 HOH B O   1 
HETATM 1665 O O   . HOH F 5 .   ? 13.797  3.102   -4.370  1.00 14.61 ? 369 HOH B O   1 
HETATM 1666 O O   . HOH F 5 .   ? 3.136   -8.376  14.143  1.00 47.62 ? 370 HOH B O   1 
HETATM 1667 O O   . HOH F 5 .   ? 14.870  -10.976 2.618   1.00 29.18 ? 371 HOH B O   1 
HETATM 1668 O O   . HOH F 5 .   ? -8.884  2.429   17.560  1.00 34.60 ? 372 HOH B O   1 
HETATM 1669 O O   . HOH F 5 .   ? -5.865  15.662  -10.152 1.00 20.77 ? 373 HOH B O   1 
HETATM 1670 O O   . HOH F 5 .   ? 5.159   13.191  -9.178  1.00 26.50 ? 374 HOH B O   1 
HETATM 1671 O O   . HOH F 5 .   ? 9.400   10.948  -10.839 1.00 39.32 ? 375 HOH B O   1 
HETATM 1672 O O   . HOH F 5 .   ? 10.182  -6.376  14.097  1.00 26.95 ? 376 HOH B O   1 
HETATM 1673 O O   . HOH F 5 .   ? 12.160  -13.241 3.733   1.00 31.54 ? 377 HOH B O   1 
HETATM 1674 O O   . HOH F 5 .   ? 7.119   -10.579 2.770   1.00 14.54 ? 378 HOH B O   1 
HETATM 1675 O O   . HOH F 5 .   ? -9.182  0.668   14.491  1.00 20.63 ? 379 HOH B O   1 
HETATM 1676 O O   . HOH F 5 .   ? -6.033  5.825   14.478  1.00 18.07 ? 380 HOH B O   1 
HETATM 1677 O O   . HOH F 5 .   ? 19.183  8.173   -2.733  1.00 29.30 ? 381 HOH B O   1 
HETATM 1678 O O   . HOH F 5 .   ? 9.253   -3.587  12.828  1.00 23.75 ? 382 HOH B O   1 
HETATM 1679 O O   . HOH F 5 .   ? 6.544   -15.918 11.083  1.00 39.64 ? 383 HOH B O   1 
HETATM 1680 O O   . HOH F 5 .   ? 0.544   -6.739  10.537  1.00 15.46 ? 384 HOH B O   1 
HETATM 1681 O O   . HOH F 5 .   ? 17.920  3.034   0.940   1.00 34.21 ? 385 HOH B O   1 
HETATM 1682 O O   . HOH F 5 .   ? -5.181  16.858  -7.895  1.00 18.12 ? 386 HOH B O   1 
HETATM 1683 O O   . HOH F 5 .   ? -5.798  7.104   -15.254 1.00 26.88 ? 387 HOH B O   1 
HETATM 1684 O O   . HOH F 5 .   ? 12.091  -6.031  -16.490 1.00 24.60 ? 388 HOH B O   1 
HETATM 1685 O O   . HOH F 5 .   ? 16.308  -5.072  -10.920 1.00 31.46 ? 389 HOH B O   1 
HETATM 1686 O O   . HOH F 5 .   ? 3.669   -14.528 -3.506  1.00 24.07 ? 390 HOH B O   1 
HETATM 1687 O O   . HOH F 5 .   ? 11.418  -17.665 -0.624  1.00 43.78 ? 391 HOH B O   1 
HETATM 1688 O O   . HOH F 5 .   ? 19.677  -7.084  -5.654  1.00 24.29 ? 392 HOH B O   1 
HETATM 1689 O O   . HOH F 5 .   ? -2.902  -0.537  -1.413  1.00 14.20 ? 393 HOH B O   1 
HETATM 1690 O O   . HOH F 5 .   ? 5.671   -12.694 9.016   1.00 17.62 ? 394 HOH B O   1 
HETATM 1691 O O   . HOH F 5 .   ? -10.356 6.353   -13.380 1.00 31.10 ? 395 HOH B O   1 
HETATM 1692 O O   . HOH F 5 .   ? 9.014   -8.890  -13.571 1.00 27.18 ? 396 HOH B O   1 
HETATM 1693 O O   . HOH F 5 .   ? 0.156   2.897   17.049  1.00 23.89 ? 397 HOH B O   1 
HETATM 1694 O O   . HOH F 5 .   ? -1.993  15.914  -0.740  1.00 18.61 ? 398 HOH B O   1 
HETATM 1695 O O   . HOH F 5 .   ? -5.919  15.423  6.175   1.00 22.84 ? 399 HOH B O   1 
HETATM 1696 O O   . HOH F 5 .   ? -11.381 8.392   -15.481 1.00 37.92 ? 400 HOH B O   1 
HETATM 1697 O O   . HOH F 5 .   ? -17.123 5.652   -8.624  1.00 29.96 ? 401 HOH B O   1 
HETATM 1698 O O   . HOH F 5 .   ? 8.489   -14.623 9.287   1.00 18.75 ? 402 HOH B O   1 
HETATM 1699 O O   . HOH F 5 .   ? -8.199  3.285   14.697  1.00 18.16 ? 403 HOH B O   1 
HETATM 1700 O O   . HOH F 5 .   ? 24.750  2.378   1.291   1.00 44.75 ? 404 HOH B O   1 
HETATM 1701 O O   . HOH F 5 .   ? -14.911 4.513   13.301  1.00 24.66 ? 405 HOH B O   1 
HETATM 1702 O O   . HOH F 5 .   ? 1.106   -2.960  17.919  1.00 47.47 ? 406 HOH B O   1 
HETATM 1703 O O   . HOH F 5 .   ? 2.463   -15.289 -1.240  1.00 25.54 ? 407 HOH B O   1 
HETATM 1704 O O   . HOH F 5 .   ? -8.592  18.160  -2.233  1.00 35.94 ? 408 HOH B O   1 
HETATM 1705 O O   . HOH F 5 .   ? 12.770  -10.468 -16.355 1.00 38.71 ? 409 HOH B O   1 
HETATM 1706 O O   . HOH F 5 .   ? -16.223 3.268   10.357  1.00 38.48 ? 410 HOH B O   1 
HETATM 1707 O O   . HOH F 5 .   ? 12.533  -15.673 7.550   1.00 22.80 ? 411 HOH B O   1 
HETATM 1708 O O   . HOH F 5 .   ? -12.982 -4.008  -10.512 1.00 36.01 ? 412 HOH B O   1 
HETATM 1709 O O   . HOH F 5 .   ? 1.902   -18.703 -7.587  1.00 34.59 ? 413 HOH B O   1 
HETATM 1710 O O   . HOH F 5 .   ? -9.257  -0.770  16.930  1.00 26.53 ? 414 HOH B O   1 
HETATM 1711 O O   . HOH F 5 .   ? 17.000  -1.149  5.612   1.00 39.78 ? 415 HOH B O   1 
HETATM 1712 O O   . HOH F 5 .   ? 8.083   6.981   -17.769 1.00 38.95 ? 416 HOH B O   1 
HETATM 1713 O O   . HOH F 5 .   ? 19.197  -5.864  -15.986 1.00 26.31 ? 417 HOH B O   1 
HETATM 1714 O O   . HOH F 5 .   ? -6.536  0.872   -15.021 1.00 28.42 ? 418 HOH B O   1 
HETATM 1715 O O   . HOH F 5 .   ? 13.304  -16.828 -2.334  1.00 34.45 ? 419 HOH B O   1 
HETATM 1716 O O   . HOH F 5 .   ? 14.672  -3.670  -7.837  1.00 23.63 ? 420 HOH B O   1 
HETATM 1717 O O   . HOH F 5 .   ? 10.877  -2.965  7.055   1.00 18.03 ? 421 HOH B O   1 
HETATM 1718 O O   . HOH F 5 .   ? -0.132  -6.197  -14.746 1.00 38.52 ? 422 HOH B O   1 
HETATM 1719 O O   . HOH F 5 .   ? 14.243  -17.682 -6.943  1.00 37.31 ? 423 HOH B O   1 
HETATM 1720 O O   . HOH F 5 .   ? -1.778  -17.754 -7.510  1.00 31.20 ? 424 HOH B O   1 
HETATM 1721 O O   . HOH F 5 .   ? -17.096 0.722   12.975  1.00 47.55 ? 425 HOH B O   1 
HETATM 1722 O O   . HOH F 5 .   ? 1.004   -4.909  16.050  1.00 35.41 ? 426 HOH B O   1 
HETATM 1723 O O   . HOH F 5 .   ? 18.654  -1.066  -16.212 1.00 36.37 ? 427 HOH B O   1 
HETATM 1724 O O   . HOH F 5 .   ? -8.266  -13.179 -4.060  1.00 40.75 ? 428 HOH B O   1 
HETATM 1725 O O   . HOH F 5 .   ? 20.939  -11.548 -4.296  0.50 23.60 ? 429 HOH B O   1 
HETATM 1726 O O   . HOH F 5 .   ? 7.450   12.674  -8.082  1.00 34.25 ? 430 HOH B O   1 
HETATM 1727 O O   . HOH F 5 .   ? -15.552 -3.970  7.495   1.00 36.82 ? 431 HOH B O   1 
HETATM 1728 O O   . HOH F 5 .   ? 3.549   -5.492  15.722  1.00 32.11 ? 432 HOH B O   1 
HETATM 1729 O O   . HOH F 5 .   ? -4.130  -17.419 -11.756 1.00 34.10 ? 433 HOH B O   1 
HETATM 1730 O O   . HOH F 5 .   ? -16.901 13.063  -11.876 1.00 32.30 ? 434 HOH B O   1 
HETATM 1731 O O   . HOH F 5 .   ? -2.161  16.968  1.700   1.00 38.07 ? 435 HOH B O   1 
HETATM 1732 O O   . HOH F 5 .   ? 10.431  -16.651 3.607   1.00 35.92 ? 436 HOH B O   1 
HETATM 1733 O O   . HOH F 5 .   ? -6.482  -14.374 -0.050  1.00 39.39 ? 437 HOH B O   1 
HETATM 1734 O O   . HOH F 5 .   ? 15.085  5.671   -13.768 1.00 36.93 ? 438 HOH B O   1 
HETATM 1735 O O   . HOH F 5 .   ? 13.338  -12.779 -17.549 1.00 49.27 ? 439 HOH B O   1 
HETATM 1736 O O   . HOH F 5 .   ? -14.219 11.200  4.940   1.00 30.71 ? 440 HOH B O   1 
HETATM 1737 O O   . HOH F 5 .   ? -1.508  16.310  6.781   1.00 27.05 ? 441 HOH B O   1 
HETATM 1738 O O   . HOH F 5 .   ? -13.265 15.850  2.820   1.00 40.58 ? 442 HOH B O   1 
HETATM 1739 O O   . HOH F 5 .   ? -1.283  20.095  -0.440  1.00 29.48 ? 443 HOH B O   1 
# 
